data_1OFF
# 
_entry.id   1OFF 
# 
_audit_conform.dict_name       mmcif_pdbx.dic 
_audit_conform.dict_version    5.382 
_audit_conform.dict_location   http://mmcif.pdb.org/dictionaries/ascii/mmcif_pdbx.dic 
# 
loop_
_database_2.database_id 
_database_2.database_code 
_database_2.pdbx_database_accession 
_database_2.pdbx_DOI 
PDB   1OFF         pdb_00001off 10.2210/pdb1off/pdb 
PDBE  EBI-12589    ?            ?                   
WWPDB D_1290012589 ?            ?                   
# 
loop_
_pdbx_database_related.db_name 
_pdbx_database_related.db_id 
_pdbx_database_related.content_type 
_pdbx_database_related.details 
PDB 1DOX unspecified 
;MOL_ID: 1; MOLECULE: FERREDOXIN [2FE-2S]; CHAIN: NULL; HETEROGEN: [2FE-2S] CLUSTER; OTHER_DETAILS: PLANT TYPE FERREDOXIN, NO DISULFIDE BOND
;
PDB 1DOY unspecified 
;MOL_ID: 1; MOLECULE: FERREDOXIN [2FE-2S]; CHAIN: NULL; HETEROGEN: [2FE-2S] CLUSTER; OTHER_DETAILS: PLANT TYPE FERREDOXIN, WITH DISULFIDE BOND
;
# 
_pdbx_database_status.status_code                     REL 
_pdbx_database_status.entry_id                        1OFF 
_pdbx_database_status.deposit_site                    PDBE 
_pdbx_database_status.process_site                    PDBE 
_pdbx_database_status.SG_entry                        . 
_pdbx_database_status.recvd_initial_deposition_date   2003-04-14 
_pdbx_database_status.pdb_format_compatible           Y 
_pdbx_database_status.status_code_sf                  REL 
_pdbx_database_status.status_code_mr                  ? 
_pdbx_database_status.status_code_cs                  ? 
_pdbx_database_status.methods_development_category    ? 
_pdbx_database_status.status_code_nmr_data            ? 
# 
loop_
_audit_author.name 
_audit_author.pdbx_ordinal 
'Van Den heuvel, R.H.H.' 1 
'Mattevi, A.'            2 
# 
_citation.id                        primary 
_citation.title                     'The Active Conformation of Glutamate Synthase and its Binding to Ferredoxin' 
_citation.journal_abbrev            J.Mol.Biol. 
_citation.journal_volume            330 
_citation.page_first                113 
_citation.page_last                 ? 
_citation.year                      2003 
_citation.journal_id_ASTM           JMOBAK 
_citation.country                   UK 
_citation.journal_id_ISSN           0022-2836 
_citation.journal_id_CSD            0070 
_citation.book_publisher            ? 
_citation.pdbx_database_id_PubMed   12818206 
_citation.pdbx_database_id_DOI      '10.1016/S0022-2836(03)00522-9' 
# 
loop_
_citation_author.citation_id 
_citation_author.name 
_citation_author.ordinal 
_citation_author.identifier_ORCID 
primary 'Van Den Heuvel, R.H.H.' 1 ? 
primary 'Svergun, D.I.'          2 ? 
primary 'Petoukhov, M.V.'        3 ? 
primary 'Coda, A.'               4 ? 
primary 'Curti, B.'              5 ? 
primary 'Ravasio, S.'            6 ? 
primary 'Vanoni, M.A.'           7 ? 
primary 'Mattevi, A.'            8 ? 
# 
_cell.entry_id           1OFF 
_cell.length_a           38.788 
_cell.length_b           38.788 
_cell.length_c           111.751 
_cell.angle_alpha        90.00 
_cell.angle_beta         90.00 
_cell.angle_gamma        120.00 
_cell.Z_PDB              6 
_cell.pdbx_unique_axis   ? 
# 
_symmetry.entry_id                         1OFF 
_symmetry.space_group_name_H-M             'P 65' 
_symmetry.pdbx_full_space_group_name_H-M   ? 
_symmetry.cell_setting                     ? 
_symmetry.Int_Tables_number                170 
# 
loop_
_entity.id 
_entity.type 
_entity.src_method 
_entity.pdbx_description 
_entity.formula_weight 
_entity.pdbx_number_of_molecules 
_entity.pdbx_ec 
_entity.pdbx_mutation 
_entity.pdbx_fragment 
_entity.details 
1 polymer     man 'FERREDOXIN I'               10368.233 1   ? ? ? ? 
2 non-polymer syn 'FE2/S2 (INORGANIC) CLUSTER' 175.820   1   ? ? ? ? 
3 water       nat water                        18.015    115 ? ? ? ? 
# 
_entity_name_com.entity_id   1 
_entity_name_com.name        FERREDOXIN 
# 
_entity_poly.entity_id                      1 
_entity_poly.type                           'polypeptide(L)' 
_entity_poly.nstd_linkage                   no 
_entity_poly.nstd_monomer                   no 
_entity_poly.pdbx_seq_one_letter_code       
;MASYTVKLITPDGESSIECSDDTYILDAAEEAGLDLPYSCRAGACSTCAGKITAGSVDQSDQSFLDDDQIEAGYVLTCVA
YPTSDCTIETHKEEDLY
;
_entity_poly.pdbx_seq_one_letter_code_can   
;MASYTVKLITPDGESSIECSDDTYILDAAEEAGLDLPYSCRAGACSTCAGKITAGSVDQSDQSFLDDDQIEAGYVLTCVA
YPTSDCTIETHKEEDLY
;
_entity_poly.pdbx_strand_id                 A 
_entity_poly.pdbx_target_identifier         ? 
# 
loop_
_entity_poly_seq.entity_id 
_entity_poly_seq.num 
_entity_poly_seq.mon_id 
_entity_poly_seq.hetero 
1 1  MET n 
1 2  ALA n 
1 3  SER n 
1 4  TYR n 
1 5  THR n 
1 6  VAL n 
1 7  LYS n 
1 8  LEU n 
1 9  ILE n 
1 10 THR n 
1 11 PRO n 
1 12 ASP n 
1 13 GLY n 
1 14 GLU n 
1 15 SER n 
1 16 SER n 
1 17 ILE n 
1 18 GLU n 
1 19 CYS n 
1 20 SER n 
1 21 ASP n 
1 22 ASP n 
1 23 THR n 
1 24 TYR n 
1 25 ILE n 
1 26 LEU n 
1 27 ASP n 
1 28 ALA n 
1 29 ALA n 
1 30 GLU n 
1 31 GLU n 
1 32 ALA n 
1 33 GLY n 
1 34 LEU n 
1 35 ASP n 
1 36 LEU n 
1 37 PRO n 
1 38 TYR n 
1 39 SER n 
1 40 CYS n 
1 41 ARG n 
1 42 ALA n 
1 43 GLY n 
1 44 ALA n 
1 45 CYS n 
1 46 SER n 
1 47 THR n 
1 48 CYS n 
1 49 ALA n 
1 50 GLY n 
1 51 LYS n 
1 52 ILE n 
1 53 THR n 
1 54 ALA n 
1 55 GLY n 
1 56 SER n 
1 57 VAL n 
1 58 ASP n 
1 59 GLN n 
1 60 SER n 
1 61 ASP n 
1 62 GLN n 
1 63 SER n 
1 64 PHE n 
1 65 LEU n 
1 66 ASP n 
1 67 ASP n 
1 68 ASP n 
1 69 GLN n 
1 70 ILE n 
1 71 GLU n 
1 72 ALA n 
1 73 GLY n 
1 74 TYR n 
1 75 VAL n 
1 76 LEU n 
1 77 THR n 
1 78 CYS n 
1 79 VAL n 
1 80 ALA n 
1 81 TYR n 
1 82 PRO n 
1 83 THR n 
1 84 SER n 
1 85 ASP n 
1 86 CYS n 
1 87 THR n 
1 88 ILE n 
1 89 GLU n 
1 90 THR n 
1 91 HIS n 
1 92 LYS n 
1 93 GLU n 
1 94 GLU n 
1 95 ASP n 
1 96 LEU n 
1 97 TYR n 
# 
_entity_src_gen.entity_id                          1 
_entity_src_gen.pdbx_src_id                        1 
_entity_src_gen.pdbx_alt_source_flag               sample 
_entity_src_gen.pdbx_seq_type                      ? 
_entity_src_gen.pdbx_beg_seq_num                   ? 
_entity_src_gen.pdbx_end_seq_num                   ? 
_entity_src_gen.gene_src_common_name               ? 
_entity_src_gen.gene_src_genus                     ? 
_entity_src_gen.pdbx_gene_src_gene                 ? 
_entity_src_gen.gene_src_species                   ? 
_entity_src_gen.gene_src_strain                    PCC6803 
_entity_src_gen.gene_src_tissue                    ? 
_entity_src_gen.gene_src_tissue_fraction           ? 
_entity_src_gen.gene_src_details                   ? 
_entity_src_gen.pdbx_gene_src_fragment             ? 
_entity_src_gen.pdbx_gene_src_scientific_name      'SYNECHOCYSTIS SP.' 
_entity_src_gen.pdbx_gene_src_ncbi_taxonomy_id     1148 
_entity_src_gen.pdbx_gene_src_variant              ? 
_entity_src_gen.pdbx_gene_src_cell_line            ? 
_entity_src_gen.pdbx_gene_src_atcc                 ? 
_entity_src_gen.pdbx_gene_src_organ                ? 
_entity_src_gen.pdbx_gene_src_organelle            ? 
_entity_src_gen.pdbx_gene_src_cell                 ? 
_entity_src_gen.pdbx_gene_src_cellular_location    ? 
_entity_src_gen.host_org_common_name               ? 
_entity_src_gen.pdbx_host_org_scientific_name      'ESCHERICHIA COLI' 
_entity_src_gen.pdbx_host_org_ncbi_taxonomy_id     562 
_entity_src_gen.host_org_genus                     ? 
_entity_src_gen.pdbx_host_org_gene                 ? 
_entity_src_gen.pdbx_host_org_organ                ? 
_entity_src_gen.host_org_species                   ? 
_entity_src_gen.pdbx_host_org_tissue               ? 
_entity_src_gen.pdbx_host_org_tissue_fraction      ? 
_entity_src_gen.pdbx_host_org_strain               ? 
_entity_src_gen.pdbx_host_org_variant              ? 
_entity_src_gen.pdbx_host_org_cell_line            ? 
_entity_src_gen.pdbx_host_org_atcc                 ? 
_entity_src_gen.pdbx_host_org_culture_collection   ? 
_entity_src_gen.pdbx_host_org_cell                 ? 
_entity_src_gen.pdbx_host_org_organelle            ? 
_entity_src_gen.pdbx_host_org_cellular_location    ? 
_entity_src_gen.pdbx_host_org_vector_type          ? 
_entity_src_gen.pdbx_host_org_vector               ? 
_entity_src_gen.host_org_details                   ? 
_entity_src_gen.expression_system_id               ? 
_entity_src_gen.plasmid_name                       ? 
_entity_src_gen.plasmid_details                    ? 
_entity_src_gen.pdbx_description                   ? 
# 
loop_
_struct_ref.id 
_struct_ref.db_name 
_struct_ref.db_code 
_struct_ref.entity_id 
_struct_ref.pdbx_seq_one_letter_code 
_struct_ref.pdbx_align_begin 
_struct_ref.pdbx_db_accession 
_struct_ref.pdbx_db_isoform 
1 PDB 1OFF      1 ? ? 1OFF   ? 
2 UNP FER_SYNY3 1 ? ? P27320 ? 
# 
loop_
_struct_ref_seq.align_id 
_struct_ref_seq.ref_id 
_struct_ref_seq.pdbx_PDB_id_code 
_struct_ref_seq.pdbx_strand_id 
_struct_ref_seq.seq_align_beg 
_struct_ref_seq.pdbx_seq_align_beg_ins_code 
_struct_ref_seq.seq_align_end 
_struct_ref_seq.pdbx_seq_align_end_ins_code 
_struct_ref_seq.pdbx_db_accession 
_struct_ref_seq.db_align_beg 
_struct_ref_seq.pdbx_db_align_beg_ins_code 
_struct_ref_seq.db_align_end 
_struct_ref_seq.pdbx_db_align_end_ins_code 
_struct_ref_seq.pdbx_auth_seq_align_beg 
_struct_ref_seq.pdbx_auth_seq_align_end 
1 1 1OFF A 1 ? 1  ? 1OFF   1 ? 1  ? 1 1  
2 2 1OFF A 2 ? 97 ? P27320 1 ? 96 ? 2 97 
# 
loop_
_chem_comp.id 
_chem_comp.type 
_chem_comp.mon_nstd_flag 
_chem_comp.name 
_chem_comp.pdbx_synonyms 
_chem_comp.formula 
_chem_comp.formula_weight 
ALA 'L-peptide linking' y ALANINE                      ? 'C3 H7 N O2'     89.093  
ARG 'L-peptide linking' y ARGININE                     ? 'C6 H15 N4 O2 1' 175.209 
ASP 'L-peptide linking' y 'ASPARTIC ACID'              ? 'C4 H7 N O4'     133.103 
CYS 'L-peptide linking' y CYSTEINE                     ? 'C3 H7 N O2 S'   121.158 
FES non-polymer         . 'FE2/S2 (INORGANIC) CLUSTER' ? 'Fe2 S2'         175.820 
GLN 'L-peptide linking' y GLUTAMINE                    ? 'C5 H10 N2 O3'   146.144 
GLU 'L-peptide linking' y 'GLUTAMIC ACID'              ? 'C5 H9 N O4'     147.129 
GLY 'peptide linking'   y GLYCINE                      ? 'C2 H5 N O2'     75.067  
HIS 'L-peptide linking' y HISTIDINE                    ? 'C6 H10 N3 O2 1' 156.162 
HOH non-polymer         . WATER                        ? 'H2 O'           18.015  
ILE 'L-peptide linking' y ISOLEUCINE                   ? 'C6 H13 N O2'    131.173 
LEU 'L-peptide linking' y LEUCINE                      ? 'C6 H13 N O2'    131.173 
LYS 'L-peptide linking' y LYSINE                       ? 'C6 H15 N2 O2 1' 147.195 
MET 'L-peptide linking' y METHIONINE                   ? 'C5 H11 N O2 S'  149.211 
PHE 'L-peptide linking' y PHENYLALANINE                ? 'C9 H11 N O2'    165.189 
PRO 'L-peptide linking' y PROLINE                      ? 'C5 H9 N O2'     115.130 
SER 'L-peptide linking' y SERINE                       ? 'C3 H7 N O3'     105.093 
THR 'L-peptide linking' y THREONINE                    ? 'C4 H9 N O3'     119.119 
TYR 'L-peptide linking' y TYROSINE                     ? 'C9 H11 N O3'    181.189 
VAL 'L-peptide linking' y VALINE                       ? 'C5 H11 N O2'    117.146 
# 
_exptl.entry_id          1OFF 
_exptl.method            'X-RAY DIFFRACTION' 
_exptl.crystals_number   1 
# 
_exptl_crystal.id                    1 
_exptl_crystal.density_meas          ? 
_exptl_crystal.density_Matthews      2.34 
_exptl_crystal.density_percent_sol   49 
_exptl_crystal.description           ? 
_exptl_crystal.preparation           ? 
# 
_exptl_crystal_grow.crystal_id      1 
_exptl_crystal_grow.method          ? 
_exptl_crystal_grow.temp            ? 
_exptl_crystal_grow.temp_details    ? 
_exptl_crystal_grow.pH              6.50 
_exptl_crystal_grow.pdbx_pH_range   ? 
_exptl_crystal_grow.pdbx_details    'pH 6.50' 
# 
_diffrn.id                     1 
_diffrn.ambient_temp           100.0 
_diffrn.ambient_temp_details   ? 
_diffrn.crystal_id             1 
# 
_diffrn_detector.diffrn_id              1 
_diffrn_detector.detector               'IMAGE PLATE' 
_diffrn_detector.type                   'RIGAKU RAXIS IV' 
_diffrn_detector.pdbx_collection_date   ? 
_diffrn_detector.details                ? 
# 
_diffrn_radiation.diffrn_id                        1 
_diffrn_radiation.wavelength_id                    1 
_diffrn_radiation.pdbx_monochromatic_or_laue_m_l   M 
_diffrn_radiation.monochromator                    MIRRORS 
_diffrn_radiation.pdbx_diffrn_protocol             'SINGLE WAVELENGTH' 
_diffrn_radiation.pdbx_scattering_type             x-ray 
# 
_diffrn_radiation_wavelength.id           1 
_diffrn_radiation_wavelength.wavelength   1.5418 
_diffrn_radiation_wavelength.wt           1.0 
# 
_diffrn_source.diffrn_id                   1 
_diffrn_source.source                      'ROTATING ANODE' 
_diffrn_source.type                        'RIGAKU RU200' 
_diffrn_source.pdbx_synchrotron_site       ? 
_diffrn_source.pdbx_synchrotron_beamline   ? 
_diffrn_source.pdbx_wavelength             1.5418 
_diffrn_source.pdbx_wavelength_list        ? 
# 
_reflns.pdbx_diffrn_id               1 
_reflns.pdbx_ordinal                 1 
_reflns.entry_id                     1OFF 
_reflns.observed_criterion_sigma_I   ? 
_reflns.observed_criterion_sigma_F   ? 
_reflns.d_resolution_low             30.000 
_reflns.d_resolution_high            1.800 
_reflns.number_obs                   8723 
_reflns.number_all                   ? 
_reflns.percent_possible_obs         98.5 
_reflns.pdbx_Rmerge_I_obs            0.05500 
_reflns.pdbx_Rsym_value              ? 
_reflns.pdbx_netI_over_sigmaI        ? 
_reflns.B_iso_Wilson_estimate        ? 
_reflns.pdbx_redundancy              7.700 
# 
_reflns_shell.pdbx_diffrn_id         1 
_reflns_shell.pdbx_ordinal           1 
_reflns_shell.d_res_high             1.80 
_reflns_shell.d_res_low              1.90 
_reflns_shell.percent_possible_all   97.2 
_reflns_shell.Rmerge_I_obs           0.31700 
_reflns_shell.pdbx_Rsym_value        ? 
_reflns_shell.meanI_over_sigI_obs    ? 
_reflns_shell.pdbx_redundancy        7.90 
# 
_refine.pdbx_refine_id                           'X-RAY DIFFRACTION' 
_refine.entry_id                                 1OFF 
_refine.pdbx_diffrn_id                           1 
_refine.pdbx_TLS_residual_ADP_flag               ? 
_refine.ls_number_reflns_obs                     8282 
_refine.ls_number_reflns_all                     ? 
_refine.pdbx_ls_sigma_I                          ? 
_refine.pdbx_ls_sigma_F                          ? 
_refine.pdbx_data_cutoff_high_absF               ? 
_refine.pdbx_data_cutoff_low_absF                ? 
_refine.pdbx_data_cutoff_high_rms_absF           ? 
_refine.ls_d_res_low                             33.52 
_refine.ls_d_res_high                            1.80 
_refine.ls_percent_reflns_obs                    98.52 
_refine.ls_R_factor_obs                          0.17553 
_refine.ls_R_factor_all                          ? 
_refine.ls_R_factor_R_work                       0.17351 
_refine.ls_R_factor_R_free                       0.21619 
_refine.ls_R_factor_R_free_error                 ? 
_refine.ls_R_factor_R_free_error_details         ? 
_refine.ls_percent_reflns_R_free                 4.7 
_refine.ls_number_reflns_R_free                  412 
_refine.ls_number_parameters                     ? 
_refine.ls_number_restraints                     ? 
_refine.occupancy_min                            ? 
_refine.occupancy_max                            ? 
_refine.correlation_coeff_Fo_to_Fc               ? 
_refine.correlation_coeff_Fo_to_Fc_free          ? 
_refine.B_iso_mean                               22.385 
_refine.aniso_B[1][1]                            0.26 
_refine.aniso_B[2][2]                            0.26 
_refine.aniso_B[3][3]                            -0.39 
_refine.aniso_B[1][2]                            0.13 
_refine.aniso_B[1][3]                            0 
_refine.aniso_B[2][3]                            0 
_refine.solvent_model_details                    ? 
_refine.solvent_model_param_ksol                 ? 
_refine.solvent_model_param_bsol                 ? 
_refine.pdbx_solvent_vdw_probe_radii             ? 
_refine.pdbx_solvent_ion_probe_radii             ? 
_refine.pdbx_solvent_shrinkage_radii             ? 
_refine.pdbx_ls_cross_valid_method               THROUGHOUT 
_refine.details                                  ? 
_refine.pdbx_starting_model                      'PDB ENTRY 1CZP' 
_refine.pdbx_method_to_determine_struct          'MOLECULAR REPLACEMENT' 
_refine.pdbx_isotropic_thermal_model             ? 
_refine.pdbx_stereochemistry_target_values       ? 
_refine.pdbx_stereochem_target_val_spec_case     ? 
_refine.pdbx_R_Free_selection_details            RANDOM 
_refine.pdbx_overall_ESU_R                       0.129 
_refine.pdbx_overall_ESU_R_Free                  0.125 
_refine.overall_SU_ML                            0.083 
_refine.pdbx_overall_phase_error                 ? 
_refine.overall_SU_B                             2.689 
_refine.overall_SU_R_Cruickshank_DPI             ? 
_refine.pdbx_overall_SU_R_free_Cruickshank_DPI   ? 
_refine.pdbx_overall_SU_R_Blow_DPI               ? 
_refine.pdbx_overall_SU_R_free_Blow_DPI          ? 
# 
_refine_hist.pdbx_refine_id                   'X-RAY DIFFRACTION' 
_refine_hist.cycle_id                         LAST 
_refine_hist.pdbx_number_atoms_protein        700 
_refine_hist.pdbx_number_atoms_nucleic_acid   0 
_refine_hist.pdbx_number_atoms_ligand         4 
_refine_hist.number_atoms_solvent             115 
_refine_hist.number_atoms_total               819 
_refine_hist.d_res_high                       1.80 
_refine_hist.d_res_low                        33.52 
# 
_struct.entry_id                  1OFF 
_struct.title                     '2Fe-2S Ferredoxin from Synechocystis sp. PCC 6803' 
_struct.pdbx_model_details        ? 
_struct.pdbx_CASP_flag            ? 
_struct.pdbx_model_type_details   ? 
# 
_struct_keywords.entry_id        1OFF 
_struct_keywords.pdbx_keywords   'ELECTRON TRANSPORT' 
_struct_keywords.text            'ELECTRON TRANSPORT, FERREDOXIN, ELECTRON TRANSFER, IRON-SULPHUR, 2FE-2S, METAL-BINDING' 
# 
loop_
_struct_asym.id 
_struct_asym.pdbx_blank_PDB_chainid_flag 
_struct_asym.pdbx_modified 
_struct_asym.entity_id 
_struct_asym.details 
A N N 1 ? 
B N N 2 ? 
C N N 3 ? 
# 
loop_
_struct_conf.conf_type_id 
_struct_conf.id 
_struct_conf.pdbx_PDB_helix_id 
_struct_conf.beg_label_comp_id 
_struct_conf.beg_label_asym_id 
_struct_conf.beg_label_seq_id 
_struct_conf.pdbx_beg_PDB_ins_code 
_struct_conf.end_label_comp_id 
_struct_conf.end_label_asym_id 
_struct_conf.end_label_seq_id 
_struct_conf.pdbx_end_PDB_ins_code 
_struct_conf.beg_auth_comp_id 
_struct_conf.beg_auth_asym_id 
_struct_conf.beg_auth_seq_id 
_struct_conf.end_auth_comp_id 
_struct_conf.end_auth_asym_id 
_struct_conf.end_auth_seq_id 
_struct_conf.pdbx_PDB_helix_class 
_struct_conf.details 
_struct_conf.pdbx_PDB_helix_length 
HELX_P HELX_P1 1 TYR A 24 ? GLY A 33 ? TYR A 24 GLY A 33 1 ? 10 
HELX_P HELX_P2 2 ASP A 66 ? ALA A 72 ? ASP A 66 ALA A 72 1 ? 7  
HELX_P HELX_P3 3 LYS A 92 ? LEU A 96 ? LYS A 92 LEU A 96 5 ? 5  
# 
_struct_conf_type.id          HELX_P 
_struct_conf_type.criteria    ? 
_struct_conf_type.reference   ? 
# 
loop_
_struct_conn.id 
_struct_conn.conn_type_id 
_struct_conn.pdbx_leaving_atom_flag 
_struct_conn.pdbx_PDB_id 
_struct_conn.ptnr1_label_asym_id 
_struct_conn.ptnr1_label_comp_id 
_struct_conn.ptnr1_label_seq_id 
_struct_conn.ptnr1_label_atom_id 
_struct_conn.pdbx_ptnr1_label_alt_id 
_struct_conn.pdbx_ptnr1_PDB_ins_code 
_struct_conn.pdbx_ptnr1_standard_comp_id 
_struct_conn.ptnr1_symmetry 
_struct_conn.ptnr2_label_asym_id 
_struct_conn.ptnr2_label_comp_id 
_struct_conn.ptnr2_label_seq_id 
_struct_conn.ptnr2_label_atom_id 
_struct_conn.pdbx_ptnr2_label_alt_id 
_struct_conn.pdbx_ptnr2_PDB_ins_code 
_struct_conn.ptnr1_auth_asym_id 
_struct_conn.ptnr1_auth_comp_id 
_struct_conn.ptnr1_auth_seq_id 
_struct_conn.ptnr2_auth_asym_id 
_struct_conn.ptnr2_auth_comp_id 
_struct_conn.ptnr2_auth_seq_id 
_struct_conn.ptnr2_symmetry 
_struct_conn.pdbx_ptnr3_label_atom_id 
_struct_conn.pdbx_ptnr3_label_seq_id 
_struct_conn.pdbx_ptnr3_label_comp_id 
_struct_conn.pdbx_ptnr3_label_asym_id 
_struct_conn.pdbx_ptnr3_label_alt_id 
_struct_conn.pdbx_ptnr3_PDB_ins_code 
_struct_conn.details 
_struct_conn.pdbx_dist_value 
_struct_conn.pdbx_value_order 
_struct_conn.pdbx_role 
metalc1 metalc ? ? A CYS 40 SG ? ? ? 1_555 B FES . FE1 ? ? A CYS 40 A FES 1097 1_555 ? ? ? ? ? ? ? 2.249 ? ? 
metalc2 metalc ? ? A CYS 45 SG ? ? ? 1_555 B FES . FE1 ? ? A CYS 45 A FES 1097 1_555 ? ? ? ? ? ? ? 2.377 ? ? 
metalc3 metalc ? ? A CYS 48 SG ? ? ? 1_555 B FES . FE2 ? ? A CYS 48 A FES 1097 1_555 ? ? ? ? ? ? ? 2.274 ? ? 
metalc4 metalc ? ? A CYS 78 SG ? ? ? 1_555 B FES . FE2 ? ? A CYS 78 A FES 1097 1_555 ? ? ? ? ? ? ? 2.322 ? ? 
# 
_struct_conn_type.id          metalc 
_struct_conn_type.criteria    ? 
_struct_conn_type.reference   ? 
# 
loop_
_struct_sheet.id 
_struct_sheet.type 
_struct_sheet.number_strands 
_struct_sheet.details 
AA ? 5 ? 
AB ? 2 ? 
# 
loop_
_struct_sheet_order.sheet_id 
_struct_sheet_order.range_id_1 
_struct_sheet_order.range_id_2 
_struct_sheet_order.offset 
_struct_sheet_order.sense 
AA 1 2 ? anti-parallel 
AA 2 3 ? parallel      
AA 3 4 ? anti-parallel 
AA 4 5 ? anti-parallel 
AB 1 2 ? anti-parallel 
# 
loop_
_struct_sheet_range.sheet_id 
_struct_sheet_range.id 
_struct_sheet_range.beg_label_comp_id 
_struct_sheet_range.beg_label_asym_id 
_struct_sheet_range.beg_label_seq_id 
_struct_sheet_range.pdbx_beg_PDB_ins_code 
_struct_sheet_range.end_label_comp_id 
_struct_sheet_range.end_label_asym_id 
_struct_sheet_range.end_label_seq_id 
_struct_sheet_range.pdbx_end_PDB_ins_code 
_struct_sheet_range.beg_auth_comp_id 
_struct_sheet_range.beg_auth_asym_id 
_struct_sheet_range.beg_auth_seq_id 
_struct_sheet_range.end_auth_comp_id 
_struct_sheet_range.end_auth_asym_id 
_struct_sheet_range.end_auth_seq_id 
AA 1 GLU A 14 ? SER A 20 ? GLU A 14 SER A 20 
AA 2 SER A 3  ? ILE A 9  ? SER A 3  ILE A 9  
AA 3 CYS A 86 ? GLU A 89 ? CYS A 86 GLU A 89 
AA 4 ALA A 49 ? ALA A 54 ? ALA A 49 ALA A 54 
AA 5 TYR A 74 ? LEU A 76 ? TYR A 74 LEU A 76 
AB 1 VAL A 57 ? ASP A 58 ? VAL A 57 ASP A 58 
AB 2 TYR A 81 ? PRO A 82 ? TYR A 81 PRO A 82 
# 
loop_
_pdbx_struct_sheet_hbond.sheet_id 
_pdbx_struct_sheet_hbond.range_id_1 
_pdbx_struct_sheet_hbond.range_id_2 
_pdbx_struct_sheet_hbond.range_1_label_atom_id 
_pdbx_struct_sheet_hbond.range_1_label_comp_id 
_pdbx_struct_sheet_hbond.range_1_label_asym_id 
_pdbx_struct_sheet_hbond.range_1_label_seq_id 
_pdbx_struct_sheet_hbond.range_1_PDB_ins_code 
_pdbx_struct_sheet_hbond.range_1_auth_atom_id 
_pdbx_struct_sheet_hbond.range_1_auth_comp_id 
_pdbx_struct_sheet_hbond.range_1_auth_asym_id 
_pdbx_struct_sheet_hbond.range_1_auth_seq_id 
_pdbx_struct_sheet_hbond.range_2_label_atom_id 
_pdbx_struct_sheet_hbond.range_2_label_comp_id 
_pdbx_struct_sheet_hbond.range_2_label_asym_id 
_pdbx_struct_sheet_hbond.range_2_label_seq_id 
_pdbx_struct_sheet_hbond.range_2_PDB_ins_code 
_pdbx_struct_sheet_hbond.range_2_auth_atom_id 
_pdbx_struct_sheet_hbond.range_2_auth_comp_id 
_pdbx_struct_sheet_hbond.range_2_auth_asym_id 
_pdbx_struct_sheet_hbond.range_2_auth_seq_id 
AA 1 2 N CYS A 19 ? N CYS A 19 O TYR A 4  ? O TYR A 4  
AA 2 3 N LYS A 7  ? N LYS A 7  O CYS A 86 ? O CYS A 86 
AA 3 4 N GLU A 89 ? N GLU A 89 O LYS A 51 ? O LYS A 51 
AA 4 5 N GLY A 50 ? N GLY A 50 O VAL A 75 ? O VAL A 75 
AB 1 2 N ASP A 58 ? N ASP A 58 O TYR A 81 ? O TYR A 81 
# 
_struct_site.id                   AC1 
_struct_site.pdbx_evidence_code   Software 
_struct_site.pdbx_auth_asym_id    ? 
_struct_site.pdbx_auth_comp_id    ? 
_struct_site.pdbx_auth_seq_id     ? 
_struct_site.pdbx_auth_ins_code   ? 
_struct_site.pdbx_num_residues    9 
_struct_site.details              'BINDING SITE FOR RESIDUE FES A1097' 
# 
loop_
_struct_site_gen.id 
_struct_site_gen.site_id 
_struct_site_gen.pdbx_num_res 
_struct_site_gen.label_comp_id 
_struct_site_gen.label_asym_id 
_struct_site_gen.label_seq_id 
_struct_site_gen.pdbx_auth_ins_code 
_struct_site_gen.auth_comp_id 
_struct_site_gen.auth_asym_id 
_struct_site_gen.auth_seq_id 
_struct_site_gen.label_atom_id 
_struct_site_gen.label_alt_id 
_struct_site_gen.symmetry 
_struct_site_gen.details 
1 AC1 9 SER A 39 ? SER A 39 . ? 1_555 ? 
2 AC1 9 CYS A 40 ? CYS A 40 . ? 1_555 ? 
3 AC1 9 ARG A 41 ? ARG A 41 . ? 1_555 ? 
4 AC1 9 GLY A 43 ? GLY A 43 . ? 1_555 ? 
5 AC1 9 ALA A 44 ? ALA A 44 . ? 1_555 ? 
6 AC1 9 CYS A 45 ? CYS A 45 . ? 1_555 ? 
7 AC1 9 CYS A 48 ? CYS A 48 . ? 1_555 ? 
8 AC1 9 LEU A 76 ? LEU A 76 . ? 1_555 ? 
9 AC1 9 CYS A 78 ? CYS A 78 . ? 1_555 ? 
# 
_atom_sites.entry_id                    1OFF 
_atom_sites.fract_transf_matrix[1][1]   0.01357717 
_atom_sites.fract_transf_matrix[1][2]   -0.00941269 
_atom_sites.fract_transf_matrix[1][3]   0.02476459 
_atom_sites.fract_transf_matrix[2][1]   -0.01589240 
_atom_sites.fract_transf_matrix[2][2]   -0.00520324 
_atom_sites.fract_transf_matrix[2][3]   0.02462826 
_atom_sites.fract_transf_matrix[3][1]   -0.00120044 
_atom_sites.fract_transf_matrix[3][2]   -0.00848719 
_atom_sites.fract_transf_matrix[3][3]   -0.00256773 
_atom_sites.fract_transf_vector[1]      0.460119 
_atom_sites.fract_transf_vector[2]      0.495491 
_atom_sites.fract_transf_vector[3]      0.000976 
# 
loop_
_atom_type.symbol 
C  
FE 
N  
O  
S  
# 
loop_
_atom_site.group_PDB 
_atom_site.id 
_atom_site.type_symbol 
_atom_site.label_atom_id 
_atom_site.label_alt_id 
_atom_site.label_comp_id 
_atom_site.label_asym_id 
_atom_site.label_entity_id 
_atom_site.label_seq_id 
_atom_site.pdbx_PDB_ins_code 
_atom_site.Cartn_x 
_atom_site.Cartn_y 
_atom_site.Cartn_z 
_atom_site.occupancy 
_atom_site.B_iso_or_equiv 
_atom_site.pdbx_formal_charge 
_atom_site.auth_seq_id 
_atom_site.auth_comp_id 
_atom_site.auth_asym_id 
_atom_site.auth_atom_id 
_atom_site.pdbx_PDB_model_num 
ATOM   1   N  N   . ALA A 1 2  ? 4.895   5.926   -16.240 1.00 19.70 ? 2    ALA A N   1 
ATOM   2   C  CA  . ALA A 1 2  ? 6.034   6.041   -15.293 1.00 19.94 ? 2    ALA A CA  1 
ATOM   3   C  C   . ALA A 1 2  ? 6.042   4.853   -14.355 1.00 19.84 ? 2    ALA A C   1 
ATOM   4   O  O   . ALA A 1 2  ? 5.008   4.223   -14.131 1.00 20.89 ? 2    ALA A O   1 
ATOM   5   C  CB  . ALA A 1 2  ? 5.954   7.338   -14.497 1.00 20.65 ? 2    ALA A CB  1 
ATOM   6   N  N   . SER A 1 3  ? 7.215   4.563   -13.799 1.00 19.43 ? 3    SER A N   1 
ATOM   7   C  CA  . SER A 1 3  ? 7.356   3.500   -12.809 1.00 19.59 ? 3    SER A CA  1 
ATOM   8   C  C   . SER A 1 3  ? 8.071   4.089   -11.605 1.00 18.85 ? 3    SER A C   1 
ATOM   9   O  O   . SER A 1 3  ? 8.971   4.930   -11.770 1.00 19.01 ? 3    SER A O   1 
ATOM   10  C  CB  . SER A 1 3  ? 8.178   2.342   -13.383 1.00 20.39 ? 3    SER A CB  1 
ATOM   11  O  OG  . SER A 1 3  ? 8.421   1.364   -12.376 1.00 23.57 ? 3    SER A OG  1 
ATOM   12  N  N   . TYR A 1 4  ? 7.690   3.629   -10.413 1.00 17.72 ? 4    TYR A N   1 
ATOM   13  C  CA  . TYR A 1 4  ? 8.204   4.171   -9.140  1.00 17.36 ? 4    TYR A CA  1 
ATOM   14  C  C   . TYR A 1 4  ? 8.850   3.107   -8.259  1.00 17.93 ? 4    TYR A C   1 
ATOM   15  O  O   . TYR A 1 4  ? 8.514   1.911   -8.331  1.00 18.19 ? 4    TYR A O   1 
ATOM   16  C  CB  . TYR A 1 4  ? 7.075   4.854   -8.345  1.00 15.51 ? 4    TYR A CB  1 
ATOM   17  C  CG  . TYR A 1 4  ? 6.475   5.984   -9.143  1.00 15.23 ? 4    TYR A CG  1 
ATOM   18  C  CD1 . TYR A 1 4  ? 7.244   7.067   -9.485  1.00 16.39 ? 4    TYR A CD1 1 
ATOM   19  C  CD2 . TYR A 1 4  ? 5.155   5.940   -9.592  1.00 16.81 ? 4    TYR A CD2 1 
ATOM   20  C  CE1 . TYR A 1 4  ? 6.719   8.136   -10.253 1.00 20.54 ? 4    TYR A CE1 1 
ATOM   21  C  CE2 . TYR A 1 4  ? 4.633   7.009   -10.378 1.00 16.47 ? 4    TYR A CE2 1 
ATOM   22  C  CZ  . TYR A 1 4  ? 5.409   8.080   -10.678 1.00 17.15 ? 4    TYR A CZ  1 
ATOM   23  O  OH  . TYR A 1 4  ? 4.915   9.115   -11.444 1.00 17.00 ? 4    TYR A OH  1 
ATOM   24  N  N   . THR A 1 5  ? 9.775   3.547   -7.416  1.00 17.51 ? 5    THR A N   1 
ATOM   25  C  CA  . THR A 1 5  ? 10.367  2.671   -6.426  1.00 16.52 ? 5    THR A CA  1 
ATOM   26  C  C   . THR A 1 5  ? 9.559   2.734   -5.128  1.00 15.65 ? 5    THR A C   1 
ATOM   27  O  O   . THR A 1 5  ? 9.361   3.835   -4.553  1.00 16.31 ? 5    THR A O   1 
ATOM   28  C  CB  . THR A 1 5  ? 11.833  3.080   -6.164  1.00 17.12 ? 5    THR A CB  1 
ATOM   29  O  OG1 . THR A 1 5  ? 12.587  3.009   -7.395  1.00 15.94 ? 5    THR A OG1 1 
ATOM   30  C  CG2 . THR A 1 5  ? 12.472  2.041   -5.269  1.00 16.46 ? 5    THR A CG2 1 
ATOM   31  N  N   . VAL A 1 6  ? 9.078   1.572   -4.675  1.00 16.58 ? 6    VAL A N   1 
ATOM   32  C  CA  . VAL A 1 6  ? 8.246   1.507   -3.472  1.00 17.11 ? 6    VAL A CA  1 
ATOM   33  C  C   . VAL A 1 6  ? 9.055   0.769   -2.430  1.00 18.73 ? 6    VAL A C   1 
ATOM   34  O  O   . VAL A 1 6  ? 9.381   -0.437  -2.608  1.00 18.87 ? 6    VAL A O   1 
ATOM   35  C  CB  . VAL A 1 6  ? 6.917   0.782   -3.744  1.00 16.76 ? 6    VAL A CB  1 
ATOM   36  C  CG1 . VAL A 1 6  ? 6.080   0.627   -2.461  1.00 17.00 ? 6    VAL A CG1 1 
ATOM   37  C  CG2 . VAL A 1 6  ? 6.116   1.551   -4.815  1.00 18.16 ? 6    VAL A CG2 1 
ATOM   38  N  N   . LYS A 1 7  ? 9.434   1.488   -1.366  1.00 18.19 ? 7    LYS A N   1 
ATOM   39  C  CA  . LYS A 1 7  ? 10.081  0.837   -0.249  1.00 18.36 ? 7    LYS A CA  1 
ATOM   40  C  C   . LYS A 1 7  ? 9.017   0.307   0.699   1.00 18.25 ? 7    LYS A C   1 
ATOM   41  O  O   . LYS A 1 7  ? 8.123   1.038   1.115   1.00 18.54 ? 7    LYS A O   1 
ATOM   42  C  CB  . LYS A 1 7  ? 11.017  1.775   0.510   1.00 18.10 ? 7    LYS A CB  1 
ATOM   43  C  CG  . LYS A 1 7  ? 11.711  1.041   1.641   1.00 23.44 ? 7    LYS A CG  1 
ATOM   44  C  CD  . LYS A 1 7  ? 12.241  1.971   2.725   1.00 27.75 ? 7    LYS A CD  1 
ATOM   45  C  CE  . LYS A 1 7  ? 13.741  2.185   2.604   1.00 27.18 ? 7    LYS A CE  1 
ATOM   46  N  NZ  . LYS A 1 7  ? 14.343  2.151   3.974   1.00 27.80 ? 7    LYS A NZ  1 
ATOM   47  N  N   . LEU A 1 8  ? 9.138   -0.968  1.049   1.00 18.99 ? 8    LEU A N   1 
ATOM   48  C  CA  . LEU A 1 8  ? 8.170   -1.608  1.923   1.00 19.63 ? 8    LEU A CA  1 
ATOM   49  C  C   . LEU A 1 8  ? 8.820   -2.053  3.216   1.00 20.85 ? 8    LEU A C   1 
ATOM   50  O  O   . LEU A 1 8  ? 9.829   -2.785  3.230   1.00 19.84 ? 8    LEU A O   1 
ATOM   51  C  CB  . LEU A 1 8  ? 7.528   -2.797  1.241   1.00 20.18 ? 8    LEU A CB  1 
ATOM   52  C  CG  . LEU A 1 8  ? 6.717   -2.500  -0.002  1.00 20.02 ? 8    LEU A CG  1 
ATOM   53  C  CD1 . LEU A 1 8  ? 6.581   -3.797  -0.809  1.00 21.02 ? 8    LEU A CD1 1 
ATOM   54  C  CD2 . LEU A 1 8  ? 5.355   -1.947  0.356   1.00 17.83 ? 8    LEU A CD2 1 
ATOM   55  N  N   . ILE A 1 9  ? 8.240   -1.577  4.302   1.00 20.97 ? 9    ILE A N   1 
ATOM   56  C  CA  . ILE A 1 9  ? 8.748   -1.928  5.611   1.00 22.57 ? 9    ILE A CA  1 
ATOM   57  C  C   . ILE A 1 9  ? 7.740   -2.854  6.235   1.00 22.65 ? 9    ILE A C   1 
ATOM   58  O  O   . ILE A 1 9  ? 6.646   -2.450  6.622   1.00 21.14 ? 9    ILE A O   1 
ATOM   59  C  CB  . ILE A 1 9  ? 8.998   -0.676  6.424   1.00 22.17 ? 9    ILE A CB  1 
ATOM   60  C  CG1 . ILE A 1 9  ? 10.047  0.170   5.697   1.00 24.10 ? 9    ILE A CG1 1 
ATOM   61  C  CG2 . ILE A 1 9  ? 9.434   -1.029  7.871   1.00 23.44 ? 9    ILE A CG2 1 
ATOM   62  C  CD1 . ILE A 1 9  ? 10.062  1.570   6.127   1.00 22.71 ? 9    ILE A CD1 1 
ATOM   63  N  N   . THR A 1 10 ? 8.131   -4.115  6.311   1.00 24.11 ? 10   THR A N   1 
ATOM   64  C  CA  . THR A 1 10 ? 7.283   -5.139  6.872   1.00 26.28 ? 10   THR A CA  1 
ATOM   65  C  C   . THR A 1 10 ? 7.772   -5.452  8.265   1.00 28.30 ? 10   THR A C   1 
ATOM   66  O  O   . THR A 1 10 ? 8.853   -5.035  8.666   1.00 28.12 ? 10   THR A O   1 
ATOM   67  C  CB  . THR A 1 10 ? 7.379   -6.439  6.076   1.00 26.90 ? 10   THR A CB  1 
ATOM   68  O  OG1 . THR A 1 10 ? 8.676   -7.036  6.297   1.00 27.01 ? 10   THR A OG1 1 
ATOM   69  C  CG2 . THR A 1 10 ? 7.269   -6.182  4.576   1.00 26.40 ? 10   THR A CG2 1 
ATOM   70  N  N   . PRO A 1 11 ? 6.976   -6.236  8.972   1.00 29.59 ? 11   PRO A N   1 
ATOM   71  C  CA  . PRO A 1 11 ? 7.395   -6.820  10.248  1.00 30.92 ? 11   PRO A CA  1 
ATOM   72  C  C   . PRO A 1 11 ? 8.699   -7.645  10.145  1.00 32.19 ? 11   PRO A C   1 
ATOM   73  O  O   . PRO A 1 11 ? 9.356   -7.810  11.168  1.00 32.33 ? 11   PRO A O   1 
ATOM   74  C  CB  . PRO A 1 11 ? 6.204   -7.704  10.652  1.00 31.26 ? 11   PRO A CB  1 
ATOM   75  C  CG  . PRO A 1 11 ? 5.042   -7.318  9.712   1.00 30.31 ? 11   PRO A CG  1 
ATOM   76  C  CD  . PRO A 1 11 ? 5.613   -6.614  8.567   1.00 29.80 ? 11   PRO A CD  1 
ATOM   77  N  N   . ASP A 1 12 ? 9.085   -8.138  8.969   1.00 33.39 ? 12   ASP A N   1 
ATOM   78  C  CA  . ASP A 1 12 ? 10.348  -8.896  8.866   1.00 35.10 ? 12   ASP A CA  1 
ATOM   79  C  C   . ASP A 1 12 ? 11.570  -8.007  8.635   1.00 35.21 ? 12   ASP A C   1 
ATOM   80  O  O   . ASP A 1 12 ? 12.673  -8.333  9.082   1.00 34.65 ? 12   ASP A O   1 
ATOM   81  C  CB  . ASP A 1 12 ? 10.289  -9.956  7.760   1.00 35.68 ? 12   ASP A CB  1 
ATOM   82  C  CG  . ASP A 1 12 ? 9.168   -10.971 7.965   1.00 37.73 ? 12   ASP A CG  1 
ATOM   83  O  OD1 . ASP A 1 12 ? 8.827   -11.299 9.126   1.00 38.94 ? 12   ASP A OD1 1 
ATOM   84  O  OD2 . ASP A 1 12 ? 8.577   -11.496 6.991   1.00 41.62 ? 12   ASP A OD2 1 
ATOM   85  N  N   . GLY A 1 13 ? 11.372  -6.908  7.904   1.00 35.00 ? 13   GLY A N   1 
ATOM   86  C  CA  . GLY A 1 13 ? 12.459  -6.015  7.549   1.00 35.07 ? 13   GLY A CA  1 
ATOM   87  C  C   . GLY A 1 13 ? 12.065  -4.989  6.506   1.00 35.25 ? 13   GLY A C   1 
ATOM   88  O  O   . GLY A 1 13 ? 10.955  -4.470  6.547   1.00 35.66 ? 13   GLY A O   1 
ATOM   89  N  N   . GLU A 1 14 ? 12.970  -4.715  5.560   1.00 34.83 ? 14   GLU A N   1 
ATOM   90  C  CA  . GLU A 1 14 ? 12.781  -3.641  4.579   1.00 34.00 ? 14   GLU A CA  1 
ATOM   91  C  C   . GLU A 1 14 ? 13.144  -4.082  3.189   1.00 32.50 ? 14   GLU A C   1 
ATOM   92  O  O   . GLU A 1 14 ? 14.251  -4.595  2.978   1.00 32.41 ? 14   GLU A O   1 
ATOM   93  C  CB  . GLU A 1 14 ? 13.752  -2.507  4.832   1.00 34.61 ? 14   GLU A CB  1 
ATOM   94  C  CG  . GLU A 1 14 ? 13.763  -1.853  6.183   1.00 37.09 ? 14   GLU A CG  1 
ATOM   95  C  CD  . GLU A 1 14 ? 14.819  -0.776  6.199   1.00 41.50 ? 14   GLU A CD  1 
ATOM   96  O  OE1 . GLU A 1 14 ? 15.481  -0.538  5.162   1.00 42.95 ? 14   GLU A OE1 1 
ATOM   97  O  OE2 . GLU A 1 14 ? 15.004  -0.159  7.245   1.00 45.47 ? 14   GLU A OE2 1 
ATOM   98  N  N   . SER A 1 15 ? 12.275  -3.767  2.238   1.00 30.29 ? 15   SER A N   1 
ATOM   99  C  CA  . SER A 1 15 ? 12.512  -4.053  0.828   1.00 29.73 ? 15   SER A CA  1 
ATOM   100 C  C   . SER A 1 15 ? 12.136  -2.882  -0.061  1.00 27.63 ? 15   SER A C   1 
ATOM   101 O  O   . SER A 1 15 ? 11.424  -1.986  0.363   1.00 28.34 ? 15   SER A O   1 
ATOM   102 C  CB  . SER A 1 15 ? 11.699  -5.266  0.386   1.00 29.23 ? 15   SER A CB  1 
ATOM   103 O  OG  . SER A 1 15 ? 11.966  -6.361  1.235   1.00 33.89 ? 15   SER A OG  1 
ATOM   104 N  N   . SER A 1 16 ? 12.627  -2.911  -1.296  1.00 25.33 ? 16   SER A N   1 
ATOM   105 C  CA  . SER A 1 16 ? 12.232  -1.954  -2.329  1.00 22.76 ? 16   SER A CA  1 
ATOM   106 C  C   . SER A 1 16 ? 11.887  -2.723  -3.588  1.00 21.69 ? 16   SER A C   1 
ATOM   107 O  O   . SER A 1 16 ? 12.624  -3.618  -4.008  1.00 20.66 ? 16   SER A O   1 
ATOM   108 C  CB  . SER A 1 16 ? 13.362  -0.968  -2.616  1.00 22.75 ? 16   SER A CB  1 
ATOM   109 O  OG  . SER A 1 16 ? 13.519  -0.094  -1.505  1.00 25.11 ? 16   SER A OG  1 
ATOM   110 N  N   . ILE A 1 17 ? 10.759  -2.366  -4.187  1.00 20.53 ? 17   ILE A N   1 
ATOM   111 C  CA  . ILE A 1 17 ? 10.273  -2.987  -5.415  1.00 19.85 ? 17   ILE A CA  1 
ATOM   112 C  C   . ILE A 1 17 ? 9.977   -1.895  -6.427  1.00 21.40 ? 17   ILE A C   1 
ATOM   113 O  O   . ILE A 1 17 ? 9.730   -0.735  -6.043  1.00 21.20 ? 17   ILE A O   1 
ATOM   114 C  CB  . ILE A 1 17 ? 8.995   -3.794  -5.149  1.00 19.97 ? 17   ILE A CB  1 
ATOM   115 C  CG1 . ILE A 1 17 ? 7.860   -2.904  -4.619  1.00 17.55 ? 17   ILE A CG1 1 
ATOM   116 C  CG2 . ILE A 1 17 ? 9.236   -4.866  -4.079  1.00 21.19 ? 17   ILE A CG2 1 
ATOM   117 C  CD1 . ILE A 1 17 ? 6.500   -3.680  -4.574  1.00 20.95 ? 17   ILE A CD1 1 
ATOM   118 N  N   . GLU A 1 18 ? 9.996   -2.262  -7.711  1.00 20.90 ? 18   GLU A N   1 
ATOM   119 C  CA  . GLU A 1 18 ? 9.551   -1.369  -8.783  1.00 20.83 ? 18   GLU A CA  1 
ATOM   120 C  C   . GLU A 1 18 ? 8.075   -1.573  -9.053  1.00 20.32 ? 18   GLU A C   1 
ATOM   121 O  O   . GLU A 1 18 ? 7.624   -2.730  -9.152  1.00 21.11 ? 18   GLU A O   1 
ATOM   122 C  CB  . GLU A 1 18 ? 10.306  -1.654  -10.077 1.00 21.47 ? 18   GLU A CB  1 
ATOM   123 C  CG  . GLU A 1 18 ? 11.688  -1.028  -10.108 1.00 26.14 ? 18   GLU A CG  1 
ATOM   124 C  CD  . GLU A 1 18 ? 11.651  0.458   -9.793  1.00 30.91 ? 18   GLU A CD  1 
ATOM   125 O  OE1 . GLU A 1 18 ? 11.033  1.242   -10.576 1.00 33.70 ? 18   GLU A OE1 1 
ATOM   126 O  OE2 . GLU A 1 18 ? 12.234  0.835   -8.744  1.00 33.07 ? 18   GLU A OE2 1 
ATOM   127 N  N   . CYS A 1 19 ? 7.331   -0.467  -9.202  1.00 19.07 ? 19   CYS A N   1 
ATOM   128 C  CA  . CYS A 1 19 ? 5.885   -0.556  -9.398  1.00 18.19 ? 19   CYS A CA  1 
ATOM   129 C  C   . CYS A 1 19 ? 5.449   0.517   -10.394 1.00 18.02 ? 19   CYS A C   1 
ATOM   130 O  O   . CYS A 1 19 ? 5.661   1.691   -10.153 1.00 16.80 ? 19   CYS A O   1 
ATOM   131 C  CB  . CYS A 1 19 ? 5.137   -0.385  -8.041  1.00 17.90 ? 19   CYS A CB  1 
ATOM   132 S  SG  . CYS A 1 19 ? 3.320   -0.534  -8.156  1.00 15.67 ? 19   CYS A SG  1 
ATOM   133 N  N   . SER A 1 20 ? 4.862   0.107   -11.533 1.00 18.03 ? 20   SER A N   1 
ATOM   134 C  CA  . SER A 1 20 ? 4.363   1.046   -12.534 1.00 18.27 ? 20   SER A CA  1 
ATOM   135 C  C   . SER A 1 20 ? 3.257   1.883   -11.949 1.00 17.38 ? 20   SER A C   1 
ATOM   136 O  O   . SER A 1 20 ? 2.572   1.449   -11.055 1.00 16.62 ? 20   SER A O   1 
ATOM   137 C  CB  . SER A 1 20 ? 3.736   0.300   -13.703 1.00 19.06 ? 20   SER A CB  1 
ATOM   138 O  OG  . SER A 1 20 ? 4.588   -0.767  -14.087 1.00 27.65 ? 20   SER A OG  1 
ATOM   139 N  N   . ASP A 1 21 ? 3.048   3.062   -12.508 1.00 17.22 ? 21   ASP A N   1 
ATOM   140 C  CA  . ASP A 1 21 ? 1.935   3.894   -12.070 1.00 17.42 ? 21   ASP A CA  1 
ATOM   141 C  C   . ASP A 1 21 ? 0.561   3.261   -12.333 1.00 16.59 ? 21   ASP A C   1 
ATOM   142 O  O   . ASP A 1 21 ? -0.451  3.736   -11.841 1.00 17.54 ? 21   ASP A O   1 
ATOM   143 C  CB  . ASP A 1 21 ? 2.047   5.294   -12.699 1.00 17.48 ? 21   ASP A CB  1 
ATOM   144 C  CG  . ASP A 1 21 ? 1.993   5.295   -14.217 1.00 19.86 ? 21   ASP A CG  1 
ATOM   145 O  OD1 . ASP A 1 21 ? 1.613   4.290   -14.883 1.00 18.77 ? 21   ASP A OD1 1 
ATOM   146 O  OD2 . ASP A 1 21 ? 2.344   6.315   -14.849 1.00 21.55 ? 21   ASP A OD2 1 
ATOM   147 N  N   . ASP A 1 22 ? 0.518   2.215   -13.142 1.00 15.89 ? 22   ASP A N   1 
ATOM   148 C  CA  . ASP A 1 22 ? -0.734  1.516   -13.325 1.00 16.12 ? 22   ASP A CA  1 
ATOM   149 C  C   . ASP A 1 22 ? -0.777  0.093   -12.748 1.00 16.02 ? 22   ASP A C   1 
ATOM   150 O  O   . ASP A 1 22 ? -1.551  -0.766  -13.219 1.00 15.76 ? 22   ASP A O   1 
ATOM   151 C  CB  . ASP A 1 22 ? -1.130  1.547   -14.795 1.00 16.46 ? 22   ASP A CB  1 
ATOM   152 C  CG  . ASP A 1 22 ? -0.237  0.710   -15.658 1.00 18.55 ? 22   ASP A CG  1 
ATOM   153 O  OD1 . ASP A 1 22 ? 0.819   0.216   -15.196 1.00 18.87 ? 22   ASP A OD1 1 
ATOM   154 O  OD2 . ASP A 1 22 ? -0.533  0.495   -16.851 1.00 19.30 ? 22   ASP A OD2 1 
ATOM   155 N  N   . THR A 1 23 ? 0.080   -0.149  -11.755 1.00 14.41 ? 23   THR A N   1 
ATOM   156 C  CA  . THR A 1 23 ? 0.055   -1.386  -11.012 1.00 14.56 ? 23   THR A CA  1 
ATOM   157 C  C   . THR A 1 23 ? -0.251  -1.010  -9.552  1.00 14.45 ? 23   THR A C   1 
ATOM   158 O  O   . THR A 1 23 ? 0.358   -0.100  -9.010  1.00 15.80 ? 23   THR A O   1 
ATOM   159 C  CB  . THR A 1 23 ? 1.422   -2.109  -11.121 1.00 14.68 ? 23   THR A CB  1 
ATOM   160 O  OG1 . THR A 1 23 ? 1.701   -2.476  -12.482 1.00 14.34 ? 23   THR A OG1 1 
ATOM   161 C  CG2 . THR A 1 23 ? 1.402   -3.442  -10.361 1.00 17.04 ? 23   THR A CG2 1 
ATOM   162 N  N   . TYR A 1 24 ? -1.196  -1.714  -8.927  1.00 15.63 ? 24   TYR A N   1 
ATOM   163 C  CA  . TYR A 1 24 ? -1.394  -1.551  -7.498  1.00 15.39 ? 24   TYR A CA  1 
ATOM   164 C  C   . TYR A 1 24 ? -0.190  -2.037  -6.682  1.00 15.42 ? 24   TYR A C   1 
ATOM   165 O  O   . TYR A 1 24 ? 0.500   -3.015  -7.034  1.00 15.73 ? 24   TYR A O   1 
ATOM   166 C  CB  . TYR A 1 24 ? -2.591  -2.388  -7.081  1.00 15.13 ? 24   TYR A CB  1 
ATOM   167 C  CG  . TYR A 1 24 ? -3.902  -1.984  -7.659  1.00 14.39 ? 24   TYR A CG  1 
ATOM   168 C  CD1 . TYR A 1 24 ? -4.380  -0.659  -7.553  1.00 19.54 ? 24   TYR A CD1 1 
ATOM   169 C  CD2 . TYR A 1 24 ? -4.740  -2.961  -8.203  1.00 18.65 ? 24   TYR A CD2 1 
ATOM   170 C  CE1 . TYR A 1 24 ? -5.664  -0.324  -8.046  1.00 20.12 ? 24   TYR A CE1 1 
ATOM   171 C  CE2 . TYR A 1 24 ? -5.989  -2.650  -8.670  1.00 20.76 ? 24   TYR A CE2 1 
ATOM   172 C  CZ  . TYR A 1 24 ? -6.454  -1.345  -8.588  1.00 19.60 ? 24   TYR A CZ  1 
ATOM   173 O  OH  . TYR A 1 24 ? -7.721  -1.086  -9.070  1.00 20.23 ? 24   TYR A OH  1 
ATOM   174 N  N   . ILE A 1 25 ? 0.045   -1.385  -5.567  1.00 15.54 ? 25   ILE A N   1 
ATOM   175 C  CA  . ILE A 1 25 ? 1.209   -1.686  -4.760  1.00 16.33 ? 25   ILE A CA  1 
ATOM   176 C  C   . ILE A 1 25 ? 1.213   -3.144  -4.306  1.00 15.87 ? 25   ILE A C   1 
ATOM   177 O  O   . ILE A 1 25 ? 2.250   -3.776  -4.342  1.00 15.13 ? 25   ILE A O   1 
ATOM   178 C  CB  . ILE A 1 25 ? 1.275   -0.708  -3.581  1.00 16.98 ? 25   ILE A CB  1 
ATOM   179 C  CG1 . ILE A 1 25 ? 1.894   0.599   -4.111  1.00 19.45 ? 25   ILE A CG1 1 
ATOM   180 C  CG2 . ILE A 1 25 ? 2.152   -1.245  -2.482  1.00 17.18 ? 25   ILE A CG2 1 
ATOM   181 C  CD1 . ILE A 1 25 ? 1.520   1.744   -3.346  1.00 27.18 ? 25   ILE A CD1 1 
ATOM   182 N  N   . LEU A 1 26 ? 0.052   -3.667  -3.888  1.00 13.98 ? 26   LEU A N   1 
ATOM   183 C  CA  . LEU A 1 26 ? -0.026  -5.070  -3.475  1.00 15.82 ? 26   LEU A CA  1 
ATOM   184 C  C   . LEU A 1 26 ? 0.368   -5.993  -4.613  1.00 15.16 ? 26   LEU A C   1 
ATOM   185 O  O   . LEU A 1 26 ? 1.094   -6.975  -4.432  1.00 16.34 ? 26   LEU A O   1 
ATOM   186 C  CB  . LEU A 1 26 ? -1.461  -5.406  -3.062  1.00 15.21 ? 26   LEU A CB  1 
ATOM   187 C  CG  . LEU A 1 26 ? -1.715  -6.876  -2.661  1.00 17.15 ? 26   LEU A CG  1 
ATOM   188 C  CD1 . LEU A 1 26 ? -0.835  -7.348  -1.494  1.00 16.85 ? 26   LEU A CD1 1 
ATOM   189 C  CD2 . LEU A 1 26 ? -3.205  -7.129  -2.363  1.00 17.39 ? 26   LEU A CD2 1 
ATOM   190 N  N   . ASP A 1 27 ? -0.114  -5.677  -5.809  1.00 15.90 ? 27   ASP A N   1 
ATOM   191 C  CA  . ASP A 1 27 ? 0.188   -6.531  -6.950  1.00 15.90 ? 27   ASP A CA  1 
ATOM   192 C  C   . ASP A 1 27 ? 1.679   -6.502  -7.272  1.00 15.58 ? 27   ASP A C   1 
ATOM   193 O  O   . ASP A 1 27 ? 2.309   -7.543  -7.581  1.00 15.54 ? 27   ASP A O   1 
ATOM   194 C  CB  . ASP A 1 27 ? -0.603  -6.085  -8.158  1.00 16.50 ? 27   ASP A CB  1 
ATOM   195 C  CG  . ASP A 1 27 ? -2.076  -6.454  -8.073  1.00 21.26 ? 27   ASP A CG  1 
ATOM   196 O  OD1 . ASP A 1 27 ? -2.418  -7.528  -7.508  1.00 27.15 ? 27   ASP A OD1 1 
ATOM   197 O  OD2 . ASP A 1 27 ? -2.948  -5.777  -8.630  1.00 22.56 ? 27   ASP A OD2 1 
ATOM   198 N  N   . ALA A 1 28 ? 2.246   -5.299  -7.255  1.00 15.21 ? 28   ALA A N   1 
ATOM   199 C  CA  . ALA A 1 28 ? 3.673   -5.188  -7.454  1.00 14.63 ? 28   ALA A CA  1 
ATOM   200 C  C   . ALA A 1 28 ? 4.443   -5.999  -6.403  1.00 16.13 ? 28   ALA A C   1 
ATOM   201 O  O   . ALA A 1 28 ? 5.447   -6.669  -6.742  1.00 15.14 ? 28   ALA A O   1 
ATOM   202 C  CB  . ALA A 1 28 ? 4.135   -3.725  -7.527  1.00 15.77 ? 28   ALA A CB  1 
ATOM   203 N  N   . ALA A 1 29 ? 3.966   -5.992  -5.154  1.00 15.98 ? 29   ALA A N   1 
ATOM   204 C  CA  . ALA A 1 29 ? 4.700   -6.684  -4.101  1.00 16.79 ? 29   ALA A CA  1 
ATOM   205 C  C   . ALA A 1 29 ? 4.631   -8.194  -4.334  1.00 15.99 ? 29   ALA A C   1 
ATOM   206 O  O   . ALA A 1 29 ? 5.632   -8.901  -4.193  1.00 15.84 ? 29   ALA A O   1 
ATOM   207 C  CB  . ALA A 1 29 ? 4.139   -6.291  -2.724  1.00 16.69 ? 29   ALA A CB  1 
ATOM   208 N  N   . GLU A 1 30 ? 3.439   -8.694  -4.697  1.00 15.97 ? 30   GLU A N   1 
ATOM   209 C  CA  . GLU A 1 30 ? 3.284   -10.106 -5.050  1.00 15.48 ? 30   GLU A CA  1 
ATOM   210 C  C   . GLU A 1 30 ? 4.144   -10.530 -6.253  1.00 13.40 ? 30   GLU A C   1 
ATOM   211 O  O   . GLU A 1 30 ? 4.767   -11.598 -6.252  1.00 12.87 ? 30   GLU A O   1 
ATOM   212 C  CB  . GLU A 1 30 ? 1.811   -10.407 -5.263  1.00 13.94 ? 30   GLU A CB  1 
ATOM   213 C  CG  . GLU A 1 30 ? 1.045   -10.227 -3.973  1.00 16.20 ? 30   GLU A CG  1 
ATOM   214 C  CD  . GLU A 1 30 ? -0.444  -10.372 -4.145  1.00 18.81 ? 30   GLU A CD  1 
ATOM   215 O  OE1 . GLU A 1 30 ? -0.911  -10.155 -5.282  1.00 20.01 ? 30   GLU A OE1 1 
ATOM   216 O  OE2 . GLU A 1 30 ? -1.147  -10.684 -3.140  1.00 19.01 ? 30   GLU A OE2 1 
ATOM   217 N  N   . GLU A 1 31 ? 4.235   -9.663  -7.252  1.00 12.68 ? 31   GLU A N   1 
ATOM   218 C  CA  . GLU A 1 31 ? 5.068   -9.987  -8.422  1.00 13.16 ? 31   GLU A CA  1 
ATOM   219 C  C   . GLU A 1 31 ? 6.516   -10.185 -8.008  1.00 13.71 ? 31   GLU A C   1 
ATOM   220 O  O   . GLU A 1 31 ? 7.219   -11.105 -8.493  1.00 11.64 ? 31   GLU A O   1 
ATOM   221 C  CB  . GLU A 1 31 ? 4.950   -8.928  -9.502  1.00 14.33 ? 31   GLU A CB  1 
ATOM   222 C  CG  . GLU A 1 31 ? 3.609   -8.877  -10.185 1.00 15.74 ? 31   GLU A CG  1 
ATOM   223 C  CD  . GLU A 1 31 ? 3.550   -7.880  -11.340 1.00 22.16 ? 31   GLU A CD  1 
ATOM   224 O  OE1 . GLU A 1 31 ? 4.516   -7.104  -11.556 1.00 16.71 ? 31   GLU A OE1 1 
ATOM   225 O  OE2 . GLU A 1 31 ? 2.526   -7.903  -12.046 1.00 22.45 ? 31   GLU A OE2 1 
ATOM   226 N  N   . ALA A 1 32 ? 6.953   -9.356  -7.060  1.00 13.82 ? 32   ALA A N   1 
ATOM   227 C  CA  . ALA A 1 32 ? 8.345   -9.450  -6.619  1.00 13.93 ? 32   ALA A CA  1 
ATOM   228 C  C   . ALA A 1 32 ? 8.550   -10.751 -5.863  1.00 13.89 ? 32   ALA A C   1 
ATOM   229 O  O   . ALA A 1 32 ? 9.669   -11.253 -5.814  1.00 13.69 ? 32   ALA A O   1 
ATOM   230 C  CB  . ALA A 1 32 ? 8.710   -8.266  -5.752  1.00 14.87 ? 32   ALA A CB  1 
ATOM   231 N  N   . GLY A 1 33 ? 7.480   -11.251 -5.248  1.00 14.05 ? 33   GLY A N   1 
ATOM   232 C  CA  . GLY A 1 33 ? 7.533   -12.525 -4.505  1.00 13.71 ? 33   GLY A CA  1 
ATOM   233 C  C   . GLY A 1 33 ? 7.248   -12.419 -3.013  1.00 15.68 ? 33   GLY A C   1 
ATOM   234 O  O   . GLY A 1 33 ? 7.307   -13.418 -2.270  1.00 15.37 ? 33   GLY A O   1 
ATOM   235 N  N   . LEU A 1 34 ? 6.927   -11.214 -2.580  1.00 15.59 ? 34   LEU A N   1 
ATOM   236 C  CA  . LEU A 1 34 ? 6.587   -10.953 -1.182  1.00 17.34 ? 34   LEU A CA  1 
ATOM   237 C  C   . LEU A 1 34 ? 5.167   -11.412 -0.867  1.00 18.03 ? 34   LEU A C   1 
ATOM   238 O  O   . LEU A 1 34 ? 4.332   -11.584 -1.762  1.00 17.36 ? 34   LEU A O   1 
ATOM   239 C  CB  . LEU A 1 34 ? 6.729   -9.473  -0.844  1.00 17.49 ? 34   LEU A CB  1 
ATOM   240 C  CG  . LEU A 1 34 ? 8.037   -8.763  -1.235  1.00 21.16 ? 34   LEU A CG  1 
ATOM   241 C  CD1 . LEU A 1 34 ? 7.835   -7.256  -1.197  1.00 25.42 ? 34   LEU A CD1 1 
ATOM   242 C  CD2 . LEU A 1 34 ? 9.189   -9.172  -0.331  1.00 24.86 ? 34   LEU A CD2 1 
ATOM   243 N  N   . ASP A 1 35 ? 4.912   -11.591 0.424   1.00 17.43 ? 35   ASP A N   1 
ATOM   244 C  CA  . ASP A 1 35 ? 3.625   -12.081 0.909   1.00 18.28 ? 35   ASP A CA  1 
ATOM   245 C  C   . ASP A 1 35 ? 3.061   -10.999 1.830   1.00 18.26 ? 35   ASP A C   1 
ATOM   246 O  O   . ASP A 1 35 ? 3.342   -10.994 3.018   1.00 20.62 ? 35   ASP A O   1 
ATOM   247 C  CB  . ASP A 1 35 ? 3.891   -13.393 1.670   1.00 19.13 ? 35   ASP A CB  1 
ATOM   248 C  CG  . ASP A 1 35 ? 2.638   -14.091 2.155   1.00 21.86 ? 35   ASP A CG  1 
ATOM   249 O  OD1 . ASP A 1 35 ? 1.521   -13.839 1.648   1.00 25.02 ? 35   ASP A OD1 1 
ATOM   250 O  OD2 . ASP A 1 35 ? 2.697   -14.927 3.083   1.00 23.75 ? 35   ASP A OD2 1 
ATOM   251 N  N   . LEU A 1 36 ? 2.316   -10.058 1.270   1.00 16.38 ? 36   LEU A N   1 
ATOM   252 C  CA  . LEU A 1 36 ? 1.622   -9.045  2.072   1.00 15.50 ? 36   LEU A CA  1 
ATOM   253 C  C   . LEU A 1 36 ? 0.169   -9.509  2.284   1.00 14.75 ? 36   LEU A C   1 
ATOM   254 O  O   . LEU A 1 36 ? -0.383  -10.264 1.472   1.00 15.32 ? 36   LEU A O   1 
ATOM   255 C  CB  . LEU A 1 36 ? 1.649   -7.708  1.328   1.00 15.69 ? 36   LEU A CB  1 
ATOM   256 C  CG  . LEU A 1 36 ? 3.035   -7.178  0.952   1.00 15.92 ? 36   LEU A CG  1 
ATOM   257 C  CD1 . LEU A 1 36 ? 2.815   -5.747  0.479   1.00 17.09 ? 36   LEU A CD1 1 
ATOM   258 C  CD2 . LEU A 1 36 ? 3.993   -7.239  2.166   1.00 19.31 ? 36   LEU A CD2 1 
ATOM   259 N  N   . PRO A 1 37 ? -0.460  -9.066  3.356   1.00 14.26 ? 37   PRO A N   1 
ATOM   260 C  CA  . PRO A 1 37 ? -1.818  -9.527  3.693   1.00 15.15 ? 37   PRO A CA  1 
ATOM   261 C  C   . PRO A 1 37 ? -2.887  -8.973  2.746   1.00 15.13 ? 37   PRO A C   1 
ATOM   262 O  O   . PRO A 1 37 ? -2.712  -7.886  2.192   1.00 14.75 ? 37   PRO A O   1 
ATOM   263 C  CB  . PRO A 1 37 ? -2.027  -8.983  5.127   1.00 14.74 ? 37   PRO A CB  1 
ATOM   264 C  CG  . PRO A 1 37 ? -1.126  -7.767  5.210   1.00 15.65 ? 37   PRO A CG  1 
ATOM   265 C  CD  . PRO A 1 37 ? 0.086   -8.128  4.350   1.00 14.40 ? 37   PRO A CD  1 
ATOM   266 N  N   . TYR A 1 38 ? -3.982  -9.712  2.562   1.00 14.38 ? 38   TYR A N   1 
ATOM   267 C  CA  . TYR A 1 38 ? -5.128  -9.215  1.789   1.00 15.15 ? 38   TYR A CA  1 
ATOM   268 C  C   . TYR A 1 38 ? -6.318  -10.136 1.989   1.00 15.51 ? 38   TYR A C   1 
ATOM   269 O  O   . TYR A 1 38 ? -6.166  -11.287 2.433   1.00 14.38 ? 38   TYR A O   1 
ATOM   270 C  CB  . TYR A 1 38 ? -4.801  -9.120  0.283   1.00 15.83 ? 38   TYR A CB  1 
ATOM   271 C  CG  . TYR A 1 38 ? -4.580  -10.485 -0.276  1.00 17.72 ? 38   TYR A CG  1 
ATOM   272 C  CD1 . TYR A 1 38 ? -5.664  -11.296 -0.620  1.00 18.40 ? 38   TYR A CD1 1 
ATOM   273 C  CD2 . TYR A 1 38 ? -3.290  -11.005 -0.387  1.00 19.01 ? 38   TYR A CD2 1 
ATOM   274 C  CE1 . TYR A 1 38 ? -5.463  -12.555 -1.106  1.00 18.00 ? 38   TYR A CE1 1 
ATOM   275 C  CE2 . TYR A 1 38 ? -3.086  -12.276 -0.859  1.00 21.39 ? 38   TYR A CE2 1 
ATOM   276 C  CZ  . TYR A 1 38 ? -4.174  -13.042 -1.219  1.00 20.08 ? 38   TYR A CZ  1 
ATOM   277 O  OH  . TYR A 1 38 ? -3.979  -14.303 -1.714  1.00 21.89 ? 38   TYR A OH  1 
ATOM   278 N  N   . SER A 1 39 ? -7.495  -9.627  1.627   1.00 14.74 ? 39   SER A N   1 
ATOM   279 C  CA  . SER A 1 39 ? -8.703  -10.395 1.626   1.00 15.22 ? 39   SER A CA  1 
ATOM   280 C  C   . SER A 1 39 ? -9.505  -10.021 0.387   1.00 14.73 ? 39   SER A C   1 
ATOM   281 O  O   . SER A 1 39 ? -9.442  -10.704 -0.613  1.00 14.45 ? 39   SER A O   1 
ATOM   282 C  CB  . SER A 1 39 ? -9.533  -10.049 2.869   1.00 14.79 ? 39   SER A CB  1 
ATOM   283 O  OG  . SER A 1 39 ? -9.983  -11.223 3.479   1.00 18.57 ? 39   SER A OG  1 
ATOM   284 N  N   . CYS A 1 40 ? -10.263 -8.922  0.473   1.00 13.71 ? 40   CYS A N   1 
ATOM   285 C  CA  . CYS A 1 40 ? -11.220 -8.583  -0.581  1.00 14.63 ? 40   CYS A CA  1 
ATOM   286 C  C   . CYS A 1 40 ? -10.567 -8.198  -1.902  1.00 15.23 ? 40   CYS A C   1 
ATOM   287 O  O   . CYS A 1 40 ? -11.155 -8.370  -2.967  1.00 15.78 ? 40   CYS A O   1 
ATOM   288 C  CB  . CYS A 1 40 ? -12.204 -7.492  -0.093  1.00 14.55 ? 40   CYS A CB  1 
ATOM   289 S  SG  . CYS A 1 40 ? -11.492 -5.852  0.131   1.00 14.65 ? 40   CYS A SG  1 
ATOM   290 N  N   . ARG A 1 41 ? -9.349  -7.683  -1.809  1.00 15.15 ? 41   ARG A N   1 
ATOM   291 C  CA  . ARG A 1 41 ? -8.665  -7.008  -2.915  1.00 17.26 ? 41   ARG A CA  1 
ATOM   292 C  C   . ARG A 1 41 ? -9.519  -5.987  -3.680  1.00 17.81 ? 41   ARG A C   1 
ATOM   293 O  O   . ARG A 1 41 ? -9.316  -5.788  -4.894  1.00 19.20 ? 41   ARG A O   1 
ATOM   294 C  CB  . ARG A 1 41 ? -8.053  -8.025  -3.887  1.00 16.29 ? 41   ARG A CB  1 
ATOM   295 C  CG  . ARG A 1 41 ? -7.256  -9.119  -3.191  1.00 18.32 ? 41   ARG A CG  1 
ATOM   296 C  CD  . ARG A 1 41 ? -6.658  -10.172 -4.168  1.00 20.95 ? 41   ARG A CD  1 
ATOM   297 N  NE  . ARG A 1 41 ? -5.662  -9.541  -4.995  1.00 22.27 ? 41   ARG A NE  1 
ATOM   298 C  CZ  . ARG A 1 41 ? -4.353  -9.679  -4.830  1.00 23.49 ? 41   ARG A CZ  1 
ATOM   299 N  NH1 . ARG A 1 41 ? -3.870  -10.469 -3.882  1.00 24.32 ? 41   ARG A NH1 1 
ATOM   300 N  NH2 . ARG A 1 41 ? -3.518  -9.039  -5.633  1.00 23.20 ? 41   ARG A NH2 1 
ATOM   301 N  N   . ALA A 1 42 ? -10.457 -5.334  -3.002  1.00 17.04 ? 42   ALA A N   1 
ATOM   302 C  CA  . ALA A 1 42 ? -11.364 -4.439  -3.711  1.00 16.98 ? 42   ALA A CA  1 
ATOM   303 C  C   . ALA A 1 42 ? -11.571 -3.104  -2.988  1.00 17.48 ? 42   ALA A C   1 
ATOM   304 O  O   . ALA A 1 42 ? -12.496 -2.350  -3.314  1.00 17.58 ? 42   ALA A O   1 
ATOM   305 C  CB  . ALA A 1 42 ? -12.723 -5.158  -3.977  1.00 17.42 ? 42   ALA A CB  1 
ATOM   306 N  N   . GLY A 1 43 ? -10.712 -2.816  -2.009  1.00 16.33 ? 43   GLY A N   1 
ATOM   307 C  CA  . GLY A 1 43 ? -10.744 -1.550  -1.290  1.00 16.36 ? 43   GLY A CA  1 
ATOM   308 C  C   . GLY A 1 43 ? -11.818 -1.427  -0.220  1.00 15.55 ? 43   GLY A C   1 
ATOM   309 O  O   . GLY A 1 43 ? -12.090 -0.336  0.256   1.00 15.19 ? 43   GLY A O   1 
ATOM   310 N  N   . ALA A 1 44 ? -12.427 -2.544  0.167   1.00 14.29 ? 44   ALA A N   1 
ATOM   311 C  CA  . ALA A 1 44 ? -13.583 -2.524  1.062   1.00 14.71 ? 44   ALA A CA  1 
ATOM   312 C  C   . ALA A 1 44 ? -13.316 -3.084  2.462   1.00 15.46 ? 44   ALA A C   1 
ATOM   313 O  O   . ALA A 1 44 ? -14.254 -3.399  3.192   1.00 15.46 ? 44   ALA A O   1 
ATOM   314 C  CB  . ALA A 1 44 ? -14.783 -3.299  0.413   1.00 14.85 ? 44   ALA A CB  1 
ATOM   315 N  N   . CYS A 1 45 ? -12.055 -3.250  2.836   1.00 16.18 ? 45   CYS A N   1 
ATOM   316 C  CA  . CYS A 1 45 ? -11.748 -3.857  4.139   1.00 16.67 ? 45   CYS A CA  1 
ATOM   317 C  C   . CYS A 1 45 ? -10.460 -3.236  4.663   1.00 17.24 ? 45   CYS A C   1 
ATOM   318 O  O   . CYS A 1 45 ? -10.007 -2.229  4.131   1.00 17.27 ? 45   CYS A O   1 
ATOM   319 C  CB  . CYS A 1 45 ? -11.697 -5.400  4.048   1.00 16.57 ? 45   CYS A CB  1 
ATOM   320 S  SG  . CYS A 1 45 ? -10.147 -6.229  3.547   1.00 17.36 ? 45   CYS A SG  1 
ATOM   321 N  N   . SER A 1 46 ? -9.860  -3.828  5.684   1.00 18.00 ? 46   SER A N   1 
ATOM   322 C  CA  . SER A 1 46 ? -8.624  -3.250  6.221   1.00 17.66 ? 46   SER A CA  1 
ATOM   323 C  C   . SER A 1 46 ? -7.487  -4.269  6.174   1.00 17.58 ? 46   SER A C   1 
ATOM   324 O  O   . SER A 1 46 ? -6.386  -3.990  6.673   1.00 16.86 ? 46   SER A O   1 
ATOM   325 C  CB  . SER A 1 46 ? -8.849  -2.785  7.676   1.00 18.61 ? 46   SER A CB  1 
ATOM   326 O  OG  . SER A 1 46 ? -9.370  -3.843  8.497   1.00 18.17 ? 46   SER A OG  1 
ATOM   327 N  N   . THR A 1 47 ? -7.740  -5.436  5.579   1.00 16.72 ? 47   THR A N   1 
ATOM   328 C  CA  . THR A 1 47 ? -6.744  -6.529  5.601   1.00 16.41 ? 47   THR A CA  1 
ATOM   329 C  C   . THR A 1 47 ? -5.402  -6.058  5.078   1.00 15.70 ? 47   THR A C   1 
ATOM   330 O  O   . THR A 1 47 ? -4.349  -6.380  5.636   1.00 15.23 ? 47   THR A O   1 
ATOM   331 C  CB  . THR A 1 47 ? -7.201  -7.744  4.775   1.00 16.44 ? 47   THR A CB  1 
ATOM   332 O  OG1 . THR A 1 47 ? -8.500  -8.137  5.219   1.00 15.59 ? 47   THR A OG1 1 
ATOM   333 C  CG2 . THR A 1 47 ? -6.329  -8.940  5.084   1.00 15.83 ? 47   THR A CG2 1 
ATOM   334 N  N   . CYS A 1 48 ? -5.447  -5.300  3.999   1.00 16.13 ? 48   CYS A N   1 
ATOM   335 C  CA  . CYS A 1 48 ? -4.223  -4.927  3.266   1.00 16.19 ? 48   CYS A CA  1 
ATOM   336 C  C   . CYS A 1 48 ? -3.628  -3.553  3.698   1.00 16.70 ? 48   CYS A C   1 
ATOM   337 O  O   . CYS A 1 48 ? -2.771  -2.964  3.026   1.00 16.68 ? 48   CYS A O   1 
ATOM   338 C  CB  . CYS A 1 48 ? -4.545  -4.925  1.766   1.00 16.61 ? 48   CYS A CB  1 
ATOM   339 S  SG  . CYS A 1 48 ? -5.589  -3.493  1.381   1.00 14.77 ? 48   CYS A SG  1 
ATOM   340 N  N   . ALA A 1 49 ? -4.096  -3.031  4.825   1.00 17.63 ? 49   ALA A N   1 
ATOM   341 C  CA  . ALA A 1 49 ? -3.757  -1.680  5.264   1.00 16.28 ? 49   ALA A CA  1 
ATOM   342 C  C   . ALA A 1 49 ? -2.245  -1.506  5.415   1.00 16.26 ? 49   ALA A C   1 
ATOM   343 O  O   . ALA A 1 49 ? -1.527  -2.415  5.899   1.00 16.76 ? 49   ALA A O   1 
ATOM   344 C  CB  . ALA A 1 49 ? -4.458  -1.379  6.592   1.00 15.96 ? 49   ALA A CB  1 
ATOM   345 N  N   . GLY A 1 50 ? -1.755  -0.369  4.947   1.00 14.72 ? 50   GLY A N   1 
ATOM   346 C  CA  . GLY A 1 50 ? -0.356  0.007   5.117   1.00 15.12 ? 50   GLY A CA  1 
ATOM   347 C  C   . GLY A 1 50 ? -0.292  1.456   5.585   1.00 16.00 ? 50   GLY A C   1 
ATOM   348 O  O   . GLY A 1 50 ? -1.321  2.120   5.648   1.00 15.23 ? 50   GLY A O   1 
ATOM   349 N  N   . LYS A 1 51 ? 0.895   1.968   5.917   1.00 15.86 ? 51   LYS A N   1 
ATOM   350 C  CA  . LYS A 1 51 ? 0.952   3.379   6.274   1.00 15.62 ? 51   LYS A CA  1 
ATOM   351 C  C   . LYS A 1 51 ? 2.016   4.017   5.410   1.00 15.53 ? 51   LYS A C   1 
ATOM   352 O  O   . LYS A 1 51 ? 3.173   3.592   5.430   1.00 14.51 ? 51   LYS A O   1 
ATOM   353 C  CB  . LYS A 1 51 ? 1.208   3.568   7.787   1.00 16.16 ? 51   LYS A CB  1 
ATOM   354 C  CG  . LYS A 1 51 ? 1.112   5.024   8.282   1.00 17.37 ? 51   LYS A CG  1 
ATOM   355 C  CD  . LYS A 1 51 ? 1.621   5.174   9.734   1.00 20.73 ? 51   LYS A CD  1 
ATOM   356 C  CE  . LYS A 1 51 ? 3.083   4.736   9.825   1.00 23.85 ? 51   LYS A CE  1 
ATOM   357 N  NZ  . LYS A 1 51 ? 3.745   4.802   11.170  1.00 26.84 ? 51   LYS A NZ  1 
ATOM   358 N  N   . ILE A 1 52 ? 1.607   4.984   4.603   1.00 15.30 ? 52   ILE A N   1 
ATOM   359 C  CA  . ILE A 1 52 ? 2.573   5.755   3.811   1.00 16.12 ? 52   ILE A CA  1 
ATOM   360 C  C   . ILE A 1 52 ? 3.308   6.797   4.660   1.00 16.80 ? 52   ILE A C   1 
ATOM   361 O  O   . ILE A 1 52 ? 2.690   7.625   5.349   1.00 15.50 ? 52   ILE A O   1 
ATOM   362 C  CB  . ILE A 1 52 ? 1.899   6.382   2.510   1.00 17.50 ? 52   ILE A CB  1 
ATOM   363 C  CG1 . ILE A 1 52 ? 2.966   7.008   1.572   1.00 18.11 ? 52   ILE A CG1 1 
ATOM   364 C  CG2 . ILE A 1 52 ? 0.849   7.422   2.889   1.00 19.73 ? 52   ILE A CG2 1 
ATOM   365 C  CD1 . ILE A 1 52 ? 2.587   6.899   0.039   1.00 20.18 ? 52   ILE A CD1 1 
ATOM   366 N  N   . THR A 1 53 ? 4.633   6.783   4.597   1.00 15.48 ? 53   THR A N   1 
ATOM   367 C  CA  . THR A 1 53 ? 5.414   7.763   5.350   1.00 17.25 ? 53   THR A CA  1 
ATOM   368 C  C   . THR A 1 53 ? 6.112   8.801   4.452   1.00 16.82 ? 53   THR A C   1 
ATOM   369 O  O   . THR A 1 53 ? 6.494   9.868   4.908   1.00 18.19 ? 53   THR A O   1 
ATOM   370 C  CB  . THR A 1 53 ? 6.444   7.047   6.253   1.00 17.35 ? 53   THR A CB  1 
ATOM   371 O  OG1 . THR A 1 53 ? 7.329   6.275   5.441   1.00 18.10 ? 53   THR A OG1 1 
ATOM   372 C  CG2 . THR A 1 53 ? 5.750   5.966   7.150   1.00 17.12 ? 53   THR A CG2 1 
ATOM   373 N  N   . ALA A 1 54 ? 6.312   8.460   3.186   1.00 16.18 ? 54   ALA A N   1 
ATOM   374 C  CA  . ALA A 1 54 ? 6.919   9.375   2.215   1.00 15.85 ? 54   ALA A CA  1 
ATOM   375 C  C   . ALA A 1 54 ? 6.304   9.076   0.877   1.00 15.10 ? 54   ALA A C   1 
ATOM   376 O  O   . ALA A 1 54 ? 5.917   7.949   0.616   1.00 14.85 ? 54   ALA A O   1 
ATOM   377 C  CB  . ALA A 1 54 ? 8.418   9.204   2.159   1.00 16.75 ? 54   ALA A CB  1 
ATOM   378 N  N   . GLY A 1 55 ? 6.173   10.092  0.037   1.00 15.65 ? 55   GLY A N   1 
ATOM   379 C  CA  . GLY A 1 55 ? 5.622   9.871   -1.290  1.00 15.16 ? 55   GLY A CA  1 
ATOM   380 C  C   . GLY A 1 55 ? 4.116   9.888   -1.254  1.00 15.30 ? 55   GLY A C   1 
ATOM   381 O  O   . GLY A 1 55 ? 3.496   10.212  -0.238  1.00 13.96 ? 55   GLY A O   1 
ATOM   382 N  N   . SER A 1 56 ? 3.514   9.501   -2.373  1.00 14.80 ? 56   SER A N   1 
ATOM   383 C  CA  . SER A 1 56 ? 2.051   9.599   -2.490  1.00 14.86 ? 56   SER A CA  1 
ATOM   384 C  C   . SER A 1 56 ? 1.536   8.445   -3.287  1.00 14.21 ? 56   SER A C   1 
ATOM   385 O  O   . SER A 1 56 ? 2.285   7.862   -4.116  1.00 13.49 ? 56   SER A O   1 
ATOM   386 C  CB  . SER A 1 56 ? 1.699   10.888  -3.234  1.00 15.05 ? 56   SER A CB  1 
ATOM   387 O  OG  . SER A 1 56 ? 2.453   10.981  -4.467  1.00 14.56 ? 56   SER A OG  1 
ATOM   388 N  N   . VAL A 1 57 ? 0.245   8.168   -3.093  1.00 13.76 ? 57   VAL A N   1 
ATOM   389 C  CA  . VAL A 1 57 ? -0.475  7.204   -3.923  1.00 14.67 ? 57   VAL A CA  1 
ATOM   390 C  C   . VAL A 1 57 ? -1.718  7.768   -4.526  1.00 14.52 ? 57   VAL A C   1 
ATOM   391 O  O   . VAL A 1 57 ? -2.168  8.860   -4.163  1.00 14.29 ? 57   VAL A O   1 
ATOM   392 C  CB  . VAL A 1 57 ? -0.904  5.962   -3.132  1.00 15.02 ? 57   VAL A CB  1 
ATOM   393 C  CG1 . VAL A 1 57 ? 0.341   5.263   -2.531  1.00 14.81 ? 57   VAL A CG1 1 
ATOM   394 C  CG2 . VAL A 1 57 ? -1.952  6.321   -2.019  1.00 16.75 ? 57   VAL A CG2 1 
ATOM   395 N  N   . ASP A 1 58 ? -2.277  7.010   -5.466  1.00 14.89 ? 58   ASP A N   1 
ATOM   396 C  CA  . ASP A 1 58 ? -3.642  7.221   -5.912  1.00 15.38 ? 58   ASP A CA  1 
ATOM   397 C  C   . ASP A 1 58 ? -4.426  6.006   -5.446  1.00 15.38 ? 58   ASP A C   1 
ATOM   398 O  O   . ASP A 1 58 ? -4.268  4.897   -6.004  1.00 16.14 ? 58   ASP A O   1 
ATOM   399 C  CB  . ASP A 1 58 ? -3.674  7.319   -7.449  1.00 15.44 ? 58   ASP A CB  1 
ATOM   400 C  CG  . ASP A 1 58 ? -5.069  7.308   -8.025  1.00 18.25 ? 58   ASP A CG  1 
ATOM   401 O  OD1 . ASP A 1 58 ? -6.099  7.396   -7.279  1.00 14.16 ? 58   ASP A OD1 1 
ATOM   402 O  OD2 . ASP A 1 58 ? -5.204  7.249   -9.263  1.00 19.30 ? 58   ASP A OD2 1 
ATOM   403 N  N   . GLN A 1 59 ? -5.200  6.197   -4.376  1.00 14.45 ? 59   GLN A N   1 
ATOM   404 C  CA  . GLN A 1 59 ? -6.075  5.157   -3.867  1.00 14.85 ? 59   GLN A CA  1 
ATOM   405 C  C   . GLN A 1 59 ? -7.575  5.518   -4.028  1.00 14.48 ? 59   GLN A C   1 
ATOM   406 O  O   . GLN A 1 59 ? -8.389  5.260   -3.152  1.00 15.16 ? 59   GLN A O   1 
ATOM   407 C  CB  . GLN A 1 59 ? -5.698  4.800   -2.425  1.00 13.73 ? 59   GLN A CB  1 
ATOM   408 C  CG  . GLN A 1 59 ? -5.922  5.891   -1.382  1.00 14.74 ? 59   GLN A CG  1 
ATOM   409 C  CD  . GLN A 1 59 ? -5.690  5.349   0.001   1.00 17.10 ? 59   GLN A CD  1 
ATOM   410 O  OE1 . GLN A 1 59 ? -5.567  4.120   0.175   1.00 17.85 ? 59   GLN A OE1 1 
ATOM   411 N  NE2 . GLN A 1 59 ? -5.599  6.250   0.991   1.00 16.38 ? 59   GLN A NE2 1 
ATOM   412 N  N   . SER A 1 60 ? -7.924  6.092   -5.168  1.00 15.05 ? 60   SER A N   1 
ATOM   413 C  CA  . SER A 1 60 ? -9.278  6.582   -5.383  1.00 17.45 ? 60   SER A CA  1 
ATOM   414 C  C   . SER A 1 60 ? -10.367 5.503   -5.204  1.00 17.47 ? 60   SER A C   1 
ATOM   415 O  O   . SER A 1 60 ? -11.505 5.814   -4.848  1.00 16.46 ? 60   SER A O   1 
ATOM   416 C  CB  . SER A 1 60 ? -9.381  7.255   -6.736  1.00 18.01 ? 60   SER A CB  1 
ATOM   417 O  OG  . SER A 1 60 ? -9.456  6.290   -7.752  1.00 21.62 ? 60   SER A OG  1 
ATOM   418 N  N   . ASP A 1 61 ? -10.002 4.241   -5.437  1.00 19.03 ? 61   ASP A N   1 
ATOM   419 C  CA  . ASP A 1 61 ? -10.981 3.154   -5.271  1.00 20.97 ? 61   ASP A CA  1 
ATOM   420 C  C   . ASP A 1 61 ? -11.080 2.604   -3.873  1.00 20.36 ? 61   ASP A C   1 
ATOM   421 O  O   . ASP A 1 61 ? -11.895 1.705   -3.621  1.00 21.27 ? 61   ASP A O   1 
ATOM   422 C  CB  . ASP A 1 61 ? -10.755 2.038   -6.280  1.00 21.78 ? 61   ASP A CB  1 
ATOM   423 C  CG  . ASP A 1 61 ? -11.450 2.313   -7.586  1.00 24.06 ? 61   ASP A CG  1 
ATOM   424 O  OD1 . ASP A 1 61 ? -12.411 3.140   -7.617  1.00 26.25 ? 61   ASP A OD1 1 
ATOM   425 O  OD2 . ASP A 1 61 ? -11.107 1.749   -8.636  1.00 25.27 ? 61   ASP A OD2 1 
ATOM   426 N  N   . GLN A 1 62 ? -10.292 3.131   -2.945  1.00 18.76 ? 62   GLN A N   1 
ATOM   427 C  CA  . GLN A 1 62 ? -10.475 2.710   -1.552  1.00 18.34 ? 62   GLN A CA  1 
ATOM   428 C  C   . GLN A 1 62 ? -11.834 3.204   -1.047  1.00 18.69 ? 62   GLN A C   1 
ATOM   429 O  O   . GLN A 1 62 ? -12.269 4.301   -1.423  1.00 18.17 ? 62   GLN A O   1 
ATOM   430 C  CB  . GLN A 1 62 ? -9.324  3.226   -0.665  1.00 17.23 ? 62   GLN A CB  1 
ATOM   431 C  CG  . GLN A 1 62 ? -9.488  4.670   -0.092  1.00 17.77 ? 62   GLN A CG  1 
ATOM   432 C  CD  . GLN A 1 62 ? -10.296 4.714   1.209   1.00 17.01 ? 62   GLN A CD  1 
ATOM   433 O  OE1 . GLN A 1 62 ? -10.905 5.750   1.561   1.00 19.01 ? 62   GLN A OE1 1 
ATOM   434 N  NE2 . GLN A 1 62 ? -10.320 3.593   1.909   1.00 13.29 ? 62   GLN A NE2 1 
ATOM   435 N  N   . SER A 1 63 ? -12.507 2.394   -0.221  1.00 17.97 ? 63   SER A N   1 
ATOM   436 C  CA  . SER A 1 63 ? -13.780 2.826   0.374   1.00 19.00 ? 63   SER A CA  1 
ATOM   437 C  C   . SER A 1 63 ? -13.941 2.405   1.841   1.00 18.76 ? 63   SER A C   1 
ATOM   438 O  O   . SER A 1 63 ? -15.055 2.409   2.371   1.00 22.04 ? 63   SER A O   1 
ATOM   439 C  CB  . SER A 1 63 ? -14.970 2.337   -0.466  1.00 18.72 ? 63   SER A CB  1 
ATOM   440 O  OG  . SER A 1 63 ? -15.050 0.918   -0.470  1.00 20.69 ? 63   SER A OG  1 
ATOM   441 N  N   . PHE A 1 64 ? -12.847 2.033   2.499   1.00 18.51 ? 64   PHE A N   1 
ATOM   442 C  CA  . PHE A 1 64 ? -12.896 1.572   3.886   1.00 18.01 ? 64   PHE A CA  1 
ATOM   443 C  C   . PHE A 1 64 ? -12.372 2.596   4.876   1.00 17.95 ? 64   PHE A C   1 
ATOM   444 O  O   . PHE A 1 64 ? -12.906 2.732   5.973   1.00 17.38 ? 64   PHE A O   1 
ATOM   445 C  CB  . PHE A 1 64 ? -12.120 0.255   4.075   1.00 18.08 ? 64   PHE A CB  1 
ATOM   446 C  CG  . PHE A 1 64 ? -12.336 -0.379  5.437   1.00 19.83 ? 64   PHE A CG  1 
ATOM   447 C  CD1 . PHE A 1 64 ? -13.453 -1.142  5.688   1.00 18.89 ? 64   PHE A CD1 1 
ATOM   448 C  CD2 . PHE A 1 64 ? -11.442 -0.133  6.481   1.00 20.52 ? 64   PHE A CD2 1 
ATOM   449 C  CE1 . PHE A 1 64 ? -13.669 -1.704  6.950   1.00 20.74 ? 64   PHE A CE1 1 
ATOM   450 C  CE2 . PHE A 1 64 ? -11.646 -0.660  7.733   1.00 19.62 ? 64   PHE A CE2 1 
ATOM   451 C  CZ  . PHE A 1 64 ? -12.753 -1.452  7.983   1.00 20.41 ? 64   PHE A CZ  1 
ATOM   452 N  N   . LEU A 1 65 ? -11.322 3.304   4.485   1.00 17.17 ? 65   LEU A N   1 
ATOM   453 C  CA  . LEU A 1 65 ? -10.662 4.235   5.361   1.00 16.57 ? 65   LEU A CA  1 
ATOM   454 C  C   . LEU A 1 65 ? -11.438 5.556   5.478   1.00 17.44 ? 65   LEU A C   1 
ATOM   455 O  O   . LEU A 1 65 ? -11.874 6.137   4.483   1.00 17.26 ? 65   LEU A O   1 
ATOM   456 C  CB  . LEU A 1 65 ? -9.221  4.482   4.862   1.00 15.73 ? 65   LEU A CB  1 
ATOM   457 C  CG  . LEU A 1 65 ? -8.270  3.257   4.710   1.00 13.63 ? 65   LEU A CG  1 
ATOM   458 C  CD1 . LEU A 1 65 ? -7.005  3.708   4.053   1.00 12.75 ? 65   LEU A CD1 1 
ATOM   459 C  CD2 . LEU A 1 65 ? -7.934  2.732   6.092   1.00 13.96 ? 65   LEU A CD2 1 
ATOM   460 N  N   . ASP A 1 66 ? -11.587 6.041   6.698   1.00 18.88 ? 66   ASP A N   1 
ATOM   461 C  CA  . ASP A 1 66 ? -12.167 7.373   6.900   1.00 19.75 ? 66   ASP A CA  1 
ATOM   462 C  C   . ASP A 1 66 ? -11.137 8.508   6.705   1.00 20.27 ? 66   ASP A C   1 
ATOM   463 O  O   . ASP A 1 66 ? -9.944  8.261   6.538   1.00 19.00 ? 66   ASP A O   1 
ATOM   464 C  CB  . ASP A 1 66 ? -12.927 7.468   8.240   1.00 20.61 ? 66   ASP A CB  1 
ATOM   465 C  CG  . ASP A 1 66 ? -12.035 7.347   9.485   1.00 22.40 ? 66   ASP A CG  1 
ATOM   466 O  OD1 . ASP A 1 66 ? -10.867 7.774   9.453   1.00 23.76 ? 66   ASP A OD1 1 
ATOM   467 O  OD2 . ASP A 1 66 ? -12.454 6.860   10.579  1.00 24.19 ? 66   ASP A OD2 1 
ATOM   468 N  N   . ASP A 1 67 ? -11.607 9.755   6.753   1.00 21.17 ? 67   ASP A N   1 
ATOM   469 C  CA  . ASP A 1 67 ? -10.780 10.922  6.412   1.00 22.09 ? 67   ASP A CA  1 
ATOM   470 C  C   . ASP A 1 67 ? -9.598  11.115  7.349   1.00 22.38 ? 67   ASP A C   1 
ATOM   471 O  O   . ASP A 1 67 ? -8.510  11.493  6.913   1.00 23.63 ? 67   ASP A O   1 
ATOM   472 C  CB  . ASP A 1 67 ? -11.639 12.202  6.347   1.00 22.55 ? 67   ASP A CB  1 
ATOM   473 C  CG  . ASP A 1 67 ? -12.719 12.135  5.254   1.00 25.27 ? 67   ASP A CG  1 
ATOM   474 O  OD1 . ASP A 1 67 ? -12.640 11.206  4.400   1.00 25.34 ? 67   ASP A OD1 1 
ATOM   475 O  OD2 . ASP A 1 67 ? -13.667 12.954  5.159   1.00 25.66 ? 67   ASP A OD2 1 
ATOM   476 N  N   . ASP A 1 68 ? -9.813  10.830  8.626   1.00 22.72 ? 68   ASP A N   1 
ATOM   477 C  CA  . ASP A 1 68 ? -8.747  10.924  9.618   1.00 23.38 ? 68   ASP A CA  1 
ATOM   478 C  C   . ASP A 1 68 ? -7.706  9.824   9.421   1.00 22.40 ? 68   ASP A C   1 
ATOM   479 O  O   . ASP A 1 68 ? -6.519  10.067  9.548   1.00 22.30 ? 68   ASP A O   1 
ATOM   480 C  CB  . ASP A 1 68 ? -9.313  10.834  11.023  1.00 23.73 ? 68   ASP A CB  1 
ATOM   481 C  CG  . ASP A 1 68 ? -10.131 12.052  11.406  1.00 26.24 ? 68   ASP A CG  1 
ATOM   482 O  OD1 . ASP A 1 68 ? -9.800  13.182  10.959  1.00 29.62 ? 68   ASP A OD1 1 
ATOM   483 O  OD2 . ASP A 1 68 ? -11.125 11.960  12.158  1.00 24.89 ? 68   ASP A OD2 1 
ATOM   484 N  N   . GLN A 1 69 ? -8.163  8.619   9.109   1.00 22.23 ? 69   GLN A N   1 
ATOM   485 C  CA  . GLN A 1 69 ? -7.245  7.502   8.818   1.00 21.71 ? 69   GLN A CA  1 
ATOM   486 C  C   . GLN A 1 69 ? -6.397  7.814   7.586   1.00 21.63 ? 69   GLN A C   1 
ATOM   487 O  O   . GLN A 1 69 ? -5.183  7.557   7.549   1.00 21.92 ? 69   GLN A O   1 
ATOM   488 C  CB  . GLN A 1 69 ? -8.030  6.213   8.661   1.00 21.83 ? 69   GLN A CB  1 
ATOM   489 C  CG  . GLN A 1 69 ? -8.526  5.643   9.982   1.00 21.90 ? 69   GLN A CG  1 
ATOM   490 C  CD  . GLN A 1 69 ? -9.603  4.615   9.797   1.00 23.24 ? 69   GLN A CD  1 
ATOM   491 O  OE1 . GLN A 1 69 ? -10.222 4.547   8.741   1.00 25.22 ? 69   GLN A OE1 1 
ATOM   492 N  NE2 . GLN A 1 69 ? -9.834  3.797   10.826  1.00 25.19 ? 69   GLN A NE2 1 
ATOM   493 N  N   . ILE A 1 70 ? -7.016  8.437   6.596   1.00 21.28 ? 70   ILE A N   1 
ATOM   494 C  CA  . ILE A 1 70 ? -6.266  8.901   5.444   1.00 21.75 ? 70   ILE A CA  1 
ATOM   495 C  C   . ILE A 1 70 ? -5.235  9.958   5.807   1.00 22.15 ? 70   ILE A C   1 
ATOM   496 O  O   . ILE A 1 70 ? -4.088  9.867   5.371   1.00 21.87 ? 70   ILE A O   1 
ATOM   497 C  CB  . ILE A 1 70 ? -7.223  9.371   4.358   1.00 20.98 ? 70   ILE A CB  1 
ATOM   498 C  CG1 . ILE A 1 70 ? -7.895  8.154   3.734   1.00 21.73 ? 70   ILE A CG1 1 
ATOM   499 C  CG2 . ILE A 1 70 ? -6.511  10.136  3.297   1.00 22.79 ? 70   ILE A CG2 1 
ATOM   500 C  CD1 . ILE A 1 70 ? -9.167  8.522   2.999   1.00 21.37 ? 70   ILE A CD1 1 
ATOM   501 N  N   . GLU A 1 71 ? -5.659  10.941  6.609   1.00 23.27 ? 71   GLU A N   1 
ATOM   502 C  CA  . GLU A 1 71 ? -4.783  12.025  7.068   1.00 23.72 ? 71   GLU A CA  1 
ATOM   503 C  C   . GLU A 1 71 ? -3.528  11.446  7.742   1.00 23.19 ? 71   GLU A C   1 
ATOM   504 O  O   . GLU A 1 71 ? -2.396  11.888  7.474   1.00 23.79 ? 71   GLU A O   1 
ATOM   505 C  CB  . GLU A 1 71 ? -5.573  12.929  8.037   1.00 23.78 ? 71   GLU A CB  1 
ATOM   506 C  CG  . GLU A 1 71 ? -4.772  14.042  8.707   1.00 26.90 ? 71   GLU A CG  1 
ATOM   507 C  CD  . GLU A 1 71 ? -4.308  15.138  7.770   1.00 29.45 ? 71   GLU A CD  1 
ATOM   508 O  OE1 . GLU A 1 71 ? -4.371  14.981  6.540   1.00 31.19 ? 71   GLU A OE1 1 
ATOM   509 O  OE2 . GLU A 1 71 ? -3.837  16.167  8.281   1.00 33.42 ? 71   GLU A OE2 1 
ATOM   510 N  N   . ALA A 1 72 ? -3.737  10.433  8.577   1.00 22.24 ? 72   ALA A N   1 
ATOM   511 C  CA  . ALA A 1 72 ? -2.657  9.730   9.292   1.00 22.07 ? 72   ALA A CA  1 
ATOM   512 C  C   . ALA A 1 72 ? -1.718  8.887   8.425   1.00 21.92 ? 72   ALA A C   1 
ATOM   513 O  O   . ALA A 1 72 ? -0.731  8.328   8.925   1.00 21.82 ? 72   ALA A O   1 
ATOM   514 C  CB  . ALA A 1 72 ? -3.252  8.870   10.430  1.00 21.71 ? 72   ALA A CB  1 
ATOM   515 N  N   . GLY A 1 73 ? -2.041  8.786   7.135   1.00 21.20 ? 73   GLY A N   1 
ATOM   516 C  CA  . GLY A 1 73 ? -1.228  8.060   6.164   1.00 20.20 ? 73   GLY A CA  1 
ATOM   517 C  C   . GLY A 1 73 ? -1.664  6.644   5.806   1.00 19.29 ? 73   GLY A C   1 
ATOM   518 O  O   . GLY A 1 73 ? -0.957  5.945   5.095   1.00 19.66 ? 73   GLY A O   1 
ATOM   519 N  N   . TYR A 1 74 ? -2.834  6.206   6.262   1.00 17.53 ? 74   TYR A N   1 
ATOM   520 C  CA  . TYR A 1 74 ? -3.231  4.839   5.968   1.00 17.31 ? 74   TYR A CA  1 
ATOM   521 C  C   . TYR A 1 74 ? -3.620  4.655   4.510   1.00 15.99 ? 74   TYR A C   1 
ATOM   522 O  O   . TYR A 1 74 ? -4.216  5.543   3.891   1.00 15.42 ? 74   TYR A O   1 
ATOM   523 C  CB  . TYR A 1 74 ? -4.299  4.377   6.966   1.00 16.13 ? 74   TYR A CB  1 
ATOM   524 C  CG  . TYR A 1 74 ? -3.616  4.189   8.288   1.00 17.79 ? 74   TYR A CG  1 
ATOM   525 C  CD1 . TYR A 1 74 ? -2.843  3.044   8.528   1.00 17.59 ? 74   TYR A CD1 1 
ATOM   526 C  CD2 . TYR A 1 74 ? -3.654  5.188   9.260   1.00 19.20 ? 74   TYR A CD2 1 
ATOM   527 C  CE1 . TYR A 1 74 ? -2.161  2.893   9.715   1.00 20.56 ? 74   TYR A CE1 1 
ATOM   528 C  CE2 . TYR A 1 74 ? -3.003  5.041   10.444  1.00 20.30 ? 74   TYR A CE2 1 
ATOM   529 C  CZ  . TYR A 1 74 ? -2.259  3.898   10.674  1.00 20.89 ? 74   TYR A CZ  1 
ATOM   530 O  OH  . TYR A 1 74 ? -1.596  3.753   11.857  1.00 22.57 ? 74   TYR A OH  1 
ATOM   531 N  N   . VAL A 1 75 ? -3.197  3.535   3.945   1.00 15.29 ? 75   VAL A N   1 
ATOM   532 C  CA  . VAL A 1 75 ? -3.525  3.218   2.544   1.00 15.43 ? 75   VAL A CA  1 
ATOM   533 C  C   . VAL A 1 75 ? -3.984  1.775   2.409   1.00 15.88 ? 75   VAL A C   1 
ATOM   534 O  O   . VAL A 1 75 ? -3.578  0.896   3.177   1.00 16.42 ? 75   VAL A O   1 
ATOM   535 C  CB  . VAL A 1 75 ? -2.305  3.441   1.609   1.00 16.49 ? 75   VAL A CB  1 
ATOM   536 C  CG1 . VAL A 1 75 ? -1.914  4.958   1.583   1.00 16.32 ? 75   VAL A CG1 1 
ATOM   537 C  CG2 . VAL A 1 75 ? -1.061  2.716   2.149   1.00 16.20 ? 75   VAL A CG2 1 
ATOM   538 N  N   . LEU A 1 76 ? -4.817  1.528   1.399   1.00 15.09 ? 76   LEU A N   1 
ATOM   539 C  CA  . LEU A 1 76 ? -5.289  0.172   1.217   1.00 14.52 ? 76   LEU A CA  1 
ATOM   540 C  C   . LEU A 1 76 ? -4.420  -0.300  0.057   1.00 13.69 ? 76   LEU A C   1 
ATOM   541 O  O   . LEU A 1 76 ? -4.630  0.144   -1.077  1.00 16.16 ? 76   LEU A O   1 
ATOM   542 C  CB  . LEU A 1 76 ? -6.757  0.212   0.868   1.00 13.07 ? 76   LEU A CB  1 
ATOM   543 C  CG  . LEU A 1 76 ? -7.694  0.561   2.032   1.00 12.08 ? 76   LEU A CG  1 
ATOM   544 C  CD1 . LEU A 1 76 ? -9.167  0.196   1.721   1.00 12.14 ? 76   LEU A CD1 1 
ATOM   545 C  CD2 . LEU A 1 76 ? -7.228  -0.126  3.340   1.00 14.08 ? 76   LEU A CD2 1 
ATOM   546 N  N   . THR A 1 77 ? -3.376  -1.075  0.350   1.00 14.91 ? 77   THR A N   1 
ATOM   547 C  CA  . THR A 1 77 ? -2.398  -1.442  -0.690  1.00 13.78 ? 77   THR A CA  1 
ATOM   548 C  C   . THR A 1 77 ? -2.966  -2.172  -1.889  1.00 13.56 ? 77   THR A C   1 
ATOM   549 O  O   . THR A 1 77 ? -2.336  -2.157  -2.971  1.00 14.25 ? 77   THR A O   1 
ATOM   550 C  CB  . THR A 1 77 ? -1.229  -2.288  -0.152  1.00 14.16 ? 77   THR A CB  1 
ATOM   551 O  OG1 . THR A 1 77 ? -1.766  -3.429  0.562   1.00 15.32 ? 77   THR A OG1 1 
ATOM   552 C  CG2 . THR A 1 77 ? -0.409  -1.458  0.862   1.00 13.90 ? 77   THR A CG2 1 
ATOM   553 N  N   . CYS A 1 78 ? -4.126  -2.775  -1.735  1.00 13.71 ? 78   CYS A N   1 
ATOM   554 C  CA  . CYS A 1 78 ? -4.731  -3.520  -2.861  1.00 14.59 ? 78   CYS A CA  1 
ATOM   555 C  C   . CYS A 1 78 ? -5.362  -2.651  -3.948  1.00 14.41 ? 78   CYS A C   1 
ATOM   556 O  O   . CYS A 1 78 ? -5.607  -3.145  -5.070  1.00 13.76 ? 78   CYS A O   1 
ATOM   557 C  CB  . CYS A 1 78 ? -5.762  -4.558  -2.390  1.00 14.21 ? 78   CYS A CB  1 
ATOM   558 S  SG  . CYS A 1 78 ? -7.298  -3.730  -1.886  1.00 14.81 ? 78   CYS A SG  1 
ATOM   559 N  N   . VAL A 1 79 ? -5.628  -1.386  -3.636  1.00 14.79 ? 79   VAL A N   1 
ATOM   560 C  CA  . VAL A 1 79 ? -6.204  -0.436  -4.588  1.00 13.45 ? 79   VAL A CA  1 
ATOM   561 C  C   . VAL A 1 79 ? -5.384  0.877   -4.696  1.00 13.97 ? 79   VAL A C   1 
ATOM   562 O  O   . VAL A 1 79 ? -5.841  1.875   -5.238  1.00 14.72 ? 79   VAL A O   1 
ATOM   563 C  CB  . VAL A 1 79 ? -7.666  -0.138  -4.303  1.00 14.09 ? 79   VAL A CB  1 
ATOM   564 C  CG1 . VAL A 1 79 ? -8.558  -1.343  -4.719  1.00 15.36 ? 79   VAL A CG1 1 
ATOM   565 C  CG2 . VAL A 1 79 ? -7.874  0.387   -2.858  1.00 13.33 ? 79   VAL A CG2 1 
ATOM   566 N  N   . ALA A 1 80 ? -4.147  0.828   -4.214  1.00 13.31 ? 80   ALA A N   1 
ATOM   567 C  CA  . ALA A 1 80 ? -3.276  2.007   -4.239  1.00 14.23 ? 80   ALA A CA  1 
ATOM   568 C  C   . ALA A 1 80 ? -2.241  1.909   -5.345  1.00 15.00 ? 80   ALA A C   1 
ATOM   569 O  O   . ALA A 1 80 ? -1.463  0.918   -5.407  1.00 14.65 ? 80   ALA A O   1 
ATOM   570 C  CB  . ALA A 1 80 ? -2.592  2.149   -2.894  1.00 14.58 ? 80   ALA A CB  1 
ATOM   571 N  N   . TYR A 1 81 ? -2.221  2.916   -6.226  1.00 14.35 ? 81   TYR A N   1 
ATOM   572 C  CA  . TYR A 1 81 ? -1.205  2.997   -7.249  1.00 14.87 ? 81   TYR A CA  1 
ATOM   573 C  C   . TYR A 1 81 ? -0.193  3.974   -6.688  1.00 15.50 ? 81   TYR A C   1 
ATOM   574 O  O   . TYR A 1 81 ? -0.579  4.964   -6.034  1.00 15.54 ? 81   TYR A O   1 
ATOM   575 C  CB  . TYR A 1 81 ? -1.752  3.608   -8.547  1.00 14.87 ? 81   TYR A CB  1 
ATOM   576 C  CG  . TYR A 1 81 ? -2.792  2.796   -9.274  1.00 15.57 ? 81   TYR A CG  1 
ATOM   577 C  CD1 . TYR A 1 81 ? -4.126  3.216   -9.319  1.00 18.27 ? 81   TYR A CD1 1 
ATOM   578 C  CD2 . TYR A 1 81 ? -2.432  1.628   -9.975  1.00 17.15 ? 81   TYR A CD2 1 
ATOM   579 C  CE1 . TYR A 1 81 ? -5.079  2.495   -10.039 1.00 17.98 ? 81   TYR A CE1 1 
ATOM   580 C  CE2 . TYR A 1 81 ? -3.370  0.899   -10.645 1.00 15.77 ? 81   TYR A CE2 1 
ATOM   581 C  CZ  . TYR A 1 81 ? -4.674  1.347   -10.699 1.00 18.11 ? 81   TYR A CZ  1 
ATOM   582 O  OH  . TYR A 1 81 ? -5.569  0.603   -11.383 1.00 18.29 ? 81   TYR A OH  1 
ATOM   583 N  N   . PRO A 1 82 ? 1.081   3.782   -6.966  1.00 15.24 ? 82   PRO A N   1 
ATOM   584 C  CA  . PRO A 1 82 ? 2.035   4.814   -6.555  1.00 13.97 ? 82   PRO A CA  1 
ATOM   585 C  C   . PRO A 1 82 ? 1.921   6.035   -7.488  1.00 14.71 ? 82   PRO A C   1 
ATOM   586 O  O   . PRO A 1 82 ? 1.642   5.896   -8.704  1.00 14.84 ? 82   PRO A O   1 
ATOM   587 C  CB  . PRO A 1 82 ? 3.385   4.137   -6.729  1.00 14.75 ? 82   PRO A CB  1 
ATOM   588 C  CG  . PRO A 1 82 ? 3.180   3.239   -7.900  1.00 14.59 ? 82   PRO A CG  1 
ATOM   589 C  CD  . PRO A 1 82 ? 1.749   2.660   -7.677  1.00 14.15 ? 82   PRO A CD  1 
ATOM   590 N  N   . THR A 1 83 ? 2.075   7.214   -6.928  1.00 13.28 ? 83   THR A N   1 
ATOM   591 C  CA  . THR A 1 83 ? 2.173   8.412   -7.792  1.00 13.50 ? 83   THR A CA  1 
ATOM   592 C  C   . THR A 1 83 ? 3.495   9.104   -7.642  1.00 14.15 ? 83   THR A C   1 
ATOM   593 O  O   . THR A 1 83 ? 3.719   10.113  -8.306  1.00 12.24 ? 83   THR A O   1 
ATOM   594 C  CB  . THR A 1 83 ? 1.024   9.442   -7.570  1.00 14.26 ? 83   THR A CB  1 
ATOM   595 O  OG1 . THR A 1 83 ? 0.873   9.701   -6.177  1.00 14.56 ? 83   THR A OG1 1 
ATOM   596 C  CG2 . THR A 1 83 ? -0.296  8.853   -7.967  1.00 13.57 ? 83   THR A CG2 1 
ATOM   597 N  N   . SER A 1 84 ? 4.387   8.547   -6.818  1.00 13.78 ? 84   SER A N   1 
ATOM   598 C  CA  . SER A 1 84 ? 5.783   8.998   -6.743  1.00 13.87 ? 84   SER A CA  1 
ATOM   599 C  C   . SER A 1 84 ? 6.506   7.787   -6.156  1.00 14.49 ? 84   SER A C   1 
ATOM   600 O  O   . SER A 1 84 ? 5.852   6.807   -5.746  1.00 15.01 ? 84   SER A O   1 
ATOM   601 C  CB  . SER A 1 84 ? 5.935   10.176  -5.777  1.00 14.84 ? 84   SER A CB  1 
ATOM   602 O  OG  . SER A 1 84 ? 5.603   9.753   -4.459  1.00 14.81 ? 84   SER A OG  1 
ATOM   603 N  N   . ASP A 1 85 ? 7.825   7.869   -6.048  1.00 13.97 ? 85   ASP A N   1 
ATOM   604 C  CA  . ASP A 1 85 ? 8.545   6.919   -5.198  1.00 13.84 ? 85   ASP A CA  1 
ATOM   605 C  C   . ASP A 1 85 ? 8.001   7.102   -3.797  1.00 13.83 ? 85   ASP A C   1 
ATOM   606 O  O   . ASP A 1 85 ? 7.668   8.218   -3.400  1.00 13.17 ? 85   ASP A O   1 
ATOM   607 C  CB  . ASP A 1 85 ? 10.036  7.214   -5.150  1.00 14.17 ? 85   ASP A CB  1 
ATOM   608 C  CG  . ASP A 1 85 ? 10.740  6.982   -6.475  1.00 14.57 ? 85   ASP A CG  1 
ATOM   609 O  OD1 . ASP A 1 85 ? 10.222  6.311   -7.387  1.00 14.26 ? 85   ASP A OD1 1 
ATOM   610 O  OD2 . ASP A 1 85 ? 11.839  7.508   -6.686  1.00 15.47 ? 85   ASP A OD2 1 
ATOM   611 N  N   . CYS A 1 86 ? 7.807   5.997   -3.087  1.00 15.64 ? 86   CYS A N   1 
ATOM   612 C  CA  . CYS A 1 86 ? 7.172   6.086   -1.780  1.00 16.33 ? 86   CYS A CA  1 
ATOM   613 C  C   . CYS A 1 86 ? 7.647   5.016   -0.823  1.00 15.49 ? 86   CYS A C   1 
ATOM   614 O  O   . CYS A 1 86 ? 8.332   4.063   -1.199  1.00 14.85 ? 86   CYS A O   1 
ATOM   615 C  CB  . CYS A 1 86 ? 5.655   6.034   -1.892  1.00 17.53 ? 86   CYS A CB  1 
ATOM   616 S  SG  . CYS A 1 86 ? 5.053   4.630   -2.788  1.00 18.38 ? 86   CYS A SG  1 
ATOM   617 N  N   . THR A 1 87 ? 7.296   5.216   0.433   1.00 14.74 ? 87   THR A N   1 
ATOM   618 C  CA  . THR A 1 87 ? 7.682   4.302   1.488   1.00 14.33 ? 87   THR A CA  1 
ATOM   619 C  C   . THR A 1 87 ? 6.376   3.963   2.202   1.00 15.16 ? 87   THR A C   1 
ATOM   620 O  O   . THR A 1 87 ? 5.645   4.882   2.629   1.00 14.97 ? 87   THR A O   1 
ATOM   621 C  CB  . THR A 1 87 ? 8.640   5.000   2.468   1.00 14.95 ? 87   THR A CB  1 
ATOM   622 O  OG1 . THR A 1 87 ? 9.892   5.310   1.808   1.00 13.05 ? 87   THR A OG1 1 
ATOM   623 C  CG2 . THR A 1 87 ? 9.030   4.017   3.558   1.00 14.37 ? 87   THR A CG2 1 
ATOM   624 N  N   . ILE A 1 88 ? 6.096   2.660   2.332   1.00 16.08 ? 88   ILE A N   1 
ATOM   625 C  CA  . ILE A 1 88 ? 4.850   2.164   2.943   1.00 15.85 ? 88   ILE A CA  1 
ATOM   626 C  C   . ILE A 1 88 ? 5.169   1.085   3.964   1.00 17.11 ? 88   ILE A C   1 
ATOM   627 O  O   . ILE A 1 88 ? 5.881   0.137   3.683   1.00 16.67 ? 88   ILE A O   1 
ATOM   628 C  CB  . ILE A 1 88 ? 3.857   1.650   1.890   1.00 17.81 ? 88   ILE A CB  1 
ATOM   629 C  CG1 . ILE A 1 88 ? 3.351   2.839   1.049   1.00 16.47 ? 88   ILE A CG1 1 
ATOM   630 C  CG2 . ILE A 1 88 ? 2.652   0.948   2.605   1.00 16.10 ? 88   ILE A CG2 1 
ATOM   631 C  CD1 . ILE A 1 88 ? 2.695   2.467   -0.256  1.00 18.39 ? 88   ILE A CD1 1 
ATOM   632 N  N   . GLU A 1 89 ? 4.694   1.289   5.182   1.00 16.89 ? 89   GLU A N   1 
ATOM   633 C  CA  . GLU A 1 89 ? 4.907   0.317   6.233   1.00 17.26 ? 89   GLU A CA  1 
ATOM   634 C  C   . GLU A 1 89 ? 3.736   -0.655  6.049   1.00 18.06 ? 89   GLU A C   1 
ATOM   635 O  O   . GLU A 1 89 ? 2.588   -0.223  6.005   1.00 17.97 ? 89   GLU A O   1 
ATOM   636 C  CB  . GLU A 1 89 ? 4.874   1.023   7.586   1.00 17.33 ? 89   GLU A CB  1 
ATOM   637 C  CG  . GLU A 1 89 ? 6.002   2.043   7.786   1.00 18.35 ? 89   GLU A CG  1 
ATOM   638 C  CD  . GLU A 1 89 ? 6.082   2.639   9.185   1.00 21.59 ? 89   GLU A CD  1 
ATOM   639 O  OE1 . GLU A 1 89 ? 5.119   2.516   9.973   1.00 26.65 ? 89   GLU A OE1 1 
ATOM   640 O  OE2 . GLU A 1 89 ? 7.109   3.281   9.507   1.00 18.99 ? 89   GLU A OE2 1 
ATOM   641 N  N   . THR A 1 90 ? 4.006   -1.953  5.936   1.00 17.29 ? 90   THR A N   1 
ATOM   642 C  CA  . THR A 1 90 ? 2.925   -2.896  5.641   1.00 17.70 ? 90   THR A CA  1 
ATOM   643 C  C   . THR A 1 90 ? 2.429   -3.543  6.934   1.00 17.40 ? 90   THR A C   1 
ATOM   644 O  O   . THR A 1 90 ? 2.999   -3.315  7.987   1.00 17.14 ? 90   THR A O   1 
ATOM   645 C  CB  . THR A 1 90 ? 3.409   -4.009  4.699   1.00 17.14 ? 90   THR A CB  1 
ATOM   646 O  OG1 . THR A 1 90 ? 4.433   -4.754  5.380   1.00 17.59 ? 90   THR A OG1 1 
ATOM   647 C  CG2 . THR A 1 90 ? 4.090   -3.436  3.469   1.00 16.72 ? 90   THR A CG2 1 
ATOM   648 N  N   . HIS A 1 91 ? 1.366   -4.343  6.831   1.00 18.04 ? 91   HIS A N   1 
ATOM   649 C  CA  . HIS A 1 91 ? 0.827   -5.097  7.959   1.00 18.46 ? 91   HIS A CA  1 
ATOM   650 C  C   . HIS A 1 91 ? 0.345   -4.143  9.059   1.00 18.82 ? 91   HIS A C   1 
ATOM   651 O  O   . HIS A 1 91 ? 0.577   -4.380  10.242  1.00 18.98 ? 91   HIS A O   1 
ATOM   652 C  CB  . HIS A 1 91 ? 1.863   -6.091  8.524   1.00 18.64 ? 91   HIS A CB  1 
ATOM   653 C  CG  . HIS A 1 91 ? 2.327   -7.152  7.561   1.00 17.10 ? 91   HIS A CG  1 
ATOM   654 N  ND1 . HIS A 1 91 ? 3.119   -6.884  6.465   1.00 18.43 ? 91   HIS A ND1 1 
ATOM   655 C  CD2 . HIS A 1 91 ? 2.196   -8.504  7.605   1.00 17.47 ? 91   HIS A CD2 1 
ATOM   656 C  CE1 . HIS A 1 91 ? 3.416   -8.017  5.845   1.00 18.71 ? 91   HIS A CE1 1 
ATOM   657 N  NE2 . HIS A 1 91 ? 2.857   -9.013  6.512   1.00 17.42 ? 91   HIS A NE2 1 
ATOM   658 N  N   . LYS A 1 92 ? -0.318  -3.053  8.657   1.00 19.06 ? 92   LYS A N   1 
ATOM   659 C  CA  . LYS A 1 92 ? -0.791  -2.042  9.591   1.00 18.93 ? 92   LYS A CA  1 
ATOM   660 C  C   . LYS A 1 92 ? -2.258  -2.152  9.996   1.00 18.90 ? 92   LYS A C   1 
ATOM   661 O  O   . LYS A 1 92 ? -2.748  -1.270  10.680  1.00 18.52 ? 92   LYS A O   1 
ATOM   662 C  CB  . LYS A 1 92 ? -0.519  -0.631  9.022   1.00 19.39 ? 92   LYS A CB  1 
ATOM   663 C  CG  . LYS A 1 92 ? 0.953   -0.302  8.953   1.00 19.24 ? 92   LYS A CG  1 
ATOM   664 C  CD  . LYS A 1 92 ? 1.549   -0.494  10.342  1.00 24.32 ? 92   LYS A CD  1 
ATOM   665 C  CE  . LYS A 1 92 ? 3.029   -0.262  10.339  1.00 26.04 ? 92   LYS A CE  1 
ATOM   666 N  NZ  . LYS A 1 92 ? 3.551   -0.291  11.729  1.00 25.67 ? 92   LYS A NZ  1 
ATOM   667 N  N   . GLU A 1 93 ? -2.949  -3.220  9.610   1.00 18.97 ? 93   GLU A N   1 
ATOM   668 C  CA  . GLU A 1 93 ? -4.366  -3.354  9.949   1.00 20.29 ? 93   GLU A CA  1 
ATOM   669 C  C   . GLU A 1 93 ? -4.649  -3.072  11.431  1.00 21.05 ? 93   GLU A C   1 
ATOM   670 O  O   . GLU A 1 93 ? -5.596  -2.319  11.766  1.00 20.30 ? 93   GLU A O   1 
ATOM   671 C  CB  . GLU A 1 93 ? -4.886  -4.746  9.602   1.00 20.46 ? 93   GLU A CB  1 
ATOM   672 C  CG  . GLU A 1 93 ? -6.356  -4.941  9.955   1.00 21.20 ? 93   GLU A CG  1 
ATOM   673 C  CD  . GLU A 1 93 ? -6.950  -6.198  9.364   1.00 22.00 ? 93   GLU A CD  1 
ATOM   674 O  OE1 . GLU A 1 93 ? -6.257  -7.245  9.341   1.00 23.20 ? 93   GLU A OE1 1 
ATOM   675 O  OE2 . GLU A 1 93 ? -8.120  -6.127  8.919   1.00 24.64 ? 93   GLU A OE2 1 
ATOM   676 N  N   . GLU A 1 94 ? -3.838  -3.682  12.304  1.00 21.83 ? 94   GLU A N   1 
ATOM   677 C  CA  . GLU A 1 94 ? -4.047  -3.594  13.766  1.00 22.90 ? 94   GLU A CA  1 
ATOM   678 C  C   . GLU A 1 94 ? -4.071  -2.163  14.298  1.00 23.28 ? 94   GLU A C   1 
ATOM   679 O  O   . GLU A 1 94 ? -4.701  -1.905  15.324  1.00 22.95 ? 94   GLU A O   1 
ATOM   680 C  CB  . GLU A 1 94 ? -3.022  -4.442  14.542  1.00 22.83 ? 94   GLU A CB  1 
ATOM   681 C  CG  . GLU A 1 94 ? -1.581  -4.199  14.104  1.00 26.87 ? 94   GLU A CG  1 
ATOM   682 C  CD  . GLU A 1 94 ? -0.554  -4.696  15.097  1.00 31.56 ? 94   GLU A CD  1 
ATOM   683 O  OE1 . GLU A 1 94 ? -0.639  -4.307  16.294  1.00 32.12 ? 94   GLU A OE1 1 
ATOM   684 O  OE2 . GLU A 1 94 ? 0.346   -5.465  14.669  1.00 33.31 ? 94   GLU A OE2 1 
ATOM   685 N  N   . ASP A 1 95 ? -3.398  -1.241  13.607  1.00 23.28 ? 95   ASP A N   1 
ATOM   686 C  CA  . ASP A 1 95 ? -3.484  0.184   13.936  1.00 24.03 ? 95   ASP A CA  1 
ATOM   687 C  C   . ASP A 1 95 ? -4.900  0.702   13.831  1.00 24.38 ? 95   ASP A C   1 
ATOM   688 O  O   . ASP A 1 95 ? -5.292  1.616   14.557  1.00 25.34 ? 95   ASP A O   1 
ATOM   689 C  CB  . ASP A 1 95 ? -2.637  1.019   12.983  1.00 23.60 ? 95   ASP A CB  1 
ATOM   690 C  CG  . ASP A 1 95 ? -1.150  0.818   13.174  1.00 24.48 ? 95   ASP A CG  1 
ATOM   691 O  OD1 . ASP A 1 95 ? -0.744  -0.073  13.956  1.00 23.06 ? 95   ASP A OD1 1 
ATOM   692 O  OD2 . ASP A 1 95 ? -0.311  1.527   12.571  1.00 25.85 ? 95   ASP A OD2 1 
ATOM   693 N  N   . LEU A 1 96 ? -5.667  0.145   12.901  1.00 25.06 ? 96   LEU A N   1 
ATOM   694 C  CA  . LEU A 1 96 ? -7.027  0.617   12.689  1.00 25.32 ? 96   LEU A CA  1 
ATOM   695 C  C   . LEU A 1 96 ? -7.994  0.077   13.743  1.00 25.94 ? 96   LEU A C   1 
ATOM   696 O  O   . LEU A 1 96 ? -9.065  0.631   13.897  1.00 25.92 ? 96   LEU A O   1 
ATOM   697 C  CB  . LEU A 1 96 ? -7.505  0.294   11.273  1.00 25.73 ? 96   LEU A CB  1 
ATOM   698 C  CG  . LEU A 1 96 ? -6.554  0.818   10.191  1.00 25.35 ? 96   LEU A CG  1 
ATOM   699 C  CD1 . LEU A 1 96 ? -7.049  0.475   8.803   1.00 25.99 ? 96   LEU A CD1 1 
ATOM   700 C  CD2 . LEU A 1 96 ? -6.325  2.333   10.336  1.00 27.23 ? 96   LEU A CD2 1 
HETATM 701 FE FE1 . FES B 2 .  ? -9.632  -5.498  1.345   1.00 17.16 ? 1097 FES A FE1 1 
HETATM 702 FE FE2 . FES B 2 .  ? -7.418  -4.361  0.345   1.00 17.72 ? 1097 FES A FE2 1 
HETATM 703 S  S1  . FES B 2 .  ? -7.691  -6.492  0.841   1.00 15.02 ? 1097 FES A S1  1 
HETATM 704 S  S2  . FES B 2 .  ? -9.222  -3.299  1.040   1.00 15.03 ? 1097 FES A S2  1 
HETATM 705 O  O   . HOH C 3 .  ? 7.227   3.702   -17.285 1.00 49.84 ? 2001 HOH A O   1 
HETATM 706 O  O   . HOH C 3 .  ? 5.443   1.788   -16.787 1.00 41.92 ? 2002 HOH A O   1 
HETATM 707 O  O   . HOH C 3 .  ? 9.724   5.533   -15.222 1.00 60.35 ? 2003 HOH A O   1 
HETATM 708 O  O   . HOH C 3 .  ? 8.001   -1.083  -13.719 1.00 50.35 ? 2004 HOH A O   1 
HETATM 709 O  O   . HOH C 3 .  ? 2.346   10.875  -14.936 1.00 57.72 ? 2005 HOH A O   1 
HETATM 710 O  O   . HOH C 3 .  ? 13.400  5.747   -3.783  1.00 39.78 ? 2006 HOH A O   1 
HETATM 711 O  O   . HOH C 3 .  ? 6.486   11.034  -12.671 1.00 52.89 ? 2007 HOH A O   1 
HETATM 712 O  O   . HOH C 3 .  ? 2.906   8.574   -13.188 1.00 46.95 ? 2008 HOH A O   1 
HETATM 713 O  O   . HOH C 3 .  ? 11.123  4.905   -2.710  1.00 37.96 ? 2009 HOH A O   1 
HETATM 714 O  O   . HOH C 3 .  ? 16.729  2.891   1.380   1.00 44.32 ? 2010 HOH A O   1 
HETATM 715 O  O   . HOH C 3 .  ? 11.758  -6.990  -6.749  1.00 27.79 ? 2011 HOH A O   1 
HETATM 716 O  O   . HOH C 3 .  ? -0.580  -11.327 8.420   1.00 52.57 ? 2012 HOH A O   1 
HETATM 717 O  O   . HOH C 3 .  ? 5.379   -2.760  8.839   1.00 37.02 ? 2013 HOH A O   1 
HETATM 718 O  O   . HOH C 3 .  ? 10.859  -7.049  4.358   1.00 48.21 ? 2014 HOH A O   1 
HETATM 719 O  O   . HOH C 3 .  ? -1.083  -5.877  -12.038 1.00 40.42 ? 2015 HOH A O   1 
HETATM 720 O  O   . HOH C 3 .  ? 16.470  -5.958  2.052   1.00 58.97 ? 2016 HOH A O   1 
HETATM 721 O  O   . HOH C 3 .  ? 6.758   -14.112 3.803   1.00 49.58 ? 2017 HOH A O   1 
HETATM 722 O  O   . HOH C 3 .  ? 11.829  -7.572  -1.363  1.00 41.16 ? 2018 HOH A O   1 
HETATM 723 O  O   . HOH C 3 .  ? -3.489  -10.398 7.803   1.00 40.78 ? 2019 HOH A O   1 
HETATM 724 O  O   . HOH C 3 .  ? 12.623  -6.560  -4.168  1.00 34.24 ? 2020 HOH A O   1 
HETATM 725 O  O   . HOH C 3 .  ? 14.070  -3.735  -7.102  1.00 48.62 ? 2021 HOH A O   1 
HETATM 726 O  O   . HOH C 3 .  ? 11.715  3.766   -10.563 1.00 45.02 ? 2022 HOH A O   1 
HETATM 727 O  O   . HOH C 3 .  ? 8.438   -5.000  -11.208 1.00 23.19 ? 2023 HOH A O   1 
HETATM 728 O  O   . HOH C 3 .  ? 10.321  -5.326  -7.974  1.00 41.14 ? 2024 HOH A O   1 
HETATM 729 O  O   . HOH C 3 .  ? -1.514  -7.355  9.210   1.00 45.08 ? 2025 HOH A O   1 
HETATM 730 O  O   . HOH C 3 .  ? 4.703   -2.631  -12.268 1.00 27.67 ? 2026 HOH A O   1 
HETATM 731 O  O   . HOH C 3 .  ? 4.239   -3.462  -14.963 1.00 49.30 ? 2027 HOH A O   1 
HETATM 732 O  O   . HOH C 3 .  ? 5.015   9.636   8.438   1.00 42.92 ? 2028 HOH A O   1 
HETATM 733 O  O   . HOH C 3 .  ? -0.783  10.265  3.200   1.00 49.79 ? 2029 HOH A O   1 
HETATM 734 O  O   . HOH C 3 .  ? -3.075  4.197   -12.696 1.00 39.73 ? 2030 HOH A O   1 
HETATM 735 O  O   . HOH C 3 .  ? 1.300   7.170   -17.119 1.00 42.23 ? 2031 HOH A O   1 
HETATM 736 O  O   . HOH C 3 .  ? 9.305   12.025  -1.271  1.00 46.98 ? 2032 HOH A O   1 
HETATM 737 O  O   . HOH C 3 .  ? 0.107   13.124  -0.850  1.00 34.58 ? 2033 HOH A O   1 
HETATM 738 O  O   . HOH C 3 .  ? 1.829   14.650  -4.479  1.00 36.25 ? 2034 HOH A O   1 
HETATM 739 O  O   . HOH C 3 .  ? 2.594   14.337  -1.297  1.00 52.54 ? 2035 HOH A O   1 
HETATM 740 O  O   . HOH C 3 .  ? -3.997  -0.247  -14.436 1.00 52.20 ? 2036 HOH A O   1 
HETATM 741 O  O   . HOH C 3 .  ? -2.128  7.599   -14.086 1.00 48.91 ? 2037 HOH A O   1 
HETATM 742 O  O   . HOH C 3 .  ? 1.448   -5.263  -13.263 1.00 42.84 ? 2038 HOH A O   1 
HETATM 743 O  O   . HOH C 3 .  ? -8.837  -2.518  -11.320 1.00 49.36 ? 2039 HOH A O   1 
HETATM 744 O  O   . HOH C 3 .  ? -17.126 -0.385  5.072   1.00 54.34 ? 2040 HOH A O   1 
HETATM 745 O  O   . HOH C 3 .  ? -16.674 8.464   8.991   1.00 61.21 ? 2041 HOH A O   1 
HETATM 746 O  O   . HOH C 3 .  ? -2.320  -3.875  -10.485 1.00 25.61 ? 2042 HOH A O   1 
HETATM 747 O  O   . HOH C 3 .  ? 0.376   -9.815  -8.541  1.00 49.02 ? 2043 HOH A O   1 
HETATM 748 O  O   . HOH C 3 .  ? 7.457   -5.910  -8.457  1.00 21.48 ? 2044 HOH A O   1 
HETATM 749 O  O   . HOH C 3 .  ? 0.339   -11.038 -0.984  1.00 26.25 ? 2045 HOH A O   1 
HETATM 750 O  O   . HOH C 3 .  ? 5.260   -4.750  -10.570 1.00 22.21 ? 2046 HOH A O   1 
HETATM 751 O  O   . HOH C 3 .  ? 2.253   -8.761  -14.541 1.00 56.50 ? 2047 HOH A O   1 
HETATM 752 O  O   . HOH C 3 .  ? 4.489   -5.979  -14.100 1.00 40.95 ? 2048 HOH A O   1 
HETATM 753 O  O   . HOH C 3 .  ? 0.170   -8.209  -11.313 1.00 54.06 ? 2049 HOH A O   1 
HETATM 754 O  O   . HOH C 3 .  ? 13.631  8.313   -10.850 1.00 59.16 ? 2050 HOH A O   1 
HETATM 755 O  O   . HOH C 3 .  ? 15.658  10.112  -2.924  1.00 49.79 ? 2051 HOH A O   1 
HETATM 756 O  O   . HOH C 3 .  ? 11.472  -9.952  -7.588  1.00 20.70 ? 2052 HOH A O   1 
HETATM 757 O  O   . HOH C 3 .  ? 6.693   -14.752 0.248   1.00 48.29 ? 2053 HOH A O   1 
HETATM 758 O  O   . HOH C 3 .  ? 4.292   -13.242 -3.910  1.00 37.07 ? 2054 HOH A O   1 
HETATM 759 O  O   . HOH C 3 .  ? 0.827   -13.829 -0.925  1.00 34.81 ? 2055 HOH A O   1 
HETATM 760 O  O   . HOH C 3 .  ? -0.735  -12.968 2.512   1.00 44.86 ? 2056 HOH A O   1 
HETATM 761 O  O   . HOH C 3 .  ? -13.754 0.527   11.246  1.00 66.32 ? 2057 HOH A O   1 
HETATM 762 O  O   . HOH C 3 .  ? 0.540   -11.771 4.740   1.00 52.15 ? 2058 HOH A O   1 
HETATM 763 O  O   . HOH C 3 .  ? -0.823  -5.738  2.175   1.00 23.28 ? 2059 HOH A O   1 
HETATM 764 O  O   . HOH C 3 .  ? -4.769  -13.972 2.346   1.00 49.84 ? 2060 HOH A O   1 
HETATM 765 O  O   . HOH C 3 .  ? -3.904  -16.379 -4.106  1.00 48.67 ? 2061 HOH A O   1 
HETATM 766 O  O   . HOH C 3 .  ? -3.853  -12.006 4.725   1.00 40.41 ? 2062 HOH A O   1 
HETATM 767 O  O   . HOH C 3 .  ? -13.945 -8.849  -4.586  1.00 47.13 ? 2063 HOH A O   1 
HETATM 768 O  O   . HOH C 3 .  ? -4.818  -6.273  -5.870  1.00 46.04 ? 2064 HOH A O   1 
HETATM 769 O  O   . HOH C 3 .  ? -15.520 -4.092  5.237   1.00 43.12 ? 2065 HOH A O   1 
HETATM 770 O  O   . HOH C 3 .  ? -9.265  -8.861  7.602   1.00 45.35 ? 2066 HOH A O   1 
HETATM 771 O  O   . HOH C 3 .  ? -2.332  -4.760  7.101   1.00 28.57 ? 2067 HOH A O   1 
HETATM 772 O  O   . HOH C 3 .  ? 0.012   -4.155  4.204   1.00 27.20 ? 2068 HOH A O   1 
HETATM 773 O  O   . HOH C 3 .  ? 2.539   10.453  4.684   1.00 41.57 ? 2069 HOH A O   1 
HETATM 774 O  O   . HOH C 3 .  ? 2.374   8.519   7.956   1.00 33.38 ? 2070 HOH A O   1 
HETATM 775 O  O   . HOH C 3 .  ? 6.087   11.439  7.121   1.00 49.99 ? 2071 HOH A O   1 
HETATM 776 O  O   . HOH C 3 .  ? 1.011   10.939  0.718   1.00 30.37 ? 2072 HOH A O   1 
HETATM 777 O  O   . HOH C 3 .  ? 3.953   11.309  2.562   1.00 34.29 ? 2073 HOH A O   1 
HETATM 778 O  O   . HOH C 3 .  ? 6.763   12.741  0.714   1.00 42.13 ? 2074 HOH A O   1 
HETATM 779 O  O   . HOH C 3 .  ? 4.299   12.956  -4.000  1.00 34.37 ? 2075 HOH A O   1 
HETATM 780 O  O   . HOH C 3 .  ? -2.568  11.010  -2.551  1.00 22.59 ? 2076 HOH A O   1 
HETATM 781 O  O   . HOH C 3 .  ? -1.075  9.698   -0.802  1.00 23.81 ? 2077 HOH A O   1 
HETATM 782 O  O   . HOH C 3 .  ? -3.025  7.525   -10.851 1.00 37.27 ? 2078 HOH A O   1 
HETATM 783 O  O   . HOH C 3 .  ? -7.287  4.931   -8.885  1.00 35.46 ? 2079 HOH A O   1 
HETATM 784 O  O   . HOH C 3 .  ? -8.619  1.567   -8.824  1.00 40.81 ? 2080 HOH A O   1 
HETATM 785 O  O   . HOH C 3 .  ? -13.932 6.379   -2.700  1.00 50.99 ? 2081 HOH A O   1 
HETATM 786 O  O   . HOH C 3 .  ? -13.993 -0.126  -2.757  1.00 38.16 ? 2082 HOH A O   1 
HETATM 787 O  O   . HOH C 3 .  ? -17.340 -0.387  0.907   1.00 50.98 ? 2083 HOH A O   1 
HETATM 788 O  O   . HOH C 3 .  ? -15.373 2.142   6.770   1.00 39.50 ? 2084 HOH A O   1 
HETATM 789 O  O   . HOH C 3 .  ? -10.548 7.291   12.793  1.00 45.79 ? 2085 HOH A O   1 
HETATM 790 O  O   . HOH C 3 .  ? -14.231 11.014  2.268   1.00 39.53 ? 2086 HOH A O   1 
HETATM 791 O  O   . HOH C 3 .  ? -14.605 9.921   7.071   1.00 52.02 ? 2087 HOH A O   1 
HETATM 792 O  O   . HOH C 3 .  ? -15.541 13.633  2.927   1.00 51.91 ? 2088 HOH A O   1 
HETATM 793 O  O   . HOH C 3 .  ? -10.890 15.461  11.599  1.00 42.80 ? 2089 HOH A O   1 
HETATM 794 O  O   . HOH C 3 .  ? -12.727 10.449  9.868   1.00 46.02 ? 2090 HOH A O   1 
HETATM 795 O  O   . HOH C 3 .  ? -6.009  11.410  11.766  1.00 41.96 ? 2091 HOH A O   1 
HETATM 796 O  O   . HOH C 3 .  ? -12.391 13.930  9.194   1.00 48.74 ? 2092 HOH A O   1 
HETATM 797 O  O   . HOH C 3 .  ? -8.477  4.474   13.417  1.00 50.92 ? 2093 HOH A O   1 
HETATM 798 O  O   . HOH C 3 .  ? -3.246  8.137   3.389   1.00 22.48 ? 2094 HOH A O   1 
HETATM 799 O  O   . HOH C 3 .  ? -4.707  18.536  8.324   1.00 46.32 ? 2095 HOH A O   1 
HETATM 800 O  O   . HOH C 3 .  ? -7.105  -4.863  -6.367  1.00 39.83 ? 2096 HOH A O   1 
HETATM 801 O  O   . HOH C 3 .  ? -7.618  3.154   -6.758  1.00 27.22 ? 2097 HOH A O   1 
HETATM 802 O  O   . HOH C 3 .  ? -8.114  1.816   -11.541 1.00 40.28 ? 2098 HOH A O   1 
HETATM 803 O  O   . HOH C 3 .  ? -4.720  -2.583  -11.829 1.00 45.10 ? 2099 HOH A O   1 
HETATM 804 O  O   . HOH C 3 .  ? -4.783  2.455   -14.030 1.00 60.38 ? 2100 HOH A O   1 
HETATM 805 O  O   . HOH C 3 .  ? -0.344  6.257   -10.509 1.00 24.29 ? 2101 HOH A O   1 
HETATM 806 O  O   . HOH C 3 .  ? -1.153  11.317  -5.395  1.00 26.00 ? 2102 HOH A O   1 
HETATM 807 O  O   . HOH C 3 .  ? 5.505   12.200  -8.530  1.00 52.06 ? 2103 HOH A O   1 
HETATM 808 O  O   . HOH C 3 .  ? 1.861   11.579  -10.456 1.00 57.70 ? 2104 HOH A O   1 
HETATM 809 O  O   . HOH C 3 .  ? 9.247   10.424  -7.211  1.00 34.32 ? 2105 HOH A O   1 
HETATM 810 O  O   . HOH C 3 .  ? 12.841  9.244   -4.624  1.00 40.62 ? 2106 HOH A O   1 
HETATM 811 O  O   . HOH C 3 .  ? 11.132  6.487   -9.951  1.00 43.03 ? 2107 HOH A O   1 
HETATM 812 O  O   . HOH C 3 .  ? 10.331  7.466   -0.454  1.00 38.57 ? 2108 HOH A O   1 
HETATM 813 O  O   . HOH C 3 .  ? 9.247   2.210   10.500  1.00 56.81 ? 2109 HOH A O   1 
HETATM 814 O  O   . HOH C 3 .  ? 2.863   -5.068  11.853  1.00 44.28 ? 2110 HOH A O   1 
HETATM 815 O  O   . HOH C 3 .  ? 3.092   -12.760 8.109   1.00 52.21 ? 2111 HOH A O   1 
HETATM 816 O  O   . HOH C 3 .  ? 6.310   -0.377  10.688  1.00 49.52 ? 2112 HOH A O   1 
HETATM 817 O  O   . HOH C 3 .  ? -4.037  -7.761  8.026   1.00 30.13 ? 2113 HOH A O   1 
HETATM 818 O  O   . HOH C 3 .  ? -1.880  -5.809  11.666  1.00 53.08 ? 2114 HOH A O   1 
HETATM 819 O  O   . HOH C 3 .  ? -11.395 0.462   11.195  1.00 44.27 ? 2115 HOH A O   1 
# 
loop_
_pdbx_poly_seq_scheme.asym_id 
_pdbx_poly_seq_scheme.entity_id 
_pdbx_poly_seq_scheme.seq_id 
_pdbx_poly_seq_scheme.mon_id 
_pdbx_poly_seq_scheme.ndb_seq_num 
_pdbx_poly_seq_scheme.pdb_seq_num 
_pdbx_poly_seq_scheme.auth_seq_num 
_pdbx_poly_seq_scheme.pdb_mon_id 
_pdbx_poly_seq_scheme.auth_mon_id 
_pdbx_poly_seq_scheme.pdb_strand_id 
_pdbx_poly_seq_scheme.pdb_ins_code 
_pdbx_poly_seq_scheme.hetero 
A 1 1  MET 1  1  ?  ?   ?   A . n 
A 1 2  ALA 2  2  2  ALA ALA A . n 
A 1 3  SER 3  3  3  SER SER A . n 
A 1 4  TYR 4  4  4  TYR TYR A . n 
A 1 5  THR 5  5  5  THR THR A . n 
A 1 6  VAL 6  6  6  VAL VAL A . n 
A 1 7  LYS 7  7  7  LYS LYS A . n 
A 1 8  LEU 8  8  8  LEU LEU A . n 
A 1 9  ILE 9  9  9  ILE ILE A . n 
A 1 10 THR 10 10 10 THR THR A . n 
A 1 11 PRO 11 11 11 PRO PRO A . n 
A 1 12 ASP 12 12 12 ASP ASP A . n 
A 1 13 GLY 13 13 13 GLY GLY A . n 
A 1 14 GLU 14 14 14 GLU GLU A . n 
A 1 15 SER 15 15 15 SER SER A . n 
A 1 16 SER 16 16 16 SER SER A . n 
A 1 17 ILE 17 17 17 ILE ILE A . n 
A 1 18 GLU 18 18 18 GLU GLU A . n 
A 1 19 CYS 19 19 19 CYS CYS A . n 
A 1 20 SER 20 20 20 SER SER A . n 
A 1 21 ASP 21 21 21 ASP ASP A . n 
A 1 22 ASP 22 22 22 ASP ASP A . n 
A 1 23 THR 23 23 23 THR THR A . n 
A 1 24 TYR 24 24 24 TYR TYR A . n 
A 1 25 ILE 25 25 25 ILE ILE A . n 
A 1 26 LEU 26 26 26 LEU LEU A . n 
A 1 27 ASP 27 27 27 ASP ASP A . n 
A 1 28 ALA 28 28 28 ALA ALA A . n 
A 1 29 ALA 29 29 29 ALA ALA A . n 
A 1 30 GLU 30 30 30 GLU GLU A . n 
A 1 31 GLU 31 31 31 GLU GLU A . n 
A 1 32 ALA 32 32 32 ALA ALA A . n 
A 1 33 GLY 33 33 33 GLY GLY A . n 
A 1 34 LEU 34 34 34 LEU LEU A . n 
A 1 35 ASP 35 35 35 ASP ASP A . n 
A 1 36 LEU 36 36 36 LEU LEU A . n 
A 1 37 PRO 37 37 37 PRO PRO A . n 
A 1 38 TYR 38 38 38 TYR TYR A . n 
A 1 39 SER 39 39 39 SER SER A . n 
A 1 40 CYS 40 40 40 CYS CYS A . n 
A 1 41 ARG 41 41 41 ARG ARG A . n 
A 1 42 ALA 42 42 42 ALA ALA A . n 
A 1 43 GLY 43 43 43 GLY GLY A . n 
A 1 44 ALA 44 44 44 ALA ALA A . n 
A 1 45 CYS 45 45 45 CYS CYS A . n 
A 1 46 SER 46 46 46 SER SER A . n 
A 1 47 THR 47 47 47 THR THR A . n 
A 1 48 CYS 48 48 48 CYS CYS A . n 
A 1 49 ALA 49 49 49 ALA ALA A . n 
A 1 50 GLY 50 50 50 GLY GLY A . n 
A 1 51 LYS 51 51 51 LYS LYS A . n 
A 1 52 ILE 52 52 52 ILE ILE A . n 
A 1 53 THR 53 53 53 THR THR A . n 
A 1 54 ALA 54 54 54 ALA ALA A . n 
A 1 55 GLY 55 55 55 GLY GLY A . n 
A 1 56 SER 56 56 56 SER SER A . n 
A 1 57 VAL 57 57 57 VAL VAL A . n 
A 1 58 ASP 58 58 58 ASP ASP A . n 
A 1 59 GLN 59 59 59 GLN GLN A . n 
A 1 60 SER 60 60 60 SER SER A . n 
A 1 61 ASP 61 61 61 ASP ASP A . n 
A 1 62 GLN 62 62 62 GLN GLN A . n 
A 1 63 SER 63 63 63 SER SER A . n 
A 1 64 PHE 64 64 64 PHE PHE A . n 
A 1 65 LEU 65 65 65 LEU LEU A . n 
A 1 66 ASP 66 66 66 ASP ASP A . n 
A 1 67 ASP 67 67 67 ASP ASP A . n 
A 1 68 ASP 68 68 68 ASP ASP A . n 
A 1 69 GLN 69 69 69 GLN GLN A . n 
A 1 70 ILE 70 70 70 ILE ILE A . n 
A 1 71 GLU 71 71 71 GLU GLU A . n 
A 1 72 ALA 72 72 72 ALA ALA A . n 
A 1 73 GLY 73 73 73 GLY GLY A . n 
A 1 74 TYR 74 74 74 TYR TYR A . n 
A 1 75 VAL 75 75 75 VAL VAL A . n 
A 1 76 LEU 76 76 76 LEU LEU A . n 
A 1 77 THR 77 77 77 THR THR A . n 
A 1 78 CYS 78 78 78 CYS CYS A . n 
A 1 79 VAL 79 79 79 VAL VAL A . n 
A 1 80 ALA 80 80 80 ALA ALA A . n 
A 1 81 TYR 81 81 81 TYR TYR A . n 
A 1 82 PRO 82 82 82 PRO PRO A . n 
A 1 83 THR 83 83 83 THR THR A . n 
A 1 84 SER 84 84 84 SER SER A . n 
A 1 85 ASP 85 85 85 ASP ASP A . n 
A 1 86 CYS 86 86 86 CYS CYS A . n 
A 1 87 THR 87 87 87 THR THR A . n 
A 1 88 ILE 88 88 88 ILE ILE A . n 
A 1 89 GLU 89 89 89 GLU GLU A . n 
A 1 90 THR 90 90 90 THR THR A . n 
A 1 91 HIS 91 91 91 HIS HIS A . n 
A 1 92 LYS 92 92 92 LYS LYS A . n 
A 1 93 GLU 93 93 93 GLU GLU A . n 
A 1 94 GLU 94 94 94 GLU GLU A . n 
A 1 95 ASP 95 95 95 ASP ASP A . n 
A 1 96 LEU 96 96 96 LEU LEU A . n 
A 1 97 TYR 97 97 ?  ?   ?   A . n 
# 
loop_
_pdbx_nonpoly_scheme.asym_id 
_pdbx_nonpoly_scheme.entity_id 
_pdbx_nonpoly_scheme.mon_id 
_pdbx_nonpoly_scheme.ndb_seq_num 
_pdbx_nonpoly_scheme.pdb_seq_num 
_pdbx_nonpoly_scheme.auth_seq_num 
_pdbx_nonpoly_scheme.pdb_mon_id 
_pdbx_nonpoly_scheme.auth_mon_id 
_pdbx_nonpoly_scheme.pdb_strand_id 
_pdbx_nonpoly_scheme.pdb_ins_code 
B 2 FES 1   1097 1097 FES FES A . 
C 3 HOH 1   2001 2001 HOH HOH A . 
C 3 HOH 2   2002 2002 HOH HOH A . 
C 3 HOH 3   2003 2003 HOH HOH A . 
C 3 HOH 4   2004 2004 HOH HOH A . 
C 3 HOH 5   2005 2005 HOH HOH A . 
C 3 HOH 6   2006 2006 HOH HOH A . 
C 3 HOH 7   2007 2007 HOH HOH A . 
C 3 HOH 8   2008 2008 HOH HOH A . 
C 3 HOH 9   2009 2009 HOH HOH A . 
C 3 HOH 10  2010 2010 HOH HOH A . 
C 3 HOH 11  2011 2011 HOH HOH A . 
C 3 HOH 12  2012 2012 HOH HOH A . 
C 3 HOH 13  2013 2013 HOH HOH A . 
C 3 HOH 14  2014 2014 HOH HOH A . 
C 3 HOH 15  2015 2015 HOH HOH A . 
C 3 HOH 16  2016 2016 HOH HOH A . 
C 3 HOH 17  2017 2017 HOH HOH A . 
C 3 HOH 18  2018 2018 HOH HOH A . 
C 3 HOH 19  2019 2019 HOH HOH A . 
C 3 HOH 20  2020 2020 HOH HOH A . 
C 3 HOH 21  2021 2021 HOH HOH A . 
C 3 HOH 22  2022 2022 HOH HOH A . 
C 3 HOH 23  2023 2023 HOH HOH A . 
C 3 HOH 24  2024 2024 HOH HOH A . 
C 3 HOH 25  2025 2025 HOH HOH A . 
C 3 HOH 26  2026 2026 HOH HOH A . 
C 3 HOH 27  2027 2027 HOH HOH A . 
C 3 HOH 28  2028 2028 HOH HOH A . 
C 3 HOH 29  2029 2029 HOH HOH A . 
C 3 HOH 30  2030 2030 HOH HOH A . 
C 3 HOH 31  2031 2031 HOH HOH A . 
C 3 HOH 32  2032 2032 HOH HOH A . 
C 3 HOH 33  2033 2033 HOH HOH A . 
C 3 HOH 34  2034 2034 HOH HOH A . 
C 3 HOH 35  2035 2035 HOH HOH A . 
C 3 HOH 36  2036 2036 HOH HOH A . 
C 3 HOH 37  2037 2037 HOH HOH A . 
C 3 HOH 38  2038 2038 HOH HOH A . 
C 3 HOH 39  2039 2039 HOH HOH A . 
C 3 HOH 40  2040 2040 HOH HOH A . 
C 3 HOH 41  2041 2041 HOH HOH A . 
C 3 HOH 42  2042 2042 HOH HOH A . 
C 3 HOH 43  2043 2043 HOH HOH A . 
C 3 HOH 44  2044 2044 HOH HOH A . 
C 3 HOH 45  2045 2045 HOH HOH A . 
C 3 HOH 46  2046 2046 HOH HOH A . 
C 3 HOH 47  2047 2047 HOH HOH A . 
C 3 HOH 48  2048 2048 HOH HOH A . 
C 3 HOH 49  2049 2049 HOH HOH A . 
C 3 HOH 50  2050 2050 HOH HOH A . 
C 3 HOH 51  2051 2051 HOH HOH A . 
C 3 HOH 52  2052 2052 HOH HOH A . 
C 3 HOH 53  2053 2053 HOH HOH A . 
C 3 HOH 54  2054 2054 HOH HOH A . 
C 3 HOH 55  2055 2055 HOH HOH A . 
C 3 HOH 56  2056 2056 HOH HOH A . 
C 3 HOH 57  2057 2057 HOH HOH A . 
C 3 HOH 58  2058 2058 HOH HOH A . 
C 3 HOH 59  2059 2059 HOH HOH A . 
C 3 HOH 60  2060 2060 HOH HOH A . 
C 3 HOH 61  2061 2061 HOH HOH A . 
C 3 HOH 62  2062 2062 HOH HOH A . 
C 3 HOH 63  2063 2063 HOH HOH A . 
C 3 HOH 64  2064 2064 HOH HOH A . 
C 3 HOH 65  2065 2065 HOH HOH A . 
C 3 HOH 66  2066 2066 HOH HOH A . 
C 3 HOH 67  2067 2067 HOH HOH A . 
C 3 HOH 68  2068 2068 HOH HOH A . 
C 3 HOH 69  2069 2069 HOH HOH A . 
C 3 HOH 70  2070 2070 HOH HOH A . 
C 3 HOH 71  2071 2071 HOH HOH A . 
C 3 HOH 72  2072 2072 HOH HOH A . 
C 3 HOH 73  2073 2073 HOH HOH A . 
C 3 HOH 74  2074 2074 HOH HOH A . 
C 3 HOH 75  2075 2075 HOH HOH A . 
C 3 HOH 76  2076 2076 HOH HOH A . 
C 3 HOH 77  2077 2077 HOH HOH A . 
C 3 HOH 78  2078 2078 HOH HOH A . 
C 3 HOH 79  2079 2079 HOH HOH A . 
C 3 HOH 80  2080 2080 HOH HOH A . 
C 3 HOH 81  2081 2081 HOH HOH A . 
C 3 HOH 82  2082 2082 HOH HOH A . 
C 3 HOH 83  2083 2083 HOH HOH A . 
C 3 HOH 84  2084 2084 HOH HOH A . 
C 3 HOH 85  2085 2085 HOH HOH A . 
C 3 HOH 86  2086 2086 HOH HOH A . 
C 3 HOH 87  2087 2087 HOH HOH A . 
C 3 HOH 88  2088 2088 HOH HOH A . 
C 3 HOH 89  2089 2089 HOH HOH A . 
C 3 HOH 90  2090 2090 HOH HOH A . 
C 3 HOH 91  2091 2091 HOH HOH A . 
C 3 HOH 92  2092 2092 HOH HOH A . 
C 3 HOH 93  2093 2093 HOH HOH A . 
C 3 HOH 94  2094 2094 HOH HOH A . 
C 3 HOH 95  2095 2095 HOH HOH A . 
C 3 HOH 96  2096 2096 HOH HOH A . 
C 3 HOH 97  2097 2097 HOH HOH A . 
C 3 HOH 98  2098 2098 HOH HOH A . 
C 3 HOH 99  2099 2099 HOH HOH A . 
C 3 HOH 100 2100 2100 HOH HOH A . 
C 3 HOH 101 2101 2101 HOH HOH A . 
C 3 HOH 102 2102 2102 HOH HOH A . 
C 3 HOH 103 2103 2103 HOH HOH A . 
C 3 HOH 104 2104 2104 HOH HOH A . 
C 3 HOH 105 2105 2105 HOH HOH A . 
C 3 HOH 106 2106 2106 HOH HOH A . 
C 3 HOH 107 2107 2107 HOH HOH A . 
C 3 HOH 108 2108 2108 HOH HOH A . 
C 3 HOH 109 2109 2109 HOH HOH A . 
C 3 HOH 110 2110 2110 HOH HOH A . 
C 3 HOH 111 2111 2111 HOH HOH A . 
C 3 HOH 112 2112 2112 HOH HOH A . 
C 3 HOH 113 2113 2113 HOH HOH A . 
C 3 HOH 114 2114 2114 HOH HOH A . 
C 3 HOH 115 2115 2115 HOH HOH A . 
# 
_pdbx_struct_assembly.id                   1 
_pdbx_struct_assembly.details              author_and_software_defined_assembly 
_pdbx_struct_assembly.method_details       PQS 
_pdbx_struct_assembly.oligomeric_details   monomeric 
_pdbx_struct_assembly.oligomeric_count     1 
# 
_pdbx_struct_assembly_gen.assembly_id       1 
_pdbx_struct_assembly_gen.oper_expression   1 
_pdbx_struct_assembly_gen.asym_id_list      A,B,C 
# 
_pdbx_struct_oper_list.id                   1 
_pdbx_struct_oper_list.type                 'identity operation' 
_pdbx_struct_oper_list.name                 1_555 
_pdbx_struct_oper_list.symmetry_operation   x,y,z 
_pdbx_struct_oper_list.matrix[1][1]         1.0000000000 
_pdbx_struct_oper_list.matrix[1][2]         0.0000000000 
_pdbx_struct_oper_list.matrix[1][3]         0.0000000000 
_pdbx_struct_oper_list.vector[1]            0.0000000000 
_pdbx_struct_oper_list.matrix[2][1]         0.0000000000 
_pdbx_struct_oper_list.matrix[2][2]         1.0000000000 
_pdbx_struct_oper_list.matrix[2][3]         0.0000000000 
_pdbx_struct_oper_list.vector[2]            0.0000000000 
_pdbx_struct_oper_list.matrix[3][1]         0.0000000000 
_pdbx_struct_oper_list.matrix[3][2]         0.0000000000 
_pdbx_struct_oper_list.matrix[3][3]         1.0000000000 
_pdbx_struct_oper_list.vector[3]            0.0000000000 
# 
loop_
_pdbx_struct_conn_angle.id 
_pdbx_struct_conn_angle.ptnr1_label_atom_id 
_pdbx_struct_conn_angle.ptnr1_label_alt_id 
_pdbx_struct_conn_angle.ptnr1_label_asym_id 
_pdbx_struct_conn_angle.ptnr1_label_comp_id 
_pdbx_struct_conn_angle.ptnr1_label_seq_id 
_pdbx_struct_conn_angle.ptnr1_auth_atom_id 
_pdbx_struct_conn_angle.ptnr1_auth_asym_id 
_pdbx_struct_conn_angle.ptnr1_auth_comp_id 
_pdbx_struct_conn_angle.ptnr1_auth_seq_id 
_pdbx_struct_conn_angle.ptnr1_PDB_ins_code 
_pdbx_struct_conn_angle.ptnr1_symmetry 
_pdbx_struct_conn_angle.ptnr2_label_atom_id 
_pdbx_struct_conn_angle.ptnr2_label_alt_id 
_pdbx_struct_conn_angle.ptnr2_label_asym_id 
_pdbx_struct_conn_angle.ptnr2_label_comp_id 
_pdbx_struct_conn_angle.ptnr2_label_seq_id 
_pdbx_struct_conn_angle.ptnr2_auth_atom_id 
_pdbx_struct_conn_angle.ptnr2_auth_asym_id 
_pdbx_struct_conn_angle.ptnr2_auth_comp_id 
_pdbx_struct_conn_angle.ptnr2_auth_seq_id 
_pdbx_struct_conn_angle.ptnr2_PDB_ins_code 
_pdbx_struct_conn_angle.ptnr2_symmetry 
_pdbx_struct_conn_angle.ptnr3_label_atom_id 
_pdbx_struct_conn_angle.ptnr3_label_alt_id 
_pdbx_struct_conn_angle.ptnr3_label_asym_id 
_pdbx_struct_conn_angle.ptnr3_label_comp_id 
_pdbx_struct_conn_angle.ptnr3_label_seq_id 
_pdbx_struct_conn_angle.ptnr3_auth_atom_id 
_pdbx_struct_conn_angle.ptnr3_auth_asym_id 
_pdbx_struct_conn_angle.ptnr3_auth_comp_id 
_pdbx_struct_conn_angle.ptnr3_auth_seq_id 
_pdbx_struct_conn_angle.ptnr3_PDB_ins_code 
_pdbx_struct_conn_angle.ptnr3_symmetry 
_pdbx_struct_conn_angle.value 
_pdbx_struct_conn_angle.value_esd 
1  SG ? A CYS 40 ? A CYS 40   ? 1_555 FE1 ? B FES . ? A FES 1097 ? 1_555 S1 ? B FES .  ? A FES 1097 ? 1_555 121.7 ? 
2  SG ? A CYS 40 ? A CYS 40   ? 1_555 FE1 ? B FES . ? A FES 1097 ? 1_555 S2 ? B FES .  ? A FES 1097 ? 1_555 103.3 ? 
3  S1 ? B FES .  ? A FES 1097 ? 1_555 FE1 ? B FES . ? A FES 1097 ? 1_555 S2 ? B FES .  ? A FES 1097 ? 1_555 104.2 ? 
4  SG ? A CYS 40 ? A CYS 40   ? 1_555 FE1 ? B FES . ? A FES 1097 ? 1_555 SG ? A CYS 45 ? A CYS 45   ? 1_555 105.8 ? 
5  S1 ? B FES .  ? A FES 1097 ? 1_555 FE1 ? B FES . ? A FES 1097 ? 1_555 SG ? A CYS 45 ? A CYS 45   ? 1_555 105.0 ? 
6  S2 ? B FES .  ? A FES 1097 ? 1_555 FE1 ? B FES . ? A FES 1097 ? 1_555 SG ? A CYS 45 ? A CYS 45   ? 1_555 117.7 ? 
7  SG ? A CYS 48 ? A CYS 48   ? 1_555 FE2 ? B FES . ? A FES 1097 ? 1_555 S1 ? B FES .  ? A FES 1097 ? 1_555 111.5 ? 
8  SG ? A CYS 48 ? A CYS 48   ? 1_555 FE2 ? B FES . ? A FES 1097 ? 1_555 S2 ? B FES .  ? A FES 1097 ? 1_555 109.3 ? 
9  S1 ? B FES .  ? A FES 1097 ? 1_555 FE2 ? B FES . ? A FES 1097 ? 1_555 S2 ? B FES .  ? A FES 1097 ? 1_555 107.0 ? 
10 SG ? A CYS 48 ? A CYS 48   ? 1_555 FE2 ? B FES . ? A FES 1097 ? 1_555 SG ? A CYS 78 ? A CYS 78   ? 1_555 107.0 ? 
11 S1 ? B FES .  ? A FES 1097 ? 1_555 FE2 ? B FES . ? A FES 1097 ? 1_555 SG ? A CYS 78 ? A CYS 78   ? 1_555 119.1 ? 
12 S2 ? B FES .  ? A FES 1097 ? 1_555 FE2 ? B FES . ? A FES 1097 ? 1_555 SG ? A CYS 78 ? A CYS 78   ? 1_555 102.4 ? 
# 
loop_
_pdbx_audit_revision_history.ordinal 
_pdbx_audit_revision_history.data_content_type 
_pdbx_audit_revision_history.major_revision 
_pdbx_audit_revision_history.minor_revision 
_pdbx_audit_revision_history.revision_date 
1 'Structure model' 1 0 2003-06-11 
2 'Structure model' 1 1 2011-05-08 
3 'Structure model' 1 2 2011-07-13 
4 'Structure model' 1 3 2023-12-13 
# 
_pdbx_audit_revision_details.ordinal             1 
_pdbx_audit_revision_details.revision_ordinal    1 
_pdbx_audit_revision_details.data_content_type   'Structure model' 
_pdbx_audit_revision_details.provider            repository 
_pdbx_audit_revision_details.type                'Initial release' 
_pdbx_audit_revision_details.description         ? 
_pdbx_audit_revision_details.details             ? 
# 
loop_
_pdbx_audit_revision_group.ordinal 
_pdbx_audit_revision_group.revision_ordinal 
_pdbx_audit_revision_group.data_content_type 
_pdbx_audit_revision_group.group 
1 2 'Structure model' 'Version format compliance' 
2 3 'Structure model' 'Version format compliance' 
3 4 'Structure model' 'Data collection'           
4 4 'Structure model' 'Database references'       
5 4 'Structure model' 'Derived calculations'      
6 4 'Structure model' Other                       
7 4 'Structure model' 'Refinement description'    
# 
loop_
_pdbx_audit_revision_category.ordinal 
_pdbx_audit_revision_category.revision_ordinal 
_pdbx_audit_revision_category.data_content_type 
_pdbx_audit_revision_category.category 
1 4 'Structure model' chem_comp_atom                
2 4 'Structure model' chem_comp_bond                
3 4 'Structure model' database_2                    
4 4 'Structure model' pdbx_database_status          
5 4 'Structure model' pdbx_initial_refinement_model 
6 4 'Structure model' struct_conn                   
# 
loop_
_pdbx_audit_revision_item.ordinal 
_pdbx_audit_revision_item.revision_ordinal 
_pdbx_audit_revision_item.data_content_type 
_pdbx_audit_revision_item.item 
1  4 'Structure model' '_database_2.pdbx_DOI'                 
2  4 'Structure model' '_database_2.pdbx_database_accession'  
3  4 'Structure model' '_pdbx_database_status.status_code_sf' 
4  4 'Structure model' '_struct_conn.ptnr1_auth_comp_id'      
5  4 'Structure model' '_struct_conn.ptnr1_auth_seq_id'       
6  4 'Structure model' '_struct_conn.ptnr1_label_asym_id'     
7  4 'Structure model' '_struct_conn.ptnr1_label_atom_id'     
8  4 'Structure model' '_struct_conn.ptnr1_label_comp_id'     
9  4 'Structure model' '_struct_conn.ptnr1_label_seq_id'      
10 4 'Structure model' '_struct_conn.ptnr2_auth_comp_id'      
11 4 'Structure model' '_struct_conn.ptnr2_auth_seq_id'       
12 4 'Structure model' '_struct_conn.ptnr2_label_asym_id'     
13 4 'Structure model' '_struct_conn.ptnr2_label_atom_id'     
14 4 'Structure model' '_struct_conn.ptnr2_label_comp_id'     
15 4 'Structure model' '_struct_conn.ptnr2_label_seq_id'      
# 
loop_
_software.name 
_software.classification 
_software.version 
_software.citation_id 
_software.pdbx_ordinal 
_software.date 
_software.type 
_software.location 
_software.language 
REFMAC refinement       . ? 1 ? ? ? ? 
MOSFLM 'data reduction' . ? 2 ? ? ? ? 
SCALA  'data scaling'   . ? 3 ? ? ? ? 
MOLREP phasing          . ? 4 ? ? ? ? 
# 
_pdbx_entry_details.entry_id                 1OFF 
_pdbx_entry_details.compound_details         
;FERREDOXINS ARE IRON-SULFUR PROTEINS THAT ARE INVOLVED
 IN THE TRANSFER OF ELECTRONS IN A WIDE VARIETY OF METABOLIC
 REACTIONS
;
_pdbx_entry_details.source_details           ? 
_pdbx_entry_details.nonpolymer_details       ? 
_pdbx_entry_details.sequence_details         ? 
_pdbx_entry_details.has_ligand_of_interest   ? 
# 
_pdbx_validate_rmsd_angle.id                         1 
_pdbx_validate_rmsd_angle.PDB_model_num              1 
_pdbx_validate_rmsd_angle.auth_atom_id_1             CB 
_pdbx_validate_rmsd_angle.auth_asym_id_1             A 
_pdbx_validate_rmsd_angle.auth_comp_id_1             ASP 
_pdbx_validate_rmsd_angle.auth_seq_id_1              67 
_pdbx_validate_rmsd_angle.PDB_ins_code_1             ? 
_pdbx_validate_rmsd_angle.label_alt_id_1             ? 
_pdbx_validate_rmsd_angle.auth_atom_id_2             CG 
_pdbx_validate_rmsd_angle.auth_asym_id_2             A 
_pdbx_validate_rmsd_angle.auth_comp_id_2             ASP 
_pdbx_validate_rmsd_angle.auth_seq_id_2              67 
_pdbx_validate_rmsd_angle.PDB_ins_code_2             ? 
_pdbx_validate_rmsd_angle.label_alt_id_2             ? 
_pdbx_validate_rmsd_angle.auth_atom_id_3             OD2 
_pdbx_validate_rmsd_angle.auth_asym_id_3             A 
_pdbx_validate_rmsd_angle.auth_comp_id_3             ASP 
_pdbx_validate_rmsd_angle.auth_seq_id_3              67 
_pdbx_validate_rmsd_angle.PDB_ins_code_3             ? 
_pdbx_validate_rmsd_angle.label_alt_id_3             ? 
_pdbx_validate_rmsd_angle.angle_value                123.71 
_pdbx_validate_rmsd_angle.angle_target_value         118.30 
_pdbx_validate_rmsd_angle.angle_deviation            5.41 
_pdbx_validate_rmsd_angle.angle_standard_deviation   0.90 
_pdbx_validate_rmsd_angle.linker_flag                N 
# 
loop_
_pdbx_validate_torsion.id 
_pdbx_validate_torsion.PDB_model_num 
_pdbx_validate_torsion.auth_comp_id 
_pdbx_validate_torsion.auth_asym_id 
_pdbx_validate_torsion.auth_seq_id 
_pdbx_validate_torsion.PDB_ins_code 
_pdbx_validate_torsion.label_alt_id 
_pdbx_validate_torsion.phi 
_pdbx_validate_torsion.psi 
1 1 SER A 39 ? ? -139.88 -82.98 
2 1 SER A 63 ? ? -140.13 16.87  
# 
_pdbx_distant_solvent_atoms.id                                1 
_pdbx_distant_solvent_atoms.PDB_model_num                     1 
_pdbx_distant_solvent_atoms.auth_atom_id                      O 
_pdbx_distant_solvent_atoms.label_alt_id                      ? 
_pdbx_distant_solvent_atoms.auth_asym_id                      A 
_pdbx_distant_solvent_atoms.auth_comp_id                      HOH 
_pdbx_distant_solvent_atoms.auth_seq_id                       2051 
_pdbx_distant_solvent_atoms.PDB_ins_code                      ? 
_pdbx_distant_solvent_atoms.neighbor_macromolecule_distance   5.96 
_pdbx_distant_solvent_atoms.neighbor_ligand_distance          . 
# 
loop_
_pdbx_unobs_or_zero_occ_residues.id 
_pdbx_unobs_or_zero_occ_residues.PDB_model_num 
_pdbx_unobs_or_zero_occ_residues.polymer_flag 
_pdbx_unobs_or_zero_occ_residues.occupancy_flag 
_pdbx_unobs_or_zero_occ_residues.auth_asym_id 
_pdbx_unobs_or_zero_occ_residues.auth_comp_id 
_pdbx_unobs_or_zero_occ_residues.auth_seq_id 
_pdbx_unobs_or_zero_occ_residues.PDB_ins_code 
_pdbx_unobs_or_zero_occ_residues.label_asym_id 
_pdbx_unobs_or_zero_occ_residues.label_comp_id 
_pdbx_unobs_or_zero_occ_residues.label_seq_id 
1 1 Y 1 A MET 1  ? A MET 1  
2 1 Y 1 A TYR 97 ? A TYR 97 
# 
loop_
_chem_comp_atom.comp_id 
_chem_comp_atom.atom_id 
_chem_comp_atom.type_symbol 
_chem_comp_atom.pdbx_aromatic_flag 
_chem_comp_atom.pdbx_stereo_config 
_chem_comp_atom.pdbx_ordinal 
ALA N    N  N N 1   
ALA CA   C  N S 2   
ALA C    C  N N 3   
ALA O    O  N N 4   
ALA CB   C  N N 5   
ALA OXT  O  N N 6   
ALA H    H  N N 7   
ALA H2   H  N N 8   
ALA HA   H  N N 9   
ALA HB1  H  N N 10  
ALA HB2  H  N N 11  
ALA HB3  H  N N 12  
ALA HXT  H  N N 13  
ARG N    N  N N 14  
ARG CA   C  N S 15  
ARG C    C  N N 16  
ARG O    O  N N 17  
ARG CB   C  N N 18  
ARG CG   C  N N 19  
ARG CD   C  N N 20  
ARG NE   N  N N 21  
ARG CZ   C  N N 22  
ARG NH1  N  N N 23  
ARG NH2  N  N N 24  
ARG OXT  O  N N 25  
ARG H    H  N N 26  
ARG H2   H  N N 27  
ARG HA   H  N N 28  
ARG HB2  H  N N 29  
ARG HB3  H  N N 30  
ARG HG2  H  N N 31  
ARG HG3  H  N N 32  
ARG HD2  H  N N 33  
ARG HD3  H  N N 34  
ARG HE   H  N N 35  
ARG HH11 H  N N 36  
ARG HH12 H  N N 37  
ARG HH21 H  N N 38  
ARG HH22 H  N N 39  
ARG HXT  H  N N 40  
ASP N    N  N N 41  
ASP CA   C  N S 42  
ASP C    C  N N 43  
ASP O    O  N N 44  
ASP CB   C  N N 45  
ASP CG   C  N N 46  
ASP OD1  O  N N 47  
ASP OD2  O  N N 48  
ASP OXT  O  N N 49  
ASP H    H  N N 50  
ASP H2   H  N N 51  
ASP HA   H  N N 52  
ASP HB2  H  N N 53  
ASP HB3  H  N N 54  
ASP HD2  H  N N 55  
ASP HXT  H  N N 56  
CYS N    N  N N 57  
CYS CA   C  N R 58  
CYS C    C  N N 59  
CYS O    O  N N 60  
CYS CB   C  N N 61  
CYS SG   S  N N 62  
CYS OXT  O  N N 63  
CYS H    H  N N 64  
CYS H2   H  N N 65  
CYS HA   H  N N 66  
CYS HB2  H  N N 67  
CYS HB3  H  N N 68  
CYS HG   H  N N 69  
CYS HXT  H  N N 70  
FES FE1  FE N N 71  
FES FE2  FE N N 72  
FES S1   S  N N 73  
FES S2   S  N N 74  
GLN N    N  N N 75  
GLN CA   C  N S 76  
GLN C    C  N N 77  
GLN O    O  N N 78  
GLN CB   C  N N 79  
GLN CG   C  N N 80  
GLN CD   C  N N 81  
GLN OE1  O  N N 82  
GLN NE2  N  N N 83  
GLN OXT  O  N N 84  
GLN H    H  N N 85  
GLN H2   H  N N 86  
GLN HA   H  N N 87  
GLN HB2  H  N N 88  
GLN HB3  H  N N 89  
GLN HG2  H  N N 90  
GLN HG3  H  N N 91  
GLN HE21 H  N N 92  
GLN HE22 H  N N 93  
GLN HXT  H  N N 94  
GLU N    N  N N 95  
GLU CA   C  N S 96  
GLU C    C  N N 97  
GLU O    O  N N 98  
GLU CB   C  N N 99  
GLU CG   C  N N 100 
GLU CD   C  N N 101 
GLU OE1  O  N N 102 
GLU OE2  O  N N 103 
GLU OXT  O  N N 104 
GLU H    H  N N 105 
GLU H2   H  N N 106 
GLU HA   H  N N 107 
GLU HB2  H  N N 108 
GLU HB3  H  N N 109 
GLU HG2  H  N N 110 
GLU HG3  H  N N 111 
GLU HE2  H  N N 112 
GLU HXT  H  N N 113 
GLY N    N  N N 114 
GLY CA   C  N N 115 
GLY C    C  N N 116 
GLY O    O  N N 117 
GLY OXT  O  N N 118 
GLY H    H  N N 119 
GLY H2   H  N N 120 
GLY HA2  H  N N 121 
GLY HA3  H  N N 122 
GLY HXT  H  N N 123 
HIS N    N  N N 124 
HIS CA   C  N S 125 
HIS C    C  N N 126 
HIS O    O  N N 127 
HIS CB   C  N N 128 
HIS CG   C  Y N 129 
HIS ND1  N  Y N 130 
HIS CD2  C  Y N 131 
HIS CE1  C  Y N 132 
HIS NE2  N  Y N 133 
HIS OXT  O  N N 134 
HIS H    H  N N 135 
HIS H2   H  N N 136 
HIS HA   H  N N 137 
HIS HB2  H  N N 138 
HIS HB3  H  N N 139 
HIS HD1  H  N N 140 
HIS HD2  H  N N 141 
HIS HE1  H  N N 142 
HIS HE2  H  N N 143 
HIS HXT  H  N N 144 
HOH O    O  N N 145 
HOH H1   H  N N 146 
HOH H2   H  N N 147 
ILE N    N  N N 148 
ILE CA   C  N S 149 
ILE C    C  N N 150 
ILE O    O  N N 151 
ILE CB   C  N S 152 
ILE CG1  C  N N 153 
ILE CG2  C  N N 154 
ILE CD1  C  N N 155 
ILE OXT  O  N N 156 
ILE H    H  N N 157 
ILE H2   H  N N 158 
ILE HA   H  N N 159 
ILE HB   H  N N 160 
ILE HG12 H  N N 161 
ILE HG13 H  N N 162 
ILE HG21 H  N N 163 
ILE HG22 H  N N 164 
ILE HG23 H  N N 165 
ILE HD11 H  N N 166 
ILE HD12 H  N N 167 
ILE HD13 H  N N 168 
ILE HXT  H  N N 169 
LEU N    N  N N 170 
LEU CA   C  N S 171 
LEU C    C  N N 172 
LEU O    O  N N 173 
LEU CB   C  N N 174 
LEU CG   C  N N 175 
LEU CD1  C  N N 176 
LEU CD2  C  N N 177 
LEU OXT  O  N N 178 
LEU H    H  N N 179 
LEU H2   H  N N 180 
LEU HA   H  N N 181 
LEU HB2  H  N N 182 
LEU HB3  H  N N 183 
LEU HG   H  N N 184 
LEU HD11 H  N N 185 
LEU HD12 H  N N 186 
LEU HD13 H  N N 187 
LEU HD21 H  N N 188 
LEU HD22 H  N N 189 
LEU HD23 H  N N 190 
LEU HXT  H  N N 191 
LYS N    N  N N 192 
LYS CA   C  N S 193 
LYS C    C  N N 194 
LYS O    O  N N 195 
LYS CB   C  N N 196 
LYS CG   C  N N 197 
LYS CD   C  N N 198 
LYS CE   C  N N 199 
LYS NZ   N  N N 200 
LYS OXT  O  N N 201 
LYS H    H  N N 202 
LYS H2   H  N N 203 
LYS HA   H  N N 204 
LYS HB2  H  N N 205 
LYS HB3  H  N N 206 
LYS HG2  H  N N 207 
LYS HG3  H  N N 208 
LYS HD2  H  N N 209 
LYS HD3  H  N N 210 
LYS HE2  H  N N 211 
LYS HE3  H  N N 212 
LYS HZ1  H  N N 213 
LYS HZ2  H  N N 214 
LYS HZ3  H  N N 215 
LYS HXT  H  N N 216 
MET N    N  N N 217 
MET CA   C  N S 218 
MET C    C  N N 219 
MET O    O  N N 220 
MET CB   C  N N 221 
MET CG   C  N N 222 
MET SD   S  N N 223 
MET CE   C  N N 224 
MET OXT  O  N N 225 
MET H    H  N N 226 
MET H2   H  N N 227 
MET HA   H  N N 228 
MET HB2  H  N N 229 
MET HB3  H  N N 230 
MET HG2  H  N N 231 
MET HG3  H  N N 232 
MET HE1  H  N N 233 
MET HE2  H  N N 234 
MET HE3  H  N N 235 
MET HXT  H  N N 236 
PHE N    N  N N 237 
PHE CA   C  N S 238 
PHE C    C  N N 239 
PHE O    O  N N 240 
PHE CB   C  N N 241 
PHE CG   C  Y N 242 
PHE CD1  C  Y N 243 
PHE CD2  C  Y N 244 
PHE CE1  C  Y N 245 
PHE CE2  C  Y N 246 
PHE CZ   C  Y N 247 
PHE OXT  O  N N 248 
PHE H    H  N N 249 
PHE H2   H  N N 250 
PHE HA   H  N N 251 
PHE HB2  H  N N 252 
PHE HB3  H  N N 253 
PHE HD1  H  N N 254 
PHE HD2  H  N N 255 
PHE HE1  H  N N 256 
PHE HE2  H  N N 257 
PHE HZ   H  N N 258 
PHE HXT  H  N N 259 
PRO N    N  N N 260 
PRO CA   C  N S 261 
PRO C    C  N N 262 
PRO O    O  N N 263 
PRO CB   C  N N 264 
PRO CG   C  N N 265 
PRO CD   C  N N 266 
PRO OXT  O  N N 267 
PRO H    H  N N 268 
PRO HA   H  N N 269 
PRO HB2  H  N N 270 
PRO HB3  H  N N 271 
PRO HG2  H  N N 272 
PRO HG3  H  N N 273 
PRO HD2  H  N N 274 
PRO HD3  H  N N 275 
PRO HXT  H  N N 276 
SER N    N  N N 277 
SER CA   C  N S 278 
SER C    C  N N 279 
SER O    O  N N 280 
SER CB   C  N N 281 
SER OG   O  N N 282 
SER OXT  O  N N 283 
SER H    H  N N 284 
SER H2   H  N N 285 
SER HA   H  N N 286 
SER HB2  H  N N 287 
SER HB3  H  N N 288 
SER HG   H  N N 289 
SER HXT  H  N N 290 
THR N    N  N N 291 
THR CA   C  N S 292 
THR C    C  N N 293 
THR O    O  N N 294 
THR CB   C  N R 295 
THR OG1  O  N N 296 
THR CG2  C  N N 297 
THR OXT  O  N N 298 
THR H    H  N N 299 
THR H2   H  N N 300 
THR HA   H  N N 301 
THR HB   H  N N 302 
THR HG1  H  N N 303 
THR HG21 H  N N 304 
THR HG22 H  N N 305 
THR HG23 H  N N 306 
THR HXT  H  N N 307 
TYR N    N  N N 308 
TYR CA   C  N S 309 
TYR C    C  N N 310 
TYR O    O  N N 311 
TYR CB   C  N N 312 
TYR CG   C  Y N 313 
TYR CD1  C  Y N 314 
TYR CD2  C  Y N 315 
TYR CE1  C  Y N 316 
TYR CE2  C  Y N 317 
TYR CZ   C  Y N 318 
TYR OH   O  N N 319 
TYR OXT  O  N N 320 
TYR H    H  N N 321 
TYR H2   H  N N 322 
TYR HA   H  N N 323 
TYR HB2  H  N N 324 
TYR HB3  H  N N 325 
TYR HD1  H  N N 326 
TYR HD2  H  N N 327 
TYR HE1  H  N N 328 
TYR HE2  H  N N 329 
TYR HH   H  N N 330 
TYR HXT  H  N N 331 
VAL N    N  N N 332 
VAL CA   C  N S 333 
VAL C    C  N N 334 
VAL O    O  N N 335 
VAL CB   C  N N 336 
VAL CG1  C  N N 337 
VAL CG2  C  N N 338 
VAL OXT  O  N N 339 
VAL H    H  N N 340 
VAL H2   H  N N 341 
VAL HA   H  N N 342 
VAL HB   H  N N 343 
VAL HG11 H  N N 344 
VAL HG12 H  N N 345 
VAL HG13 H  N N 346 
VAL HG21 H  N N 347 
VAL HG22 H  N N 348 
VAL HG23 H  N N 349 
VAL HXT  H  N N 350 
# 
loop_
_chem_comp_bond.comp_id 
_chem_comp_bond.atom_id_1 
_chem_comp_bond.atom_id_2 
_chem_comp_bond.value_order 
_chem_comp_bond.pdbx_aromatic_flag 
_chem_comp_bond.pdbx_stereo_config 
_chem_comp_bond.pdbx_ordinal 
ALA N   CA   sing N N 1   
ALA N   H    sing N N 2   
ALA N   H2   sing N N 3   
ALA CA  C    sing N N 4   
ALA CA  CB   sing N N 5   
ALA CA  HA   sing N N 6   
ALA C   O    doub N N 7   
ALA C   OXT  sing N N 8   
ALA CB  HB1  sing N N 9   
ALA CB  HB2  sing N N 10  
ALA CB  HB3  sing N N 11  
ALA OXT HXT  sing N N 12  
ARG N   CA   sing N N 13  
ARG N   H    sing N N 14  
ARG N   H2   sing N N 15  
ARG CA  C    sing N N 16  
ARG CA  CB   sing N N 17  
ARG CA  HA   sing N N 18  
ARG C   O    doub N N 19  
ARG C   OXT  sing N N 20  
ARG CB  CG   sing N N 21  
ARG CB  HB2  sing N N 22  
ARG CB  HB3  sing N N 23  
ARG CG  CD   sing N N 24  
ARG CG  HG2  sing N N 25  
ARG CG  HG3  sing N N 26  
ARG CD  NE   sing N N 27  
ARG CD  HD2  sing N N 28  
ARG CD  HD3  sing N N 29  
ARG NE  CZ   sing N N 30  
ARG NE  HE   sing N N 31  
ARG CZ  NH1  sing N N 32  
ARG CZ  NH2  doub N N 33  
ARG NH1 HH11 sing N N 34  
ARG NH1 HH12 sing N N 35  
ARG NH2 HH21 sing N N 36  
ARG NH2 HH22 sing N N 37  
ARG OXT HXT  sing N N 38  
ASP N   CA   sing N N 39  
ASP N   H    sing N N 40  
ASP N   H2   sing N N 41  
ASP CA  C    sing N N 42  
ASP CA  CB   sing N N 43  
ASP CA  HA   sing N N 44  
ASP C   O    doub N N 45  
ASP C   OXT  sing N N 46  
ASP CB  CG   sing N N 47  
ASP CB  HB2  sing N N 48  
ASP CB  HB3  sing N N 49  
ASP CG  OD1  doub N N 50  
ASP CG  OD2  sing N N 51  
ASP OD2 HD2  sing N N 52  
ASP OXT HXT  sing N N 53  
CYS N   CA   sing N N 54  
CYS N   H    sing N N 55  
CYS N   H2   sing N N 56  
CYS CA  C    sing N N 57  
CYS CA  CB   sing N N 58  
CYS CA  HA   sing N N 59  
CYS C   O    doub N N 60  
CYS C   OXT  sing N N 61  
CYS CB  SG   sing N N 62  
CYS CB  HB2  sing N N 63  
CYS CB  HB3  sing N N 64  
CYS SG  HG   sing N N 65  
CYS OXT HXT  sing N N 66  
FES FE1 S1   sing N N 67  
FES FE1 S2   sing N N 68  
FES FE2 S1   sing N N 69  
FES FE2 S2   sing N N 70  
GLN N   CA   sing N N 71  
GLN N   H    sing N N 72  
GLN N   H2   sing N N 73  
GLN CA  C    sing N N 74  
GLN CA  CB   sing N N 75  
GLN CA  HA   sing N N 76  
GLN C   O    doub N N 77  
GLN C   OXT  sing N N 78  
GLN CB  CG   sing N N 79  
GLN CB  HB2  sing N N 80  
GLN CB  HB3  sing N N 81  
GLN CG  CD   sing N N 82  
GLN CG  HG2  sing N N 83  
GLN CG  HG3  sing N N 84  
GLN CD  OE1  doub N N 85  
GLN CD  NE2  sing N N 86  
GLN NE2 HE21 sing N N 87  
GLN NE2 HE22 sing N N 88  
GLN OXT HXT  sing N N 89  
GLU N   CA   sing N N 90  
GLU N   H    sing N N 91  
GLU N   H2   sing N N 92  
GLU CA  C    sing N N 93  
GLU CA  CB   sing N N 94  
GLU CA  HA   sing N N 95  
GLU C   O    doub N N 96  
GLU C   OXT  sing N N 97  
GLU CB  CG   sing N N 98  
GLU CB  HB2  sing N N 99  
GLU CB  HB3  sing N N 100 
GLU CG  CD   sing N N 101 
GLU CG  HG2  sing N N 102 
GLU CG  HG3  sing N N 103 
GLU CD  OE1  doub N N 104 
GLU CD  OE2  sing N N 105 
GLU OE2 HE2  sing N N 106 
GLU OXT HXT  sing N N 107 
GLY N   CA   sing N N 108 
GLY N   H    sing N N 109 
GLY N   H2   sing N N 110 
GLY CA  C    sing N N 111 
GLY CA  HA2  sing N N 112 
GLY CA  HA3  sing N N 113 
GLY C   O    doub N N 114 
GLY C   OXT  sing N N 115 
GLY OXT HXT  sing N N 116 
HIS N   CA   sing N N 117 
HIS N   H    sing N N 118 
HIS N   H2   sing N N 119 
HIS CA  C    sing N N 120 
HIS CA  CB   sing N N 121 
HIS CA  HA   sing N N 122 
HIS C   O    doub N N 123 
HIS C   OXT  sing N N 124 
HIS CB  CG   sing N N 125 
HIS CB  HB2  sing N N 126 
HIS CB  HB3  sing N N 127 
HIS CG  ND1  sing Y N 128 
HIS CG  CD2  doub Y N 129 
HIS ND1 CE1  doub Y N 130 
HIS ND1 HD1  sing N N 131 
HIS CD2 NE2  sing Y N 132 
HIS CD2 HD2  sing N N 133 
HIS CE1 NE2  sing Y N 134 
HIS CE1 HE1  sing N N 135 
HIS NE2 HE2  sing N N 136 
HIS OXT HXT  sing N N 137 
HOH O   H1   sing N N 138 
HOH O   H2   sing N N 139 
ILE N   CA   sing N N 140 
ILE N   H    sing N N 141 
ILE N   H2   sing N N 142 
ILE CA  C    sing N N 143 
ILE CA  CB   sing N N 144 
ILE CA  HA   sing N N 145 
ILE C   O    doub N N 146 
ILE C   OXT  sing N N 147 
ILE CB  CG1  sing N N 148 
ILE CB  CG2  sing N N 149 
ILE CB  HB   sing N N 150 
ILE CG1 CD1  sing N N 151 
ILE CG1 HG12 sing N N 152 
ILE CG1 HG13 sing N N 153 
ILE CG2 HG21 sing N N 154 
ILE CG2 HG22 sing N N 155 
ILE CG2 HG23 sing N N 156 
ILE CD1 HD11 sing N N 157 
ILE CD1 HD12 sing N N 158 
ILE CD1 HD13 sing N N 159 
ILE OXT HXT  sing N N 160 
LEU N   CA   sing N N 161 
LEU N   H    sing N N 162 
LEU N   H2   sing N N 163 
LEU CA  C    sing N N 164 
LEU CA  CB   sing N N 165 
LEU CA  HA   sing N N 166 
LEU C   O    doub N N 167 
LEU C   OXT  sing N N 168 
LEU CB  CG   sing N N 169 
LEU CB  HB2  sing N N 170 
LEU CB  HB3  sing N N 171 
LEU CG  CD1  sing N N 172 
LEU CG  CD2  sing N N 173 
LEU CG  HG   sing N N 174 
LEU CD1 HD11 sing N N 175 
LEU CD1 HD12 sing N N 176 
LEU CD1 HD13 sing N N 177 
LEU CD2 HD21 sing N N 178 
LEU CD2 HD22 sing N N 179 
LEU CD2 HD23 sing N N 180 
LEU OXT HXT  sing N N 181 
LYS N   CA   sing N N 182 
LYS N   H    sing N N 183 
LYS N   H2   sing N N 184 
LYS CA  C    sing N N 185 
LYS CA  CB   sing N N 186 
LYS CA  HA   sing N N 187 
LYS C   O    doub N N 188 
LYS C   OXT  sing N N 189 
LYS CB  CG   sing N N 190 
LYS CB  HB2  sing N N 191 
LYS CB  HB3  sing N N 192 
LYS CG  CD   sing N N 193 
LYS CG  HG2  sing N N 194 
LYS CG  HG3  sing N N 195 
LYS CD  CE   sing N N 196 
LYS CD  HD2  sing N N 197 
LYS CD  HD3  sing N N 198 
LYS CE  NZ   sing N N 199 
LYS CE  HE2  sing N N 200 
LYS CE  HE3  sing N N 201 
LYS NZ  HZ1  sing N N 202 
LYS NZ  HZ2  sing N N 203 
LYS NZ  HZ3  sing N N 204 
LYS OXT HXT  sing N N 205 
MET N   CA   sing N N 206 
MET N   H    sing N N 207 
MET N   H2   sing N N 208 
MET CA  C    sing N N 209 
MET CA  CB   sing N N 210 
MET CA  HA   sing N N 211 
MET C   O    doub N N 212 
MET C   OXT  sing N N 213 
MET CB  CG   sing N N 214 
MET CB  HB2  sing N N 215 
MET CB  HB3  sing N N 216 
MET CG  SD   sing N N 217 
MET CG  HG2  sing N N 218 
MET CG  HG3  sing N N 219 
MET SD  CE   sing N N 220 
MET CE  HE1  sing N N 221 
MET CE  HE2  sing N N 222 
MET CE  HE3  sing N N 223 
MET OXT HXT  sing N N 224 
PHE N   CA   sing N N 225 
PHE N   H    sing N N 226 
PHE N   H2   sing N N 227 
PHE CA  C    sing N N 228 
PHE CA  CB   sing N N 229 
PHE CA  HA   sing N N 230 
PHE C   O    doub N N 231 
PHE C   OXT  sing N N 232 
PHE CB  CG   sing N N 233 
PHE CB  HB2  sing N N 234 
PHE CB  HB3  sing N N 235 
PHE CG  CD1  doub Y N 236 
PHE CG  CD2  sing Y N 237 
PHE CD1 CE1  sing Y N 238 
PHE CD1 HD1  sing N N 239 
PHE CD2 CE2  doub Y N 240 
PHE CD2 HD2  sing N N 241 
PHE CE1 CZ   doub Y N 242 
PHE CE1 HE1  sing N N 243 
PHE CE2 CZ   sing Y N 244 
PHE CE2 HE2  sing N N 245 
PHE CZ  HZ   sing N N 246 
PHE OXT HXT  sing N N 247 
PRO N   CA   sing N N 248 
PRO N   CD   sing N N 249 
PRO N   H    sing N N 250 
PRO CA  C    sing N N 251 
PRO CA  CB   sing N N 252 
PRO CA  HA   sing N N 253 
PRO C   O    doub N N 254 
PRO C   OXT  sing N N 255 
PRO CB  CG   sing N N 256 
PRO CB  HB2  sing N N 257 
PRO CB  HB3  sing N N 258 
PRO CG  CD   sing N N 259 
PRO CG  HG2  sing N N 260 
PRO CG  HG3  sing N N 261 
PRO CD  HD2  sing N N 262 
PRO CD  HD3  sing N N 263 
PRO OXT HXT  sing N N 264 
SER N   CA   sing N N 265 
SER N   H    sing N N 266 
SER N   H2   sing N N 267 
SER CA  C    sing N N 268 
SER CA  CB   sing N N 269 
SER CA  HA   sing N N 270 
SER C   O    doub N N 271 
SER C   OXT  sing N N 272 
SER CB  OG   sing N N 273 
SER CB  HB2  sing N N 274 
SER CB  HB3  sing N N 275 
SER OG  HG   sing N N 276 
SER OXT HXT  sing N N 277 
THR N   CA   sing N N 278 
THR N   H    sing N N 279 
THR N   H2   sing N N 280 
THR CA  C    sing N N 281 
THR CA  CB   sing N N 282 
THR CA  HA   sing N N 283 
THR C   O    doub N N 284 
THR C   OXT  sing N N 285 
THR CB  OG1  sing N N 286 
THR CB  CG2  sing N N 287 
THR CB  HB   sing N N 288 
THR OG1 HG1  sing N N 289 
THR CG2 HG21 sing N N 290 
THR CG2 HG22 sing N N 291 
THR CG2 HG23 sing N N 292 
THR OXT HXT  sing N N 293 
TYR N   CA   sing N N 294 
TYR N   H    sing N N 295 
TYR N   H2   sing N N 296 
TYR CA  C    sing N N 297 
TYR CA  CB   sing N N 298 
TYR CA  HA   sing N N 299 
TYR C   O    doub N N 300 
TYR C   OXT  sing N N 301 
TYR CB  CG   sing N N 302 
TYR CB  HB2  sing N N 303 
TYR CB  HB3  sing N N 304 
TYR CG  CD1  doub Y N 305 
TYR CG  CD2  sing Y N 306 
TYR CD1 CE1  sing Y N 307 
TYR CD1 HD1  sing N N 308 
TYR CD2 CE2  doub Y N 309 
TYR CD2 HD2  sing N N 310 
TYR CE1 CZ   doub Y N 311 
TYR CE1 HE1  sing N N 312 
TYR CE2 CZ   sing Y N 313 
TYR CE2 HE2  sing N N 314 
TYR CZ  OH   sing N N 315 
TYR OH  HH   sing N N 316 
TYR OXT HXT  sing N N 317 
VAL N   CA   sing N N 318 
VAL N   H    sing N N 319 
VAL N   H2   sing N N 320 
VAL CA  C    sing N N 321 
VAL CA  CB   sing N N 322 
VAL CA  HA   sing N N 323 
VAL C   O    doub N N 324 
VAL C   OXT  sing N N 325 
VAL CB  CG1  sing N N 326 
VAL CB  CG2  sing N N 327 
VAL CB  HB   sing N N 328 
VAL CG1 HG11 sing N N 329 
VAL CG1 HG12 sing N N 330 
VAL CG1 HG13 sing N N 331 
VAL CG2 HG21 sing N N 332 
VAL CG2 HG22 sing N N 333 
VAL CG2 HG23 sing N N 334 
VAL OXT HXT  sing N N 335 
# 
loop_
_pdbx_entity_nonpoly.entity_id 
_pdbx_entity_nonpoly.name 
_pdbx_entity_nonpoly.comp_id 
2 'FE2/S2 (INORGANIC) CLUSTER' FES 
3 water                        HOH 
# 
_pdbx_initial_refinement_model.id               1 
_pdbx_initial_refinement_model.entity_id_list   ? 
_pdbx_initial_refinement_model.type             'experimental model' 
_pdbx_initial_refinement_model.source_name      PDB 
_pdbx_initial_refinement_model.accession_code   1CZP 
_pdbx_initial_refinement_model.details          'PDB ENTRY 1CZP' 
# 
